data_8QKT
#
_entry.id   8QKT
#
_cell.length_a   108.437
_cell.length_b   103.722
_cell.length_c   185.405
_cell.angle_alpha   90.000
_cell.angle_beta   93.590
_cell.angle_gamma   90.000
#
_symmetry.space_group_name_H-M   'P 1 21 1'
#
loop_
_entity.id
_entity.type
_entity.pdbx_description
1 polymer 'Histone H3.1'
2 polymer 'Histone H4'
3 polymer 'Histone H2A'
4 polymer 'Histone H2B type 1-J'
5 polymer 'Histone H2A'
6 polymer 'Histone H2B type 1-J'
7 polymer 'DNA (167-MER)'
8 polymer 'DNA (167-MER)'
9 non-polymer 'MANGANESE (II) ION'
#
loop_
_entity_poly.entity_id
_entity_poly.type
_entity_poly.pdbx_seq_one_letter_code
_entity_poly.pdbx_strand_id
1 'polypeptide(L)'
;PHRYRPGTVALREIRRYQKSTELLIRKLPFQRLVREIAQDFKTDLRFQSSAVMALQEACEAYLVGLFEDTNLCAIHAKRV
TIMPKDIQLARRIRGERA
;
AAA,EEE,KKK,OOO
2 'polypeptide(L)' DNIQGITKPAIRRLARRGGVKRISGLIYEETRGVLKVFLENVIRDAVTYTEHAKRKTVTAMDVVYALKRQGRTLYGFGG BBB,FFF,LLL,PPP
3 'polypeptide(L)'
;AKTRSSRAGLQFPVGRVHRLLRKGNYSERVGAGAPVYLAAVLEYLTAEILELAGNAARDNKKTRIIPRHLQLAIRNDEEL
NKLLGRVTIAQGGVLPNIQAVLLPK
;
CCC,MMM
4 'polypeptide(L)'
;RKRSRKESYSIYVYKVLKQVHPDTGISSKAMGIMNSFVNDIFERIAGEASRLAHYNKRSTITSREIQTAVRLLLPGELAK
HAVSEGTKAVTKYTSA
;
DDD,NNN
5 'polypeptide(L)'
;TRSSRAGLQFPVGRVHRLLRKGNYSERVGAGAPVYLAAVLEYLTAEILELAGNAARDNKKTRIIPRHLQLAIRNDEELNK
LLGRVTIAQGGVLPNIQAVLLPK
;
GGG,QQQ
6 'polypeptide(L)'
;RKRSRKESYSIYVYKVLKQVHPDTGISSKAMGIMNSFVNDIFERIAGEASRLAHYNKRSTITSREIQTAVRLLLPGELAK
HAVSEGTKAVTKYTSAK
;
HHH,RRR
7 'polydeoxyribonucleotide'
;(DA)(DT)(DC)(DT)(DT)(DT)(DT)(DT)(DT)(DT)(DT)(DT)(DT)(DC)(DA)(DC)(DA)(DA)(DT)(DC)
(DC)(DC)(DG)(DG)(DT)(DG)(DC)(DC)(DG)(DA)(DG)(DG)(DC)(DC)(DG)(DC)(DT)(DC)(DA)(DA)
(DT)(DT)(DG)(DG)(DT)(DC)(DG)(DT)(DA)(DG)(DA)(DC)(DA)(DG)(DC)(DT)(DC)(DT)(DA)(DG)
(DC)(DA)(DC)(DC)(DG)(DC)(DT)(DT)(DA)(DA)(DA)(DC)(DG)(DC)(DA)(DC)(DG)(DT)(DA)(DC)
(DG)(DG)(DA)(DA)(DT)(DC)(DC)(DG)(DT)(DA)(DC)(DG)(DT)(DG)(DC)(DG)(DT)(DT)(DT)(DA)
(DA)(DG)(DC)(DG)(DG)(DT)(DG)(DC)(DT)(DA)(DG)(DA)(DG)(DC)(DT)(DG)(DT)(DC)(DT)(DA)
(DC)(DG)(DA)(DC)(DC)(DA)(DA)(DT)(DT)(DG)(DA)(DG)(DC)(DG)(DG)(DC)(DC)(DT)(DC)(DG)
(DG)(DC)(DA)(DC)(DC)(DG)(DG)(DG)(DA)(DT)(DT)(DG)(DT)(DG)(DA)(DA)(DA)(DA)(DA)(DA)
(DA)(DA)(DA)(DA)(DG)(DA)(DT)
;
III,SSS
8 'polydeoxyribonucleotide'
;(DA)(DT)(DC)(DT)(DT)(DT)(DT)(DT)(DT)(DT)(DT)(DT)(DT)(DC)(DA)(DC)(DA)(DA)(DT)(DC)
(DC)(DC)(DG)(DG)(DT)(DG)(DC)(DC)(DG)(DA)(DG)(DG)(DC)(DC)(DG)(DC)(DT)(DC)(DA)(DA)
(DT)(DT)(DG)(DG)(DT)(DC)(DG)(DT)(DA)(DG)(DA)(DC)(DA)(DG)(DC)(DT)(DC)(DT)(DA)(DG)
(DC)(DA)(DC)(DC)(DG)(DC)(DT)(DT)(DA)(DA)(DA)(DC)(DG)(DC)(DA)(DC)(DG)(DT)(DA)(DC)
(DG)(DG)(DA)(DT)(DT)(DC)(DC)(DG)(DT)(DA)(DC)(DG)(DT)(DG)(DC)(DG)(DT)(DT)(DT)(DA)
(DA)(DG)(DC)(DG)(DG)(DT)(DG)(DC)(DT)(DA)(DG)(DA)(DG)(DC)(DT)(DG)(DT)(DC)(DT)(DA)
(DC)(DG)(DA)(DC)(DC)(DA)(DA)(DT)(DT)(DG)(DA)(DG)(DC)(DG)(DG)(DC)(DC)(DT)(DC)(DG)
(DG)(DC)(DA)(DC)(DC)(DG)(DG)(DG)(DA)(DT)(DT)(DG)(DT)(DG)(DA)(DA)(DA)(DA)(DA)(DA)
(DA)(DA)(DA)(DA)(DG)(DA)(DT)
;
JJJ,TTT
#
loop_
_chem_comp.id
_chem_comp.type
_chem_comp.name
_chem_comp.formula
DA DNA linking 2'-DEOXYADENOSINE-5'-MONOPHOSPHATE 'C10 H14 N5 O6 P'
DC DNA linking 2'-DEOXYCYTIDINE-5'-MONOPHOSPHATE 'C9 H14 N3 O7 P'
DG DNA linking 2'-DEOXYGUANOSINE-5'-MONOPHOSPHATE 'C10 H14 N5 O7 P'
DT DNA linking THYMIDINE-5'-MONOPHOSPHATE 'C10 H15 N2 O8 P'
MN non-polymer 'MANGANESE (II) ION' 'Mn 2'
#
# COMPACT_ATOMS: atom_id res chain seq x y z
N PRO A 1 -80.66 31.29 -48.04
CA PRO A 1 -79.30 30.79 -47.99
C PRO A 1 -78.96 30.36 -46.57
N HIS A 2 -77.68 30.20 -46.25
CA HIS A 2 -77.22 30.14 -44.86
C HIS A 2 -75.87 30.79 -44.73
N ARG A 3 -75.67 31.47 -43.60
CA ARG A 3 -74.44 32.20 -43.34
C ARG A 3 -74.12 32.16 -41.84
N TYR A 4 -72.90 31.74 -41.50
CA TYR A 4 -72.41 31.86 -40.13
C TYR A 4 -72.04 33.31 -39.85
N ARG A 5 -72.14 33.73 -38.59
CA ARG A 5 -71.67 35.03 -38.20
C ARG A 5 -70.15 35.00 -38.25
N PRO A 6 -69.51 36.11 -38.68
CA PRO A 6 -68.05 36.07 -38.80
C PRO A 6 -67.38 35.83 -37.45
N GLY A 7 -66.55 34.79 -37.42
CA GLY A 7 -65.85 34.39 -36.21
C GLY A 7 -66.16 32.96 -35.86
N THR A 8 -67.33 32.48 -36.27
CA THR A 8 -67.76 31.12 -35.94
C THR A 8 -66.99 30.08 -36.72
N VAL A 9 -66.75 30.35 -38.01
CA VAL A 9 -65.98 29.44 -38.84
C VAL A 9 -64.51 29.55 -38.46
N ALA A 10 -64.04 30.78 -38.21
CA ALA A 10 -62.66 31.01 -37.76
C ALA A 10 -62.33 30.12 -36.56
N LEU A 11 -63.19 30.13 -35.55
CA LEU A 11 -63.02 29.31 -34.37
C LEU A 11 -63.02 27.81 -34.70
N ARG A 12 -63.90 27.39 -35.62
CA ARG A 12 -63.93 25.98 -36.04
C ARG A 12 -62.59 25.51 -36.59
N GLU A 13 -61.92 26.39 -37.35
CA GLU A 13 -60.63 26.07 -37.95
C GLU A 13 -59.54 25.93 -36.89
N ILE A 14 -59.61 26.76 -35.85
CA ILE A 14 -58.67 26.68 -34.72
C ILE A 14 -58.71 25.30 -34.08
N ARG A 15 -59.92 24.85 -33.76
CA ARG A 15 -60.13 23.55 -33.14
C ARG A 15 -59.61 22.45 -34.04
N ARG A 16 -59.88 22.58 -35.33
CA ARG A 16 -59.50 21.59 -36.32
C ARG A 16 -58.00 21.45 -36.49
N TYR A 17 -57.29 22.58 -36.50
CA TYR A 17 -55.85 22.57 -36.82
C TYR A 17 -54.94 22.31 -35.61
N GLN A 18 -55.39 22.75 -34.43
CA GLN A 18 -54.68 22.42 -33.19
C GLN A 18 -54.83 20.94 -32.84
N LYS A 19 -55.88 20.31 -33.35
CA LYS A 19 -56.11 18.87 -33.17
C LYS A 19 -55.13 18.03 -33.98
N SER A 20 -54.83 18.48 -35.19
CA SER A 20 -54.00 17.72 -36.11
C SER A 20 -52.53 18.17 -36.05
N THR A 21 -51.68 17.41 -36.75
CA THR A 21 -50.25 17.66 -36.78
C THR A 21 -49.67 17.75 -38.20
N GLU A 22 -50.52 17.73 -39.22
CA GLU A 22 -50.03 17.76 -40.60
C GLU A 22 -49.49 19.15 -40.97
N LEU A 23 -48.56 19.17 -41.93
CA LEU A 23 -47.97 20.42 -42.40
C LEU A 23 -48.98 21.25 -43.20
N LEU A 24 -49.05 22.54 -42.91
CA LEU A 24 -50.10 23.42 -43.46
C LEU A 24 -49.69 24.18 -44.72
N ILE A 25 -48.39 24.36 -44.93
CA ILE A 25 -47.87 24.94 -46.19
C ILE A 25 -47.77 23.84 -47.24
N ARG A 26 -48.18 24.16 -48.46
CA ARG A 26 -48.10 23.20 -49.57
C ARG A 26 -46.63 22.91 -49.86
N LYS A 27 -46.30 21.62 -49.91
CA LYS A 27 -44.92 21.17 -49.86
C LYS A 27 -44.05 21.65 -51.02
N LEU A 28 -44.60 21.66 -52.24
CA LEU A 28 -43.79 21.96 -53.42
C LEU A 28 -43.39 23.43 -53.54
N PRO A 29 -44.33 24.36 -53.31
CA PRO A 29 -43.98 25.79 -53.21
C PRO A 29 -42.94 26.11 -52.12
N PHE A 30 -42.95 25.34 -51.04
CA PHE A 30 -41.93 25.48 -49.99
C PHE A 30 -40.56 25.05 -50.51
N GLN A 31 -40.53 23.93 -51.23
CA GLN A 31 -39.28 23.37 -51.73
C GLN A 31 -38.59 24.30 -52.72
N ARG A 32 -39.37 24.87 -53.64
CA ARG A 32 -38.81 25.80 -54.62
C ARG A 32 -38.31 27.07 -53.92
N LEU A 33 -38.99 27.46 -52.84
CA LEU A 33 -38.51 28.58 -52.02
C LEU A 33 -37.20 28.24 -51.30
N VAL A 34 -37.06 26.99 -50.85
CA VAL A 34 -35.82 26.55 -50.20
C VAL A 34 -34.64 26.59 -51.18
N ARG A 35 -34.85 26.06 -52.39
CA ARG A 35 -33.81 26.04 -53.42
C ARG A 35 -33.47 27.41 -53.98
N GLU A 36 -34.45 28.31 -54.00
CA GLU A 36 -34.20 29.68 -54.43
C GLU A 36 -33.26 30.36 -53.44
N ILE A 37 -33.60 30.29 -52.16
CA ILE A 37 -32.78 30.88 -51.09
C ILE A 37 -31.39 30.25 -51.04
N ALA A 38 -31.31 28.95 -51.31
CA ALA A 38 -30.03 28.23 -51.32
C ALA A 38 -29.09 28.66 -52.45
N GLN A 39 -29.63 29.09 -53.59
CA GLN A 39 -28.79 29.57 -54.71
C GLN A 39 -28.00 30.83 -54.37
N ASP A 40 -28.51 31.63 -53.43
CA ASP A 40 -27.81 32.83 -53.00
C ASP A 40 -26.48 32.49 -52.34
N PHE A 41 -26.47 31.38 -51.59
CA PHE A 41 -25.30 30.98 -50.79
C PHE A 41 -24.33 30.12 -51.60
N LYS A 42 -24.86 29.10 -52.26
CA LYS A 42 -24.05 28.27 -53.15
C LYS A 42 -24.87 27.81 -54.34
N THR A 43 -24.27 27.92 -55.54
CA THR A 43 -24.97 27.58 -56.78
C THR A 43 -24.90 26.09 -57.03
N ASP A 44 -25.88 25.59 -57.78
CA ASP A 44 -25.95 24.19 -58.19
C ASP A 44 -25.87 23.23 -57.00
N LEU A 45 -26.84 23.32 -56.09
CA LEU A 45 -26.89 22.46 -54.91
C LEU A 45 -27.95 21.38 -55.03
N ARG A 46 -27.82 20.33 -54.22
CA ARG A 46 -28.87 19.32 -54.09
C ARG A 46 -29.34 19.21 -52.64
N PHE A 47 -30.50 18.60 -52.46
CA PHE A 47 -31.14 18.55 -51.15
C PHE A 47 -31.80 17.20 -50.96
N GLN A 48 -31.49 16.53 -49.85
CA GLN A 48 -32.17 15.29 -49.52
C GLN A 48 -33.64 15.61 -49.26
N SER A 49 -34.51 14.71 -49.68
CA SER A 49 -35.94 14.89 -49.48
C SER A 49 -36.25 15.19 -48.01
N SER A 50 -35.68 14.38 -47.12
CA SER A 50 -35.86 14.59 -45.68
C SER A 50 -35.29 15.93 -45.22
N ALA A 51 -34.19 16.36 -45.82
CA ALA A 51 -33.56 17.65 -45.48
C ALA A 51 -34.48 18.86 -45.74
N VAL A 52 -35.33 18.76 -46.76
CA VAL A 52 -36.34 19.78 -47.02
C VAL A 52 -37.45 19.67 -45.97
N MET A 53 -37.94 18.46 -45.73
CA MET A 53 -38.97 18.24 -44.74
C MET A 53 -38.57 18.75 -43.37
N ALA A 54 -37.31 18.52 -42.98
CA ALA A 54 -36.79 19.00 -41.71
C ALA A 54 -36.88 20.52 -41.61
N LEU A 55 -36.56 21.20 -42.70
CA LEU A 55 -36.74 22.65 -42.78
C LEU A 55 -38.20 23.06 -42.61
N GLN A 56 -39.10 22.35 -43.29
CA GLN A 56 -40.51 22.70 -43.27
C GLN A 56 -41.12 22.49 -41.89
N GLU A 57 -40.78 21.39 -41.24
CA GLU A 57 -41.25 21.14 -39.87
C GLU A 57 -40.77 22.24 -38.93
N ALA A 58 -39.56 22.75 -39.18
CA ALA A 58 -38.95 23.78 -38.32
C ALA A 58 -39.40 25.21 -38.63
N CYS A 59 -39.78 25.47 -39.88
CA CYS A 59 -40.40 26.75 -40.27
C CYS A 59 -41.81 26.90 -39.71
N GLU A 60 -42.62 25.88 -39.93
CA GLU A 60 -44.01 25.91 -39.51
C GLU A 60 -44.15 25.86 -38.00
N ALA A 61 -43.20 25.20 -37.32
CA ALA A 61 -43.18 25.20 -35.86
C ALA A 61 -42.88 26.61 -35.36
N TYR A 62 -41.82 27.18 -35.91
CA TYR A 62 -41.45 28.55 -35.64
C TYR A 62 -42.64 29.48 -35.81
N LEU A 63 -43.28 29.43 -36.98
CA LEU A 63 -44.35 30.36 -37.36
C LEU A 63 -45.62 30.24 -36.52
N VAL A 64 -46.08 29.01 -36.30
CA VAL A 64 -47.19 28.77 -35.38
C VAL A 64 -46.80 29.36 -34.03
N GLY A 65 -45.65 28.91 -33.52
CA GLY A 65 -45.10 29.40 -32.26
C GLY A 65 -44.95 30.90 -32.22
N LEU A 66 -44.67 31.51 -33.37
CA LEU A 66 -44.62 32.96 -33.47
C LEU A 66 -46.01 33.57 -33.38
N PHE A 67 -46.95 33.04 -34.15
CA PHE A 67 -48.33 33.53 -34.13
C PHE A 67 -48.97 33.47 -32.73
N GLU A 68 -48.62 32.45 -31.95
CA GLU A 68 -49.09 32.35 -30.58
C GLU A 68 -48.73 33.61 -29.81
N ASP A 69 -47.45 33.99 -29.85
CA ASP A 69 -46.96 35.20 -29.19
C ASP A 69 -47.49 36.49 -29.82
N THR A 70 -47.61 36.49 -31.14
CA THR A 70 -48.23 37.59 -31.86
C THR A 70 -49.64 37.87 -31.36
N ASN A 71 -50.42 36.80 -31.12
CA ASN A 71 -51.84 36.94 -30.73
C ASN A 71 -51.97 37.58 -29.36
N LEU A 72 -51.09 37.17 -28.46
CA LEU A 72 -51.07 37.70 -27.11
C LEU A 72 -50.79 39.19 -27.09
N CYS A 73 -50.00 39.69 -28.04
CA CYS A 73 -49.73 41.12 -28.18
C CYS A 73 -50.95 41.89 -28.67
N ALA A 74 -51.72 41.29 -29.58
CA ALA A 74 -52.98 41.88 -30.02
C ALA A 74 -53.94 41.92 -28.84
N ILE A 75 -54.09 40.78 -28.16
CA ILE A 75 -54.97 40.68 -26.98
C ILE A 75 -54.59 41.69 -25.89
N HIS A 76 -53.29 41.84 -25.65
CA HIS A 76 -52.76 42.83 -24.70
C HIS A 76 -53.18 44.27 -25.03
N ALA A 77 -53.38 44.56 -26.31
CA ALA A 77 -53.89 45.85 -26.75
C ALA A 77 -55.41 45.85 -26.98
N LYS A 78 -56.13 45.02 -26.22
CA LYS A 78 -57.60 44.91 -26.28
C LYS A 78 -58.15 44.63 -27.69
N ARG A 79 -57.32 44.01 -28.55
CA ARG A 79 -57.71 43.70 -29.93
C ARG A 79 -57.87 42.20 -30.13
N VAL A 80 -58.65 41.85 -31.14
CA VAL A 80 -58.89 40.46 -31.53
C VAL A 80 -58.16 40.15 -32.85
N THR A 81 -57.72 41.18 -33.54
CA THR A 81 -57.09 41.05 -34.85
C THR A 81 -55.58 41.26 -34.75
N ILE A 82 -54.80 40.24 -35.10
CA ILE A 82 -53.34 40.40 -35.12
C ILE A 82 -52.95 41.43 -36.17
N MET A 83 -51.85 42.14 -35.92
CA MET A 83 -51.33 43.15 -36.85
C MET A 83 -49.81 43.10 -36.88
N PRO A 84 -49.20 43.55 -37.99
CA PRO A 84 -47.74 43.60 -38.09
C PRO A 84 -47.04 44.11 -36.83
N LYS A 85 -47.51 45.23 -36.27
CA LYS A 85 -46.92 45.79 -35.04
C LYS A 85 -46.86 44.78 -33.89
N ASP A 86 -47.81 43.86 -33.85
CA ASP A 86 -47.84 42.78 -32.88
C ASP A 86 -46.73 41.79 -33.12
N ILE A 87 -46.58 41.34 -34.37
CA ILE A 87 -45.47 40.46 -34.73
C ILE A 87 -44.13 41.10 -34.33
N GLN A 88 -44.00 42.38 -34.65
CA GLN A 88 -42.79 43.13 -34.35
C GLN A 88 -42.49 43.17 -32.85
N LEU A 89 -43.49 43.48 -32.04
CA LEU A 89 -43.29 43.44 -30.60
C LEU A 89 -42.77 42.07 -30.18
N ALA A 90 -43.41 41.01 -30.67
CA ALA A 90 -43.10 39.64 -30.26
C ALA A 90 -41.67 39.24 -30.60
N ARG A 91 -41.23 39.60 -31.80
CA ARG A 91 -39.87 39.34 -32.20
C ARG A 91 -38.91 40.21 -31.38
N ARG A 92 -39.23 41.49 -31.23
CA ARG A 92 -38.41 42.40 -30.42
C ARG A 92 -38.06 41.75 -29.09
N ILE A 93 -39.08 41.23 -28.40
CA ILE A 93 -38.94 40.72 -27.04
C ILE A 93 -38.24 39.35 -27.00
N ARG A 94 -38.42 38.56 -28.05
CA ARG A 94 -37.74 37.27 -28.16
C ARG A 94 -36.21 37.42 -28.25
N GLY A 95 -35.77 38.52 -28.86
CA GLY A 95 -34.34 38.77 -29.11
C GLY A 95 -33.95 38.43 -30.53
N GLU A 96 -34.90 38.53 -31.46
CA GLU A 96 -34.67 38.31 -32.88
C GLU A 96 -34.50 39.66 -33.57
N ARG A 97 -35.43 40.56 -33.31
CA ARG A 97 -35.35 41.95 -33.76
C ARG A 97 -34.62 42.76 -32.68
N ALA A 98 -34.09 43.93 -33.06
CA ALA A 98 -33.31 44.78 -32.15
C ALA A 98 -34.16 45.91 -31.55
N ASP B 1 -40.84 35.87 -56.35
CA ASP B 1 -42.05 35.17 -56.89
C ASP B 1 -42.33 33.86 -56.16
N ASN B 2 -41.27 33.10 -55.86
CA ASN B 2 -41.40 31.87 -55.08
C ASN B 2 -42.02 32.11 -53.72
N ILE B 3 -41.61 33.23 -53.12
CA ILE B 3 -42.04 33.60 -51.77
C ILE B 3 -43.58 33.74 -51.73
N GLN B 4 -44.17 34.16 -52.86
CA GLN B 4 -45.63 34.23 -53.00
C GLN B 4 -46.30 32.86 -53.08
N GLY B 5 -45.49 31.81 -53.16
CA GLY B 5 -45.96 30.43 -53.04
C GLY B 5 -46.42 30.09 -51.65
N ILE B 6 -45.95 30.86 -50.67
CA ILE B 6 -46.51 30.80 -49.32
C ILE B 6 -47.75 31.69 -49.34
N THR B 7 -48.89 31.06 -49.59
CA THR B 7 -50.12 31.74 -49.97
C THR B 7 -50.91 32.22 -48.76
N LYS B 8 -51.80 33.18 -49.01
CA LYS B 8 -52.66 33.73 -47.98
C LYS B 8 -53.37 32.65 -47.16
N PRO B 9 -54.06 31.69 -47.83
CA PRO B 9 -54.73 30.63 -47.06
C PRO B 9 -53.80 29.72 -46.24
N ALA B 10 -52.61 29.44 -46.73
CA ALA B 10 -51.65 28.67 -45.95
C ALA B 10 -51.29 29.43 -44.68
N ILE B 11 -50.91 30.71 -44.84
CA ILE B 11 -50.59 31.57 -43.71
C ILE B 11 -51.77 31.66 -42.74
N ARG B 12 -52.99 31.79 -43.27
CA ARG B 12 -54.18 31.75 -42.41
C ARG B 12 -54.15 30.50 -41.53
N ARG B 13 -54.02 29.34 -42.17
CA ARG B 13 -54.02 28.05 -41.47
C ARG B 13 -53.03 28.00 -40.32
N LEU B 14 -51.81 28.49 -40.55
CA LEU B 14 -50.79 28.51 -39.51
C LEU B 14 -51.27 29.31 -38.30
N ALA B 15 -51.79 30.50 -38.55
CA ALA B 15 -52.28 31.36 -37.48
C ALA B 15 -53.46 30.74 -36.71
N ARG B 16 -54.22 29.87 -37.39
CA ARG B 16 -55.31 29.10 -36.76
C ARG B 16 -54.75 28.06 -35.79
N ARG B 17 -53.64 27.42 -36.16
CA ARG B 17 -52.93 26.52 -35.25
C ARG B 17 -52.30 27.31 -34.10
N GLY B 18 -51.87 28.54 -34.39
CA GLY B 18 -51.41 29.45 -33.34
C GLY B 18 -52.53 29.95 -32.43
N GLY B 19 -53.77 29.75 -32.86
CA GLY B 19 -54.94 30.11 -32.07
C GLY B 19 -55.47 31.50 -32.36
N VAL B 20 -55.27 31.95 -33.61
CA VAL B 20 -55.61 33.31 -34.04
C VAL B 20 -56.96 33.30 -34.74
N LYS B 21 -57.80 34.25 -34.38
CA LYS B 21 -59.16 34.32 -34.88
C LYS B 21 -59.29 35.26 -36.07
N ARG B 22 -58.76 36.47 -35.91
CA ARG B 22 -58.91 37.53 -36.91
C ARG B 22 -57.54 38.04 -37.34
N ILE B 23 -57.37 38.26 -38.65
CA ILE B 23 -56.06 38.56 -39.22
C ILE B 23 -56.08 39.79 -40.12
N SER B 24 -55.36 40.83 -39.70
CA SER B 24 -55.15 42.04 -40.50
C SER B 24 -54.60 41.70 -41.88
N GLY B 25 -55.01 42.47 -42.88
CA GLY B 25 -54.66 42.17 -44.27
C GLY B 25 -53.19 42.40 -44.64
N LEU B 26 -52.49 43.15 -43.80
CA LEU B 26 -51.07 43.39 -44.00
C LEU B 26 -50.21 42.22 -43.51
N ILE B 27 -50.78 41.36 -42.66
CA ILE B 27 -50.03 40.27 -42.03
C ILE B 27 -49.28 39.42 -43.03
N TYR B 28 -49.95 39.06 -44.12
CA TYR B 28 -49.45 38.01 -45.00
C TYR B 28 -48.09 38.35 -45.61
N GLU B 29 -47.85 39.61 -45.95
CA GLU B 29 -46.52 40.05 -46.42
C GLU B 29 -45.50 40.05 -45.29
N GLU B 30 -45.88 40.60 -44.14
CA GLU B 30 -44.98 40.64 -42.97
C GLU B 30 -44.56 39.22 -42.58
N THR B 31 -45.48 38.27 -42.69
CA THR B 31 -45.19 36.86 -42.44
C THR B 31 -44.13 36.34 -43.41
N ARG B 32 -44.33 36.61 -44.70
CA ARG B 32 -43.36 36.22 -45.74
C ARG B 32 -41.96 36.75 -45.49
N GLY B 33 -41.89 38.02 -45.07
CA GLY B 33 -40.62 38.66 -44.74
C GLY B 33 -39.93 37.98 -43.59
N VAL B 34 -40.71 37.60 -42.57
CA VAL B 34 -40.18 36.91 -41.39
C VAL B 34 -39.73 35.49 -41.73
N LEU B 35 -40.56 34.75 -42.46
CA LEU B 35 -40.21 33.42 -42.92
C LEU B 35 -38.93 33.43 -43.78
N LYS B 36 -38.77 34.47 -44.59
CA LYS B 36 -37.59 34.64 -45.44
C LYS B 36 -36.30 34.86 -44.65
N VAL B 37 -36.39 35.63 -43.57
CA VAL B 37 -35.26 35.83 -42.67
C VAL B 37 -34.89 34.52 -41.97
N PHE B 38 -35.91 33.86 -41.42
CA PHE B 38 -35.72 32.58 -40.74
C PHE B 38 -34.99 31.58 -41.63
N LEU B 39 -35.56 31.30 -42.80
CA LEU B 39 -34.97 30.35 -43.75
C LEU B 39 -33.56 30.74 -44.18
N GLU B 40 -33.31 32.04 -44.33
CA GLU B 40 -31.97 32.53 -44.70
C GLU B 40 -30.93 32.27 -43.62
N ASN B 41 -31.31 32.47 -42.37
CA ASN B 41 -30.39 32.23 -41.26
C ASN B 41 -30.11 30.74 -41.07
N VAL B 42 -31.12 29.90 -41.27
CA VAL B 42 -30.97 28.47 -41.09
C VAL B 42 -30.21 27.86 -42.27
N ILE B 43 -30.66 28.15 -43.48
CA ILE B 43 -30.06 27.58 -44.69
C ILE B 43 -28.59 27.98 -44.85
N ARG B 44 -28.25 29.24 -44.58
CA ARG B 44 -26.86 29.69 -44.65
C ARG B 44 -25.97 28.76 -43.85
N ASP B 45 -26.30 28.59 -42.57
CA ASP B 45 -25.53 27.72 -41.69
C ASP B 45 -25.54 26.26 -42.13
N ALA B 46 -26.72 25.76 -42.51
CA ALA B 46 -26.84 24.41 -43.05
C ALA B 46 -25.85 24.21 -44.19
N VAL B 47 -25.87 25.12 -45.17
CA VAL B 47 -24.96 25.07 -46.31
C VAL B 47 -23.49 25.19 -45.88
N THR B 48 -23.21 25.98 -44.84
CA THR B 48 -21.85 26.09 -44.30
C THR B 48 -21.34 24.73 -43.81
N TYR B 49 -22.21 23.97 -43.14
CA TYR B 49 -21.90 22.59 -42.72
C TYR B 49 -21.71 21.64 -43.92
N THR B 50 -22.48 21.87 -44.98
CA THR B 50 -22.34 21.12 -46.23
C THR B 50 -21.05 21.51 -46.98
N GLU B 51 -20.68 22.78 -46.92
CA GLU B 51 -19.45 23.25 -47.57
C GLU B 51 -18.26 22.52 -46.99
N HIS B 52 -18.16 22.54 -45.65
CA HIS B 52 -17.06 21.93 -44.92
C HIS B 52 -16.92 20.43 -45.19
N ALA B 53 -18.04 19.73 -45.26
CA ALA B 53 -18.04 18.29 -45.51
C ALA B 53 -17.66 17.92 -46.94
N LYS B 54 -17.45 18.93 -47.79
CA LYS B 54 -17.07 18.73 -49.19
C LYS B 54 -18.11 17.90 -49.96
N ARG B 55 -19.34 18.38 -49.94
CA ARG B 55 -20.46 17.76 -50.64
C ARG B 55 -21.20 18.80 -51.49
N LYS B 56 -22.08 18.32 -52.35
CA LYS B 56 -22.96 19.17 -53.12
C LYS B 56 -24.42 18.77 -52.86
N THR B 57 -24.63 18.08 -51.74
CA THR B 57 -25.94 17.62 -51.33
C THR B 57 -26.15 18.02 -49.88
N VAL B 58 -27.17 18.83 -49.62
CA VAL B 58 -27.51 19.25 -48.26
C VAL B 58 -28.31 18.15 -47.58
N THR B 59 -27.76 17.60 -46.50
CA THR B 59 -28.38 16.47 -45.82
C THR B 59 -29.32 16.91 -44.69
N ALA B 60 -30.10 15.95 -44.20
CA ALA B 60 -30.99 16.16 -43.05
C ALA B 60 -30.17 16.61 -41.84
N MET B 61 -29.03 15.96 -41.64
CA MET B 61 -28.15 16.24 -40.52
C MET B 61 -27.55 17.63 -40.61
N ASP B 62 -27.26 18.07 -41.83
CA ASP B 62 -26.82 19.44 -42.06
C ASP B 62 -27.85 20.44 -41.56
N VAL B 63 -29.12 20.16 -41.82
CA VAL B 63 -30.22 21.01 -41.34
C VAL B 63 -30.37 20.89 -39.82
N VAL B 64 -30.40 19.67 -39.31
CA VAL B 64 -30.52 19.43 -37.87
C VAL B 64 -29.40 20.13 -37.10
N TYR B 65 -28.15 20.01 -37.58
CA TYR B 65 -27.02 20.67 -36.91
C TYR B 65 -27.16 22.19 -36.92
N ALA B 66 -27.66 22.73 -38.03
CA ALA B 66 -27.85 24.18 -38.17
C ALA B 66 -28.95 24.70 -37.26
N LEU B 67 -30.02 23.92 -37.08
CA LEU B 67 -31.12 24.30 -36.19
C LEU B 67 -30.68 24.30 -34.73
N LYS B 68 -29.80 23.36 -34.37
CA LYS B 68 -29.31 23.26 -33.00
C LYS B 68 -28.44 24.46 -32.63
N ARG B 69 -27.64 24.94 -33.57
CA ARG B 69 -26.87 26.19 -33.41
C ARG B 69 -27.73 27.39 -33.04
N GLN B 70 -28.88 27.50 -33.71
CA GLN B 70 -29.78 28.65 -33.61
C GLN B 70 -30.68 28.53 -32.38
N GLY B 71 -30.58 27.39 -31.68
CA GLY B 71 -31.36 27.14 -30.48
C GLY B 71 -32.77 26.67 -30.80
N ARG B 72 -32.90 25.88 -31.84
CA ARG B 72 -34.20 25.40 -32.30
C ARG B 72 -34.10 23.91 -32.63
N THR B 73 -33.56 23.15 -31.68
CA THR B 73 -33.32 21.71 -31.81
C THR B 73 -34.56 20.94 -32.28
N LEU B 74 -34.36 20.03 -33.24
CA LEU B 74 -35.46 19.33 -33.90
C LEU B 74 -35.33 17.83 -33.77
N TYR B 75 -36.34 17.19 -33.19
CA TYR B 75 -36.33 15.75 -32.99
C TYR B 75 -37.00 15.06 -34.17
N GLY B 76 -36.36 14.01 -34.69
CA GLY B 76 -36.98 13.12 -35.66
C GLY B 76 -36.37 13.05 -37.05
N PHE B 77 -35.17 13.61 -37.21
CA PHE B 77 -34.50 13.63 -38.52
C PHE B 77 -33.05 13.17 -38.39
N GLY B 78 -32.78 12.34 -37.40
CA GLY B 78 -31.41 11.87 -37.13
C GLY B 78 -30.68 12.63 -36.03
N GLY B 79 -31.37 13.56 -35.37
CA GLY B 79 -30.78 14.35 -34.28
C GLY B 79 -30.43 13.54 -33.05
N ALA C 1 13.39 34.68 -35.89
CA ALA C 1 12.03 34.45 -35.32
C ALA C 1 11.95 33.08 -34.63
N LYS C 2 12.30 33.04 -33.35
CA LYS C 2 12.24 31.81 -32.58
C LYS C 2 10.79 31.46 -32.19
N THR C 3 10.03 32.48 -31.78
CA THR C 3 8.64 32.30 -31.39
C THR C 3 7.75 32.02 -32.59
N ARG C 4 6.64 31.34 -32.34
CA ARG C 4 5.63 31.11 -33.37
C ARG C 4 4.84 32.39 -33.67
N SER C 5 4.67 33.25 -32.66
CA SER C 5 3.97 34.54 -32.85
C SER C 5 4.65 35.43 -33.89
N SER C 6 5.98 35.47 -33.85
CA SER C 6 6.78 36.25 -34.81
C SER C 6 6.70 35.65 -36.20
N ARG C 7 6.73 34.32 -36.25
CA ARG C 7 6.61 33.59 -37.50
C ARG C 7 5.24 33.83 -38.17
N ALA C 8 4.20 34.03 -37.34
CA ALA C 8 2.83 34.26 -37.83
C ALA C 8 2.45 35.75 -37.93
N GLY C 9 3.27 36.63 -37.34
CA GLY C 9 3.07 38.07 -37.45
C GLY C 9 2.04 38.60 -36.47
N LEU C 10 1.99 37.97 -35.29
CA LEU C 10 0.92 38.19 -34.32
C LEU C 10 1.44 38.72 -33.00
N GLN C 11 0.62 39.54 -32.35
CA GLN C 11 0.85 39.93 -30.97
C GLN C 11 0.36 38.88 -29.98
N PHE C 12 -0.71 38.15 -30.33
CA PHE C 12 -1.25 37.10 -29.47
C PHE C 12 -0.35 35.86 -29.45
N PRO C 13 -0.41 35.09 -28.35
CA PRO C 13 0.46 33.93 -28.15
C PRO C 13 0.00 32.65 -28.84
N VAL C 14 0.67 32.25 -29.92
CA VAL C 14 0.27 31.04 -30.65
C VAL C 14 0.47 29.78 -29.82
N GLY C 15 1.54 29.75 -29.03
CA GLY C 15 1.88 28.56 -28.26
C GLY C 15 0.88 28.27 -27.15
N ARG C 16 0.50 29.31 -26.43
CA ARG C 16 -0.50 29.23 -25.36
C ARG C 16 -1.84 28.77 -25.92
N VAL C 17 -2.21 29.35 -27.06
CA VAL C 17 -3.43 28.97 -27.76
C VAL C 17 -3.36 27.50 -28.18
N HIS C 18 -2.18 27.06 -28.64
CA HIS C 18 -1.97 25.65 -28.99
C HIS C 18 -2.10 24.75 -27.74
N ARG C 19 -1.58 25.23 -26.62
CA ARG C 19 -1.72 24.50 -25.34
C ARG C 19 -3.19 24.37 -24.99
N LEU C 20 -3.87 25.51 -24.89
CA LEU C 20 -5.29 25.53 -24.54
C LEU C 20 -6.15 24.59 -25.40
N LEU C 21 -5.83 24.50 -26.69
CA LEU C 21 -6.58 23.63 -27.62
C LEU C 21 -6.29 22.15 -27.42
N ARG C 22 -5.17 21.81 -26.79
CA ARG C 22 -4.86 20.41 -26.47
C ARG C 22 -5.36 20.02 -25.08
N LYS C 23 -5.39 20.96 -24.14
CA LYS C 23 -5.80 20.69 -22.76
C LYS C 23 -7.25 21.10 -22.49
N GLY C 24 -8.11 21.01 -23.50
CA GLY C 24 -9.52 21.35 -23.33
C GLY C 24 -10.49 20.30 -23.81
N ASN C 25 -9.99 19.14 -24.22
CA ASN C 25 -10.81 18.09 -24.81
C ASN C 25 -11.78 18.61 -25.89
N TYR C 26 -11.19 19.16 -26.95
CA TYR C 26 -11.92 19.55 -28.15
C TYR C 26 -11.77 18.45 -29.21
N SER C 27 -10.56 17.93 -29.35
CA SER C 27 -10.32 16.78 -30.22
C SER C 27 -9.09 16.00 -29.78
N GLU C 28 -8.92 14.81 -30.35
CA GLU C 28 -7.72 14.02 -30.11
C GLU C 28 -6.48 14.83 -30.45
N ARG C 29 -6.42 15.29 -31.69
CA ARG C 29 -5.23 15.89 -32.27
C ARG C 29 -5.54 17.29 -32.79
N VAL C 30 -4.58 18.20 -32.67
CA VAL C 30 -4.75 19.59 -33.07
C VAL C 30 -3.78 19.90 -34.21
N GLY C 31 -4.27 20.56 -35.26
CA GLY C 31 -3.47 20.90 -36.43
C GLY C 31 -2.55 22.10 -36.24
N ALA C 32 -1.39 22.07 -36.88
CA ALA C 32 -0.32 23.06 -36.67
C ALA C 32 -0.70 24.48 -37.06
N GLY C 33 -1.67 24.62 -37.96
CA GLY C 33 -2.19 25.93 -38.34
C GLY C 33 -3.29 26.45 -37.43
N ALA C 34 -3.98 25.55 -36.75
CA ALA C 34 -5.14 25.91 -35.93
C ALA C 34 -4.89 27.04 -34.94
N PRO C 35 -3.87 26.88 -34.05
CA PRO C 35 -3.59 27.92 -33.06
C PRO C 35 -3.05 29.23 -33.64
N VAL C 36 -2.53 29.17 -34.87
CA VAL C 36 -2.14 30.38 -35.59
C VAL C 36 -3.40 31.10 -36.08
N TYR C 37 -4.28 30.35 -36.74
CA TYR C 37 -5.54 30.88 -37.28
C TYR C 37 -6.35 31.48 -36.14
N LEU C 38 -6.57 30.70 -35.09
CA LEU C 38 -7.37 31.14 -33.95
C LEU C 38 -6.80 32.37 -33.27
N ALA C 39 -5.51 32.34 -32.94
CA ALA C 39 -4.84 33.49 -32.31
C ALA C 39 -5.08 34.76 -33.12
N ALA C 40 -4.98 34.65 -34.45
CA ALA C 40 -5.19 35.78 -35.36
C ALA C 40 -6.63 36.32 -35.31
N VAL C 41 -7.60 35.40 -35.24
CA VAL C 41 -9.02 35.77 -35.12
C VAL C 41 -9.23 36.54 -33.82
N LEU C 42 -8.75 35.97 -32.72
CA LEU C 42 -8.88 36.57 -31.39
C LEU C 42 -8.19 37.93 -31.35
N GLU C 43 -7.01 38.00 -31.96
CA GLU C 43 -6.30 39.27 -32.08
C GLU C 43 -7.12 40.26 -32.90
N TYR C 44 -7.72 39.79 -34.00
CA TYR C 44 -8.53 40.67 -34.83
C TYR C 44 -9.71 41.26 -34.05
N LEU C 45 -10.50 40.41 -33.40
CA LEU C 45 -11.67 40.87 -32.65
C LEU C 45 -11.27 41.84 -31.55
N THR C 46 -10.26 41.46 -30.77
CA THR C 46 -9.71 42.31 -29.72
C THR C 46 -9.42 43.73 -30.21
N ALA C 47 -8.71 43.85 -31.31
CA ALA C 47 -8.34 45.15 -31.84
C ALA C 47 -9.57 45.98 -32.17
N GLU C 48 -10.49 45.38 -32.94
CA GLU C 48 -11.71 46.03 -33.40
C GLU C 48 -12.46 46.71 -32.26
N ILE C 49 -12.68 45.97 -31.18
CA ILE C 49 -13.43 46.48 -30.02
C ILE C 49 -12.63 47.56 -29.28
N LEU C 50 -11.32 47.36 -29.15
CA LEU C 50 -10.46 48.37 -28.51
C LEU C 50 -10.42 49.66 -29.34
N GLU C 51 -10.50 49.51 -30.66
CA GLU C 51 -10.60 50.65 -31.58
C GLU C 51 -11.77 51.53 -31.18
N LEU C 52 -12.96 50.93 -31.08
CA LEU C 52 -14.19 51.65 -30.81
C LEU C 52 -14.29 52.17 -29.37
N ALA C 53 -13.80 51.38 -28.42
CA ALA C 53 -13.80 51.77 -27.00
C ALA C 53 -12.84 52.94 -26.75
N GLY C 54 -11.68 52.90 -27.38
CA GLY C 54 -10.73 54.01 -27.34
C GLY C 54 -11.31 55.27 -27.96
N ASN C 55 -12.11 55.10 -29.01
CA ASN C 55 -12.87 56.20 -29.58
C ASN C 55 -13.90 56.72 -28.58
N ALA C 56 -14.64 55.80 -27.96
CA ALA C 56 -15.60 56.18 -26.91
C ALA C 56 -14.91 56.92 -25.79
N ALA C 57 -13.68 56.52 -25.47
CA ALA C 57 -12.89 57.13 -24.39
C ALA C 57 -12.43 58.55 -24.70
N ARG C 58 -12.24 58.87 -25.99
CA ARG C 58 -11.86 60.22 -26.39
C ARG C 58 -13.09 61.14 -26.39
N ASP C 59 -14.24 60.64 -26.83
CA ASP C 59 -15.50 61.40 -26.81
C ASP C 59 -15.89 61.82 -25.39
N ASN C 60 -15.55 60.97 -24.41
CA ASN C 60 -15.80 61.24 -22.99
C ASN C 60 -14.64 61.98 -22.32
N LYS C 61 -13.65 62.42 -23.10
CA LYS C 61 -12.49 63.16 -22.60
C LYS C 61 -11.65 62.35 -21.62
N LYS C 62 -11.25 61.15 -22.04
CA LYS C 62 -10.46 60.26 -21.19
C LYS C 62 -9.27 59.63 -21.89
N THR C 63 -8.24 59.34 -21.10
CA THR C 63 -7.11 58.55 -21.52
C THR C 63 -7.43 57.06 -21.41
N ARG C 64 -8.23 56.68 -20.41
CA ARG C 64 -8.43 55.27 -20.06
C ARG C 64 -9.77 54.69 -20.52
N ILE C 65 -9.70 53.48 -21.07
CA ILE C 65 -10.87 52.68 -21.37
C ILE C 65 -11.44 52.09 -20.08
N ILE C 66 -12.72 52.32 -19.84
CA ILE C 66 -13.42 51.75 -18.68
C ILE C 66 -14.61 50.94 -19.19
N PRO C 67 -15.21 50.08 -18.34
CA PRO C 67 -16.26 49.19 -18.83
C PRO C 67 -17.35 49.89 -19.64
N ARG C 68 -17.74 51.09 -19.20
CA ARG C 68 -18.72 51.91 -19.95
C ARG C 68 -18.33 52.10 -21.41
N HIS C 69 -17.06 52.41 -21.66
CA HIS C 69 -16.57 52.63 -23.02
C HIS C 69 -16.66 51.36 -23.86
N LEU C 70 -16.36 50.22 -23.25
CA LEU C 70 -16.53 48.93 -23.93
C LEU C 70 -18.01 48.71 -24.24
N GLN C 71 -18.87 49.02 -23.27
CA GLN C 71 -20.32 48.86 -23.44
C GLN C 71 -20.88 49.81 -24.51
N LEU C 72 -20.45 51.06 -24.50
CA LEU C 72 -20.82 52.01 -25.55
C LEU C 72 -20.31 51.53 -26.92
N ALA C 73 -19.08 51.02 -26.94
CA ALA C 73 -18.43 50.58 -28.18
C ALA C 73 -19.09 49.36 -28.81
N ILE C 74 -19.51 48.42 -27.97
CA ILE C 74 -20.17 47.21 -28.42
C ILE C 74 -21.61 47.48 -28.82
N ARG C 75 -22.34 48.13 -27.95
CA ARG C 75 -23.79 48.33 -28.13
C ARG C 75 -24.14 49.37 -29.19
N ASN C 76 -23.15 50.07 -29.72
CA ASN C 76 -23.36 50.95 -30.87
C ASN C 76 -22.90 50.35 -32.22
N ASP C 77 -21.90 49.47 -32.20
CA ASP C 77 -21.54 48.72 -33.40
C ASP C 77 -22.59 47.62 -33.60
N GLU C 78 -23.15 47.56 -34.80
CA GLU C 78 -24.27 46.66 -35.08
C GLU C 78 -23.87 45.19 -34.98
N GLU C 79 -22.64 44.89 -35.41
CA GLU C 79 -22.16 43.51 -35.43
C GLU C 79 -21.60 43.04 -34.09
N LEU C 80 -20.87 43.93 -33.40
CA LEU C 80 -20.34 43.61 -32.07
C LEU C 80 -21.49 43.35 -31.09
N ASN C 81 -22.52 44.19 -31.19
CA ASN C 81 -23.73 44.02 -30.39
C ASN C 81 -24.40 42.66 -30.59
N LYS C 82 -24.38 42.15 -31.83
CA LYS C 82 -24.96 40.84 -32.11
C LYS C 82 -24.11 39.70 -31.56
N LEU C 83 -22.78 39.79 -31.73
CA LEU C 83 -21.88 38.76 -31.24
C LEU C 83 -22.01 38.63 -29.73
N LEU C 84 -22.17 39.76 -29.06
CA LEU C 84 -22.32 39.80 -27.61
C LEU C 84 -23.78 40.07 -27.24
N GLY C 85 -24.68 39.26 -27.81
CA GLY C 85 -26.12 39.45 -27.66
C GLY C 85 -26.69 38.96 -26.34
N ARG C 86 -26.10 37.90 -25.80
CA ARG C 86 -26.48 37.39 -24.48
C ARG C 86 -25.41 37.72 -23.43
N VAL C 87 -24.74 38.85 -23.61
CA VAL C 87 -23.54 39.17 -22.84
C VAL C 87 -23.76 40.39 -21.97
N THR C 88 -23.61 40.19 -20.66
CA THR C 88 -23.62 41.26 -19.69
C THR C 88 -22.20 41.78 -19.46
N ILE C 89 -22.00 43.07 -19.67
CA ILE C 89 -20.73 43.71 -19.38
C ILE C 89 -20.87 44.50 -18.09
N ALA C 90 -20.30 43.96 -17.02
CA ALA C 90 -20.33 44.60 -15.71
C ALA C 90 -19.91 46.07 -15.80
N GLN C 91 -20.65 46.92 -15.10
CA GLN C 91 -20.36 48.36 -15.04
C GLN C 91 -20.43 49.07 -16.39
N GLY C 92 -21.24 48.52 -17.30
CA GLY C 92 -21.39 49.09 -18.63
C GLY C 92 -22.47 50.16 -18.72
N GLY C 93 -23.57 49.94 -18.00
CA GLY C 93 -24.74 50.80 -18.09
C GLY C 93 -25.49 50.51 -19.37
N VAL C 94 -26.30 51.46 -19.81
CA VAL C 94 -27.18 51.28 -20.96
C VAL C 94 -27.14 52.50 -21.88
N LEU C 95 -27.34 52.28 -23.19
CA LEU C 95 -27.38 53.38 -24.15
C LEU C 95 -28.55 54.29 -23.83
N PRO C 96 -28.35 55.62 -23.92
CA PRO C 96 -29.44 56.59 -23.72
C PRO C 96 -30.55 56.45 -24.73
N ASN C 97 -31.72 56.03 -24.26
CA ASN C 97 -32.86 55.74 -25.13
C ASN C 97 -34.18 55.98 -24.39
N ILE C 98 -34.80 57.13 -24.68
CA ILE C 98 -36.15 57.44 -24.22
C ILE C 98 -37.13 57.29 -25.38
N GLN C 99 -38.24 56.62 -25.12
CA GLN C 99 -39.27 56.41 -26.14
C GLN C 99 -39.93 57.72 -26.53
N ALA C 100 -40.34 57.81 -27.79
CA ALA C 100 -40.92 59.05 -28.35
C ALA C 100 -42.20 59.50 -27.63
N VAL C 101 -43.10 58.56 -27.38
CA VAL C 101 -44.40 58.87 -26.75
C VAL C 101 -44.28 59.42 -25.33
N LEU C 102 -43.16 59.12 -24.67
CA LEU C 102 -42.92 59.57 -23.32
C LEU C 102 -42.47 61.04 -23.25
N LEU C 103 -41.92 61.56 -24.34
CA LEU C 103 -41.54 62.96 -24.42
C LEU C 103 -42.79 63.83 -24.34
N PRO C 104 -42.71 65.00 -23.67
CA PRO C 104 -43.88 65.87 -23.61
C PRO C 104 -44.29 66.40 -24.98
N LYS C 105 -45.43 67.08 -25.05
CA LYS C 105 -45.92 67.68 -26.29
C LYS C 105 -46.45 69.10 -26.06
N ARG D 1 4.48 31.20 0.30
CA ARG D 1 3.96 32.53 -0.12
C ARG D 1 4.51 32.93 -1.50
N LYS D 2 4.33 34.20 -1.90
CA LYS D 2 4.51 34.67 -3.28
C LYS D 2 3.45 34.01 -4.17
N ARG D 3 2.34 34.73 -4.33
CA ARG D 3 1.08 34.22 -4.91
C ARG D 3 1.27 33.39 -6.18
N SER D 4 0.44 32.36 -6.32
CA SER D 4 0.52 31.45 -7.48
C SER D 4 0.17 32.18 -8.77
N ARG D 5 0.76 31.72 -9.86
CA ARG D 5 0.64 32.38 -11.16
C ARG D 5 -0.77 32.29 -11.74
N LYS D 6 -1.36 33.46 -11.97
CA LYS D 6 -2.66 33.59 -12.62
C LYS D 6 -2.42 34.09 -14.05
N GLU D 7 -2.61 33.20 -15.03
CA GLU D 7 -2.42 33.58 -16.43
C GLU D 7 -3.51 34.52 -16.92
N SER D 8 -3.21 35.23 -18.02
CA SER D 8 -4.08 36.31 -18.50
C SER D 8 -3.91 36.50 -20.00
N TYR D 9 -4.59 37.50 -20.55
CA TYR D 9 -4.37 37.98 -21.91
C TYR D 9 -3.94 39.46 -21.91
N SER D 10 -3.62 39.99 -20.73
CA SER D 10 -3.48 41.44 -20.54
C SER D 10 -2.29 42.09 -21.24
N ILE D 11 -1.14 41.41 -21.24
CA ILE D 11 0.05 41.93 -21.93
C ILE D 11 -0.15 42.05 -23.44
N TYR D 12 -0.99 41.17 -24.00
CA TYR D 12 -1.25 41.16 -25.44
C TYR D 12 -2.29 42.22 -25.76
N VAL D 13 -3.32 42.28 -24.92
CA VAL D 13 -4.34 43.30 -25.06
C VAL D 13 -3.71 44.69 -24.93
N TYR D 14 -2.67 44.81 -24.08
CA TYR D 14 -1.88 46.05 -23.97
C TYR D 14 -1.13 46.37 -25.27
N LYS D 15 -0.54 45.36 -25.89
CA LYS D 15 0.16 45.54 -27.17
C LYS D 15 -0.77 45.96 -28.29
N VAL D 16 -1.84 45.19 -28.47
CA VAL D 16 -2.84 45.48 -29.49
C VAL D 16 -3.44 46.88 -29.28
N LEU D 17 -3.60 47.28 -28.02
CA LEU D 17 -4.14 48.59 -27.69
C LEU D 17 -3.30 49.73 -28.23
N LYS D 18 -1.98 49.68 -27.97
CA LYS D 18 -1.06 50.75 -28.37
C LYS D 18 -0.80 50.81 -29.88
N GLN D 19 -1.00 49.69 -30.57
CA GLN D 19 -0.99 49.66 -32.03
C GLN D 19 -2.12 50.52 -32.59
N VAL D 20 -3.28 50.46 -31.95
CA VAL D 20 -4.47 51.14 -32.44
C VAL D 20 -4.58 52.54 -31.83
N HIS D 21 -4.39 52.65 -30.52
CA HIS D 21 -4.38 53.95 -29.83
C HIS D 21 -3.13 54.10 -28.96
N PRO D 22 -2.04 54.67 -29.52
CA PRO D 22 -0.76 54.62 -28.81
C PRO D 22 -0.67 55.46 -27.53
N ASP D 23 -1.75 56.16 -27.16
CA ASP D 23 -1.78 56.93 -25.92
C ASP D 23 -2.89 56.52 -24.94
N THR D 24 -3.69 55.52 -25.31
CA THR D 24 -4.89 55.16 -24.55
C THR D 24 -4.60 54.08 -23.50
N GLY D 25 -5.03 54.35 -22.27
CA GLY D 25 -4.92 53.38 -21.17
C GLY D 25 -6.15 52.50 -21.01
N ILE D 26 -6.22 51.77 -19.90
CA ILE D 26 -7.30 50.81 -19.67
C ILE D 26 -7.30 50.32 -18.21
N SER D 27 -8.41 50.51 -17.51
CA SER D 27 -8.51 50.14 -16.09
C SER D 27 -8.60 48.63 -15.84
N SER D 28 -8.49 48.23 -14.58
CA SER D 28 -8.54 46.81 -14.18
C SER D 28 -9.81 46.12 -14.64
N LYS D 29 -10.94 46.76 -14.39
CA LYS D 29 -12.24 46.21 -14.73
C LYS D 29 -12.42 46.08 -16.23
N ALA D 30 -11.94 47.07 -16.98
CA ALA D 30 -11.99 47.01 -18.44
C ALA D 30 -11.15 45.85 -18.97
N MET D 31 -9.96 45.67 -18.39
CA MET D 31 -9.09 44.55 -18.76
C MET D 31 -9.68 43.21 -18.31
N GLY D 32 -10.37 43.22 -17.18
CA GLY D 32 -11.09 42.05 -16.70
C GLY D 32 -12.21 41.63 -17.63
N ILE D 33 -12.81 42.61 -18.29
CA ILE D 33 -13.84 42.36 -19.31
C ILE D 33 -13.21 41.83 -20.60
N MET D 34 -12.20 42.53 -21.10
CA MET D 34 -11.47 42.10 -22.30
C MET D 34 -10.97 40.66 -22.16
N ASN D 35 -10.53 40.32 -20.94
CA ASN D 35 -10.08 38.96 -20.64
C ASN D 35 -11.23 37.95 -20.78
N SER D 36 -12.42 38.31 -20.26
CA SER D 36 -13.64 37.47 -20.38
C SER D 36 -14.16 37.37 -21.81
N PHE D 37 -13.97 38.44 -22.58
CA PHE D 37 -14.37 38.50 -23.98
C PHE D 37 -13.58 37.53 -24.85
N VAL D 38 -12.26 37.53 -24.67
CA VAL D 38 -11.39 36.65 -25.42
C VAL D 38 -11.63 35.20 -25.01
N ASN D 39 -11.65 34.95 -23.70
CA ASN D 39 -11.88 33.61 -23.18
C ASN D 39 -13.22 33.05 -23.64
N ASP D 40 -14.22 33.92 -23.76
CA ASP D 40 -15.56 33.53 -24.24
C ASP D 40 -15.50 33.03 -25.68
N ILE D 41 -15.02 33.89 -26.57
CA ILE D 41 -14.94 33.59 -27.99
C ILE D 41 -13.96 32.45 -28.25
N PHE D 42 -12.93 32.31 -27.41
CA PHE D 42 -12.08 31.13 -27.50
C PHE D 42 -12.96 29.88 -27.41
N GLU D 43 -13.72 29.78 -26.32
CA GLU D 43 -14.56 28.60 -26.02
C GLU D 43 -15.67 28.39 -27.04
N ARG D 44 -16.08 29.47 -27.71
CA ARG D 44 -17.08 29.38 -28.77
C ARG D 44 -16.53 28.74 -30.05
N ILE D 45 -15.45 29.32 -30.56
CA ILE D 45 -14.85 28.87 -31.81
C ILE D 45 -14.25 27.49 -31.64
N ALA D 46 -13.45 27.33 -30.59
CA ALA D 46 -12.87 26.03 -30.26
C ALA D 46 -13.95 24.94 -30.16
N GLY D 47 -15.10 25.29 -29.59
CA GLY D 47 -16.22 24.35 -29.42
C GLY D 47 -16.93 23.96 -30.71
N GLU D 48 -17.16 24.94 -31.59
CA GLU D 48 -17.75 24.66 -32.89
C GLU D 48 -16.83 23.80 -33.74
N ALA D 49 -15.54 24.15 -33.74
CA ALA D 49 -14.52 23.39 -34.47
C ALA D 49 -14.40 21.95 -33.98
N SER D 50 -14.56 21.75 -32.66
CA SER D 50 -14.57 20.41 -32.07
C SER D 50 -15.71 19.57 -32.62
N ARG D 51 -16.91 20.17 -32.69
CA ARG D 51 -18.11 19.51 -33.20
C ARG D 51 -17.99 19.23 -34.70
N LEU D 52 -17.60 20.24 -35.47
CA LEU D 52 -17.37 20.10 -36.92
C LEU D 52 -16.60 18.82 -37.22
N ALA D 53 -15.48 18.64 -36.54
CA ALA D 53 -14.71 17.41 -36.64
C ALA D 53 -15.58 16.21 -36.29
N HIS D 54 -16.20 16.21 -35.11
CA HIS D 54 -17.02 15.08 -34.67
C HIS D 54 -18.11 14.74 -35.69
N TYR D 55 -18.74 15.76 -36.27
CA TYR D 55 -19.75 15.53 -37.29
C TYR D 55 -19.18 14.81 -38.51
N ASN D 56 -17.96 15.17 -38.91
CA ASN D 56 -17.30 14.58 -40.09
C ASN D 56 -16.38 13.40 -39.79
N LYS D 57 -16.49 12.80 -38.61
CA LYS D 57 -15.62 11.68 -38.21
C LYS D 57 -14.13 12.01 -38.42
N ARG D 58 -13.70 13.12 -37.82
CA ARG D 58 -12.30 13.52 -37.88
C ARG D 58 -11.72 13.57 -36.47
N SER D 59 -10.44 13.27 -36.37
CA SER D 59 -9.72 13.32 -35.11
C SER D 59 -8.79 14.54 -35.02
N THR D 60 -8.91 15.49 -35.94
CA THR D 60 -8.01 16.65 -35.98
C THR D 60 -8.74 17.98 -36.23
N ILE D 61 -8.53 18.93 -35.32
CA ILE D 61 -8.98 20.31 -35.50
C ILE D 61 -7.89 21.09 -36.23
N THR D 62 -8.10 21.33 -37.52
CA THR D 62 -7.17 22.14 -38.32
C THR D 62 -7.73 23.54 -38.48
N SER D 63 -6.93 24.41 -39.08
CA SER D 63 -7.37 25.77 -39.41
C SER D 63 -8.63 25.76 -40.29
N ARG D 64 -8.87 24.65 -41.00
CA ARG D 64 -10.07 24.51 -41.80
C ARG D 64 -11.32 24.53 -40.92
N GLU D 65 -11.27 23.84 -39.79
CA GLU D 65 -12.37 23.84 -38.83
C GLU D 65 -12.48 25.20 -38.18
N ILE D 66 -11.34 25.76 -37.82
CA ILE D 66 -11.32 27.09 -37.22
C ILE D 66 -11.97 28.07 -38.19
N GLN D 67 -11.63 27.95 -39.48
CA GLN D 67 -12.22 28.83 -40.49
C GLN D 67 -13.74 28.66 -40.57
N THR D 68 -14.20 27.44 -40.83
CA THR D 68 -15.64 27.16 -40.90
C THR D 68 -16.37 27.65 -39.66
N ALA D 69 -15.83 27.33 -38.49
CA ALA D 69 -16.38 27.80 -37.22
C ALA D 69 -16.59 29.31 -37.24
N VAL D 70 -15.55 30.05 -37.58
CA VAL D 70 -15.62 31.49 -37.59
C VAL D 70 -16.75 32.01 -38.48
N ARG D 71 -17.04 31.30 -39.58
CA ARG D 71 -18.13 31.72 -40.47
C ARG D 71 -19.49 31.50 -39.85
N LEU D 72 -19.70 30.32 -39.28
CA LEU D 72 -20.90 30.02 -38.52
C LEU D 72 -21.08 30.99 -37.36
N LEU D 73 -20.00 31.28 -36.65
CA LEU D 73 -20.02 32.01 -35.38
C LEU D 73 -20.04 33.53 -35.44
N LEU D 74 -19.36 34.13 -36.41
CA LEU D 74 -19.30 35.59 -36.54
C LEU D 74 -20.26 36.13 -37.63
N PRO D 75 -20.84 37.32 -37.38
CA PRO D 75 -21.84 37.90 -38.26
C PRO D 75 -21.22 38.61 -39.45
N GLY D 76 -21.81 38.39 -40.64
CA GLY D 76 -21.36 39.01 -41.88
C GLY D 76 -19.93 39.49 -41.93
N GLU D 77 -19.76 40.82 -41.90
CA GLU D 77 -18.47 41.48 -42.15
C GLU D 77 -17.41 41.14 -41.11
N LEU D 78 -17.82 40.91 -39.88
CA LEU D 78 -16.88 40.60 -38.80
C LEU D 78 -16.23 39.21 -39.03
N ALA D 79 -17.02 38.27 -39.54
CA ALA D 79 -16.52 36.96 -39.95
C ALA D 79 -15.60 37.10 -41.14
N LYS D 80 -16.04 37.93 -42.09
CA LYS D 80 -15.35 38.14 -43.36
C LYS D 80 -13.91 38.63 -43.18
N HIS D 81 -13.71 39.55 -42.25
CA HIS D 81 -12.40 40.14 -41.97
C HIS D 81 -11.49 39.20 -41.18
N ALA D 82 -12.05 38.54 -40.16
CA ALA D 82 -11.29 37.59 -39.36
C ALA D 82 -10.81 36.41 -40.21
N VAL D 83 -11.61 36.02 -41.19
CA VAL D 83 -11.26 34.90 -42.08
C VAL D 83 -10.02 35.23 -42.91
N SER D 84 -9.94 36.44 -43.43
CA SER D 84 -8.77 36.89 -44.19
C SER D 84 -7.58 37.13 -43.26
N GLU D 85 -7.85 37.66 -42.06
CA GLU D 85 -6.81 37.83 -41.03
C GLU D 85 -6.26 36.49 -40.54
N GLY D 86 -7.12 35.49 -40.46
CA GLY D 86 -6.71 34.15 -40.03
C GLY D 86 -5.87 33.50 -41.10
N THR D 87 -6.43 33.39 -42.30
CA THR D 87 -5.74 32.76 -43.43
C THR D 87 -4.41 33.45 -43.76
N LYS D 88 -4.39 34.77 -43.66
CA LYS D 88 -3.16 35.55 -43.85
C LYS D 88 -2.05 35.13 -42.88
N ALA D 89 -2.42 34.82 -41.64
CA ALA D 89 -1.44 34.43 -40.61
C ALA D 89 -0.97 32.99 -40.76
N VAL D 90 -1.84 32.11 -41.25
CA VAL D 90 -1.45 30.73 -41.54
C VAL D 90 -0.51 30.72 -42.76
N THR D 91 -0.86 31.49 -43.79
CA THR D 91 -0.04 31.62 -45.01
C THR D 91 1.40 32.02 -44.69
N LYS D 92 1.54 33.06 -43.87
CA LYS D 92 2.83 33.62 -43.48
C LYS D 92 3.65 32.68 -42.58
N TYR D 93 2.97 32.00 -41.67
CA TYR D 93 3.60 31.05 -40.75
C TYR D 93 4.08 29.79 -41.47
N THR D 94 3.26 29.25 -42.36
CA THR D 94 3.60 28.01 -43.07
C THR D 94 4.86 28.19 -43.94
N SER D 95 4.97 29.33 -44.61
CA SER D 95 6.15 29.63 -45.41
C SER D 95 7.39 29.69 -44.53
N ALA D 96 7.32 30.47 -43.45
CA ALA D 96 8.42 30.60 -42.50
C ALA D 96 8.23 29.67 -41.29
N PRO E 1 -43.84 77.19 -3.09
CA PRO E 1 -43.18 78.14 -3.98
C PRO E 1 -43.22 77.70 -5.45
N HIS E 2 -42.47 76.66 -5.82
CA HIS E 2 -42.39 76.17 -7.20
C HIS E 2 -42.75 74.69 -7.26
N ARG E 3 -43.29 74.24 -8.41
CA ARG E 3 -43.74 72.86 -8.53
C ARG E 3 -43.71 72.39 -10.00
N TYR E 4 -42.92 71.35 -10.26
CA TYR E 4 -42.83 70.74 -11.60
C TYR E 4 -44.05 69.88 -11.91
N ARG E 5 -44.33 69.67 -13.19
CA ARG E 5 -45.48 68.86 -13.62
C ARG E 5 -45.16 67.38 -13.60
N PRO E 6 -46.19 66.53 -13.49
CA PRO E 6 -45.97 65.09 -13.49
C PRO E 6 -45.31 64.61 -14.77
N GLY E 7 -44.21 63.87 -14.63
CA GLY E 7 -43.47 63.34 -15.78
C GLY E 7 -42.16 64.04 -16.10
N THR E 8 -41.96 65.24 -15.55
CA THR E 8 -40.77 66.04 -15.83
C THR E 8 -39.56 65.52 -15.07
N VAL E 9 -39.70 65.35 -13.75
CA VAL E 9 -38.60 64.84 -12.93
C VAL E 9 -38.28 63.39 -13.30
N ALA E 10 -39.33 62.61 -13.59
CA ALA E 10 -39.15 61.23 -14.06
C ALA E 10 -38.29 61.22 -15.30
N LEU E 11 -38.68 61.98 -16.31
CA LEU E 11 -37.85 62.15 -17.51
C LEU E 11 -36.43 62.57 -17.15
N ARG E 12 -36.29 63.47 -16.19
CA ARG E 12 -34.97 63.92 -15.74
C ARG E 12 -34.18 62.78 -15.11
N GLU E 13 -34.86 61.95 -14.33
CA GLU E 13 -34.25 60.79 -13.70
C GLU E 13 -33.83 59.71 -14.72
N ILE E 14 -34.64 59.51 -15.75
CA ILE E 14 -34.32 58.56 -16.82
C ILE E 14 -33.01 58.98 -17.47
N ARG E 15 -32.89 60.26 -17.77
CA ARG E 15 -31.65 60.79 -18.36
C ARG E 15 -30.47 60.58 -17.43
N ARG E 16 -30.67 60.89 -16.15
CA ARG E 16 -29.63 60.73 -15.13
C ARG E 16 -29.05 59.30 -15.08
N TYR E 17 -29.93 58.30 -15.05
CA TYR E 17 -29.53 56.91 -14.80
C TYR E 17 -29.09 56.14 -16.05
N GLN E 18 -29.47 56.62 -17.23
CA GLN E 18 -28.96 56.07 -18.48
C GLN E 18 -27.52 56.53 -18.79
N LYS E 19 -27.12 57.64 -18.18
CA LYS E 19 -25.70 58.08 -18.18
C LYS E 19 -24.87 57.21 -17.25
N SER E 20 -25.32 57.02 -16.01
CA SER E 20 -24.51 56.33 -15.02
C SER E 20 -24.47 54.81 -15.20
N THR E 21 -23.45 54.20 -14.60
CA THR E 21 -23.26 52.76 -14.63
C THR E 21 -23.26 52.14 -13.24
N GLU E 22 -23.47 52.96 -12.20
CA GLU E 22 -23.42 52.45 -10.82
C GLU E 22 -24.60 51.54 -10.50
N LEU E 23 -24.42 50.63 -9.55
CA LEU E 23 -25.51 49.78 -9.09
C LEU E 23 -26.56 50.65 -8.38
N LEU E 24 -27.84 50.38 -8.64
CA LEU E 24 -28.94 51.20 -8.10
C LEU E 24 -29.60 50.60 -6.85
N ILE E 25 -29.35 49.33 -6.59
CA ILE E 25 -29.79 48.69 -5.35
C ILE E 25 -28.75 48.93 -4.27
N ARG E 26 -29.19 49.17 -3.04
CA ARG E 26 -28.27 49.34 -1.92
C ARG E 26 -27.64 48.00 -1.54
N LYS E 27 -26.31 48.01 -1.39
CA LYS E 27 -25.47 46.81 -1.36
C LYS E 27 -25.82 45.85 -0.23
N LEU E 28 -25.96 46.38 0.98
CA LEU E 28 -26.22 45.55 2.16
C LEU E 28 -27.58 44.85 2.11
N PRO E 29 -28.67 45.61 1.83
CA PRO E 29 -29.98 45.00 1.61
C PRO E 29 -29.92 43.82 0.63
N PHE E 30 -29.20 44.02 -0.48
CA PHE E 30 -29.02 42.97 -1.47
C PHE E 30 -28.27 41.78 -0.90
N GLN E 31 -27.18 42.03 -0.18
CA GLN E 31 -26.35 40.95 0.36
C GLN E 31 -27.06 40.07 1.39
N ARG E 32 -27.92 40.67 2.21
CA ARG E 32 -28.72 39.89 3.17
C ARG E 32 -29.67 38.95 2.45
N LEU E 33 -30.31 39.47 1.40
CA LEU E 33 -31.19 38.67 0.54
C LEU E 33 -30.47 37.49 -0.11
N VAL E 34 -29.31 37.75 -0.67
CA VAL E 34 -28.46 36.73 -1.31
C VAL E 34 -28.16 35.59 -0.34
N ARG E 35 -27.75 35.93 0.88
CA ARG E 35 -27.39 34.93 1.86
C ARG E 35 -28.61 34.14 2.32
N GLU E 36 -29.70 34.86 2.56
CA GLU E 36 -30.97 34.28 3.01
C GLU E 36 -31.45 33.19 2.06
N ILE E 37 -31.51 33.53 0.77
CA ILE E 37 -31.96 32.59 -0.27
C ILE E 37 -31.00 31.41 -0.37
N ALA E 38 -29.70 31.70 -0.41
CA ALA E 38 -28.66 30.68 -0.50
C ALA E 38 -28.66 29.77 0.72
N GLN E 39 -29.02 30.32 1.87
CA GLN E 39 -29.12 29.54 3.11
C GLN E 39 -30.15 28.43 2.99
N ASP E 40 -31.29 28.75 2.37
CA ASP E 40 -32.37 27.79 2.21
C ASP E 40 -32.05 26.72 1.17
N PHE E 41 -31.04 26.95 0.32
CA PHE E 41 -30.50 25.89 -0.55
C PHE E 41 -29.39 25.12 0.15
N LYS E 42 -28.60 25.82 0.97
CA LYS E 42 -27.58 25.18 1.81
C LYS E 42 -27.07 26.08 2.93
N THR E 43 -26.85 25.49 4.09
CA THR E 43 -26.48 26.22 5.29
C THR E 43 -24.95 26.34 5.47
N ASP E 44 -24.55 27.29 6.31
CA ASP E 44 -23.13 27.62 6.58
C ASP E 44 -22.31 27.78 5.30
N LEU E 45 -22.75 28.72 4.45
CA LEU E 45 -22.02 29.08 3.24
C LEU E 45 -21.33 30.42 3.47
N ARG E 46 -20.17 30.60 2.84
CA ARG E 46 -19.51 31.90 2.82
C ARG E 46 -19.44 32.41 1.37
N PHE E 47 -19.38 33.72 1.21
CA PHE E 47 -19.40 34.34 -0.13
C PHE E 47 -18.20 35.25 -0.34
N GLN E 48 -17.45 35.02 -1.42
CA GLN E 48 -16.49 36.02 -1.91
C GLN E 48 -17.26 37.30 -2.21
N SER E 49 -16.74 38.44 -1.75
CA SER E 49 -17.43 39.72 -1.97
C SER E 49 -17.66 40.00 -3.46
N SER E 50 -16.78 39.49 -4.31
CA SER E 50 -16.93 39.62 -5.76
C SER E 50 -17.99 38.66 -6.35
N ALA E 51 -18.38 37.65 -5.58
CA ALA E 51 -19.46 36.75 -5.99
C ALA E 51 -20.82 37.39 -5.69
N VAL E 52 -20.85 38.25 -4.68
CA VAL E 52 -22.07 38.99 -4.35
C VAL E 52 -22.28 40.12 -5.36
N MET E 53 -21.20 40.77 -5.77
CA MET E 53 -21.29 41.82 -6.78
C MET E 53 -21.58 41.24 -8.15
N ALA E 54 -21.08 40.03 -8.41
CA ALA E 54 -21.42 39.32 -9.62
C ALA E 54 -22.92 39.19 -9.70
N LEU E 55 -23.50 38.58 -8.67
CA LEU E 55 -24.94 38.42 -8.60
C LEU E 55 -25.65 39.74 -8.84
N GLN E 56 -25.27 40.76 -8.09
CA GLN E 56 -25.93 42.07 -8.18
C GLN E 56 -25.85 42.70 -9.58
N GLU E 57 -24.67 42.63 -10.18
CA GLU E 57 -24.48 43.12 -11.55
C GLU E 57 -25.44 42.38 -12.49
N ALA E 58 -25.56 41.08 -12.29
CA ALA E 58 -26.39 40.22 -13.14
C ALA E 58 -27.89 40.45 -12.95
N CYS E 59 -28.29 40.76 -11.72
CA CYS E 59 -29.69 41.03 -11.40
C CYS E 59 -30.13 42.39 -11.89
N GLU E 60 -29.32 43.42 -11.66
CA GLU E 60 -29.66 44.75 -12.11
C GLU E 60 -29.71 44.81 -13.63
N ALA E 61 -28.68 44.27 -14.27
CA ALA E 61 -28.70 44.08 -15.72
C ALA E 61 -30.03 43.47 -16.15
N TYR E 62 -30.35 42.32 -15.55
CA TYR E 62 -31.57 41.57 -15.84
C TYR E 62 -32.84 42.43 -15.72
N LEU E 63 -32.98 43.12 -14.59
CA LEU E 63 -34.19 43.90 -14.31
C LEU E 63 -34.31 45.13 -15.19
N VAL E 64 -33.19 45.80 -15.42
CA VAL E 64 -33.16 46.93 -16.31
C VAL E 64 -33.69 46.42 -17.65
N GLY E 65 -33.04 45.39 -18.17
CA GLY E 65 -33.42 44.79 -19.44
C GLY E 65 -34.90 44.43 -19.49
N LEU E 66 -35.41 43.87 -18.40
CA LEU E 66 -36.81 43.49 -18.32
C LEU E 66 -37.72 44.70 -18.38
N PHE E 67 -37.40 45.72 -17.58
CA PHE E 67 -38.18 46.96 -17.58
C PHE E 67 -38.27 47.59 -18.98
N GLU E 68 -37.19 47.49 -19.76
CA GLU E 68 -37.20 47.98 -21.14
C GLU E 68 -38.32 47.31 -21.92
N ASP E 69 -38.38 45.98 -21.81
CA ASP E 69 -39.42 45.16 -22.46
C ASP E 69 -40.80 45.43 -21.89
N THR E 70 -40.89 45.55 -20.58
CA THR E 70 -42.13 45.89 -19.90
C THR E 70 -42.71 47.19 -20.42
N ASN E 71 -41.84 48.15 -20.74
CA ASN E 71 -42.28 49.47 -21.21
C ASN E 71 -42.86 49.39 -22.62
N LEU E 72 -42.21 48.62 -23.48
CA LEU E 72 -42.67 48.46 -24.87
C LEU E 72 -44.02 47.78 -24.95
N CYS E 73 -44.31 46.90 -23.98
CA CYS E 73 -45.63 46.31 -23.86
C CYS E 73 -46.66 47.37 -23.48
N ALA E 74 -46.30 48.22 -22.52
CA ALA E 74 -47.21 49.26 -22.04
C ALA E 74 -47.54 50.25 -23.15
N ILE E 75 -46.52 50.66 -23.90
CA ILE E 75 -46.73 51.56 -25.04
C ILE E 75 -47.57 50.88 -26.12
N HIS E 76 -47.43 49.56 -26.26
CA HIS E 76 -48.24 48.79 -27.19
C HIS E 76 -49.71 48.81 -26.82
N ALA E 77 -49.99 48.97 -25.54
CA ALA E 77 -51.36 49.12 -25.06
C ALA E 77 -51.82 50.58 -25.04
N LYS E 78 -51.08 51.47 -25.69
CA LYS E 78 -51.36 52.91 -25.68
C LYS E 78 -51.42 53.47 -24.25
N ARG E 79 -50.43 53.07 -23.45
CA ARG E 79 -50.29 53.52 -22.08
C ARG E 79 -48.87 54.01 -21.86
N VAL E 80 -48.71 54.86 -20.86
CA VAL E 80 -47.41 55.35 -20.43
C VAL E 80 -46.95 54.60 -19.17
N THR E 81 -47.90 54.01 -18.46
CA THR E 81 -47.67 53.41 -17.16
C THR E 81 -47.44 51.90 -17.27
N ILE E 82 -46.35 51.41 -16.68
CA ILE E 82 -46.11 49.95 -16.65
C ILE E 82 -46.92 49.31 -15.52
N MET E 83 -47.50 48.14 -15.81
CA MET E 83 -48.37 47.43 -14.86
C MET E 83 -47.93 45.97 -14.82
N PRO E 84 -48.27 45.24 -13.74
CA PRO E 84 -47.82 43.85 -13.64
C PRO E 84 -48.06 43.02 -14.88
N LYS E 85 -49.17 43.27 -15.57
CA LYS E 85 -49.49 42.50 -16.78
C LYS E 85 -48.55 42.76 -17.97
N ASP E 86 -47.80 43.87 -17.92
CA ASP E 86 -46.74 44.16 -18.90
C ASP E 86 -45.48 43.37 -18.59
N ILE E 87 -45.23 43.16 -17.30
CA ILE E 87 -44.12 42.30 -16.88
C ILE E 87 -44.46 40.85 -17.21
N GLN E 88 -45.72 40.47 -17.04
CA GLN E 88 -46.15 39.09 -17.32
C GLN E 88 -46.22 38.76 -18.81
N LEU E 89 -46.57 39.74 -19.64
CA LEU E 89 -46.50 39.55 -21.09
C LEU E 89 -45.05 39.42 -21.57
N ALA E 90 -44.20 40.35 -21.14
CA ALA E 90 -42.78 40.32 -21.49
C ALA E 90 -42.13 39.00 -21.12
N ARG E 91 -42.33 38.58 -19.88
CA ARG E 91 -41.78 37.32 -19.40
C ARG E 91 -42.42 36.08 -20.05
N ARG E 92 -43.62 36.22 -20.59
CA ARG E 92 -44.23 35.12 -21.34
C ARG E 92 -43.55 34.96 -22.69
N ILE E 93 -43.34 36.06 -23.40
CA ILE E 93 -42.72 36.03 -24.72
C ILE E 93 -41.23 35.67 -24.62
N ARG E 94 -40.60 36.03 -23.50
CA ARG E 94 -39.19 35.69 -23.28
C ARG E 94 -38.94 34.21 -23.06
N GLY E 95 -39.99 33.45 -22.77
CA GLY E 95 -39.83 32.04 -22.42
C GLY E 95 -39.28 31.87 -21.02
N GLU E 96 -39.70 32.74 -20.11
CA GLU E 96 -39.43 32.61 -18.69
C GLU E 96 -40.64 32.05 -17.95
N ARG E 97 -41.83 32.57 -18.30
CA ARG E 97 -43.07 32.31 -17.56
C ARG E 97 -42.92 32.68 -16.08
N ASP F 1 -37.37 38.28 5.97
CA ASP F 1 -38.07 39.31 5.14
C ASP F 1 -37.08 40.39 4.67
N ASN F 2 -36.04 39.93 3.99
CA ASN F 2 -35.00 40.81 3.45
C ASN F 2 -35.36 41.31 2.06
N ILE F 3 -36.36 40.69 1.44
CA ILE F 3 -36.84 41.05 0.08
C ILE F 3 -37.43 42.45 0.03
N GLN F 4 -37.94 42.93 1.16
CA GLN F 4 -38.43 44.31 1.28
C GLN F 4 -37.30 45.35 1.24
N GLY F 5 -36.08 44.89 1.57
CA GLY F 5 -34.85 45.68 1.43
C GLY F 5 -34.58 46.14 0.01
N ILE F 6 -35.08 45.38 -0.96
CA ILE F 6 -35.22 45.90 -2.32
C ILE F 6 -36.41 46.84 -2.22
N THR F 7 -36.08 48.12 -2.07
CA THR F 7 -37.06 49.14 -1.72
C THR F 7 -37.70 49.75 -2.95
N LYS F 8 -38.90 50.29 -2.75
CA LYS F 8 -39.65 50.97 -3.82
C LYS F 8 -38.80 51.96 -4.63
N PRO F 9 -38.02 52.84 -3.96
CA PRO F 9 -37.16 53.75 -4.73
C PRO F 9 -36.03 53.06 -5.50
N ALA F 10 -35.45 52.00 -4.96
CA ALA F 10 -34.43 51.24 -5.69
C ALA F 10 -35.02 50.68 -6.97
N ILE F 11 -36.22 50.08 -6.88
CA ILE F 11 -36.90 49.52 -8.04
C ILE F 11 -37.23 50.64 -9.03
N ARG F 12 -37.64 51.78 -8.50
CA ARG F 12 -37.89 52.97 -9.31
C ARG F 12 -36.68 53.32 -10.14
N ARG F 13 -35.51 53.34 -9.49
CA ARG F 13 -34.25 53.68 -10.15
C ARG F 13 -33.96 52.73 -11.30
N LEU F 14 -34.14 51.43 -11.05
CA LEU F 14 -33.91 50.41 -12.07
C LEU F 14 -34.80 50.61 -13.29
N ALA F 15 -36.05 51.01 -13.06
CA ALA F 15 -37.01 51.27 -14.14
C ALA F 15 -36.64 52.50 -14.95
N ARG F 16 -36.11 53.51 -14.25
CA ARG F 16 -35.63 54.73 -14.87
C ARG F 16 -34.53 54.46 -15.88
N ARG F 17 -33.52 53.67 -15.46
CA ARG F 17 -32.43 53.22 -16.36
C ARG F 17 -33.01 52.42 -17.53
N GLY F 18 -34.06 51.65 -17.24
CA GLY F 18 -34.85 50.96 -18.28
C GLY F 18 -35.83 51.82 -19.08
N GLY F 19 -35.77 53.14 -18.91
CA GLY F 19 -36.54 54.05 -19.77
C GLY F 19 -38.01 54.15 -19.45
N VAL F 20 -38.37 53.77 -18.22
CA VAL F 20 -39.76 53.82 -17.76
C VAL F 20 -40.05 55.19 -17.15
N LYS F 21 -41.22 55.74 -17.47
CA LYS F 21 -41.61 57.06 -16.98
C LYS F 21 -42.61 56.99 -15.82
N ARG F 22 -43.61 56.11 -15.94
CA ARG F 22 -44.72 56.03 -14.98
C ARG F 22 -44.95 54.60 -14.46
N ILE F 23 -44.94 54.45 -13.13
CA ILE F 23 -44.93 53.14 -12.46
C ILE F 23 -46.17 52.89 -11.60
N SER F 24 -46.95 51.89 -11.97
CA SER F 24 -48.07 51.42 -11.16
C SER F 24 -47.60 50.96 -9.77
N GLY F 25 -48.50 51.03 -8.80
CA GLY F 25 -48.20 50.69 -7.41
C GLY F 25 -48.07 49.20 -7.14
N LEU F 26 -48.56 48.39 -8.07
CA LEU F 26 -48.46 46.94 -7.96
C LEU F 26 -47.11 46.40 -8.45
N ILE F 27 -46.42 47.20 -9.26
CA ILE F 27 -45.14 46.80 -9.86
C ILE F 27 -44.13 46.33 -8.81
N TYR F 28 -44.07 47.03 -7.68
CA TYR F 28 -42.98 46.82 -6.73
C TYR F 28 -43.01 45.42 -6.14
N GLU F 29 -44.18 44.97 -5.66
CA GLU F 29 -44.28 43.60 -5.18
C GLU F 29 -44.11 42.59 -6.31
N GLU F 30 -44.65 42.90 -7.49
CA GLU F 30 -44.46 42.05 -8.66
C GLU F 30 -42.97 41.87 -8.98
N THR F 31 -42.22 42.98 -8.96
CA THR F 31 -40.81 42.97 -9.29
C THR F 31 -40.05 42.17 -8.27
N ARG F 32 -40.37 42.36 -6.99
CA ARG F 32 -39.74 41.58 -5.93
C ARG F 32 -39.88 40.08 -6.21
N GLY F 33 -41.10 39.67 -6.52
CA GLY F 33 -41.38 38.28 -6.85
C GLY F 33 -40.50 37.77 -7.97
N VAL F 34 -40.37 38.58 -9.03
CA VAL F 34 -39.56 38.22 -10.19
C VAL F 34 -38.09 38.07 -9.83
N LEU F 35 -37.55 39.08 -9.14
CA LEU F 35 -36.15 39.06 -8.72
C LEU F 35 -35.85 37.79 -7.94
N LYS F 36 -36.72 37.49 -7.00
CA LYS F 36 -36.52 36.35 -6.13
C LYS F 36 -36.39 35.06 -6.93
N VAL F 37 -37.16 34.96 -8.02
CA VAL F 37 -37.12 33.77 -8.86
C VAL F 37 -35.82 33.71 -9.68
N PHE F 38 -35.33 34.85 -10.13
CA PHE F 38 -34.06 34.91 -10.86
C PHE F 38 -32.90 34.50 -9.95
N LEU F 39 -32.80 35.15 -8.79
CA LEU F 39 -31.75 34.84 -7.81
C LEU F 39 -31.79 33.39 -7.33
N GLU F 40 -32.98 32.86 -7.09
CA GLU F 40 -33.11 31.46 -6.71
C GLU F 40 -32.46 30.60 -7.78
N ASN F 41 -32.86 30.82 -9.03
CA ASN F 41 -32.36 30.04 -10.17
C ASN F 41 -30.85 30.13 -10.33
N VAL F 42 -30.30 31.32 -10.18
CA VAL F 42 -28.87 31.53 -10.33
C VAL F 42 -28.14 30.91 -9.13
N ILE F 43 -28.57 31.25 -7.92
CA ILE F 43 -27.90 30.79 -6.70
C ILE F 43 -27.92 29.27 -6.58
N ARG F 44 -29.04 28.65 -6.92
CA ARG F 44 -29.17 27.19 -6.88
C ARG F 44 -28.01 26.52 -7.62
N ASP F 45 -27.70 27.01 -8.81
CA ASP F 45 -26.65 26.42 -9.64
C ASP F 45 -25.26 26.75 -9.12
N ALA F 46 -25.04 28.01 -8.73
CA ALA F 46 -23.76 28.42 -8.13
C ALA F 46 -23.41 27.51 -6.97
N VAL F 47 -24.37 27.31 -6.08
CA VAL F 47 -24.19 26.44 -4.92
C VAL F 47 -23.94 25.00 -5.36
N THR F 48 -24.67 24.55 -6.38
CA THR F 48 -24.45 23.21 -6.91
C THR F 48 -23.00 23.06 -7.38
N TYR F 49 -22.43 24.13 -7.94
CA TYR F 49 -21.01 24.16 -8.29
C TYR F 49 -20.14 24.17 -7.03
N THR F 50 -20.44 25.06 -6.10
CA THR F 50 -19.67 25.18 -4.85
C THR F 50 -19.55 23.86 -4.09
N GLU F 51 -20.67 23.13 -3.99
CA GLU F 51 -20.70 21.84 -3.29
C GLU F 51 -19.90 20.75 -3.99
N HIS F 52 -19.92 20.76 -5.31
CA HIS F 52 -19.17 19.81 -6.09
C HIS F 52 -17.68 20.08 -5.94
N ALA F 53 -17.33 21.34 -5.77
CA ALA F 53 -15.95 21.73 -5.50
C ALA F 53 -15.52 21.45 -4.07
N LYS F 54 -16.40 20.85 -3.27
CA LYS F 54 -16.12 20.47 -1.90
C LYS F 54 -15.73 21.68 -1.05
N ARG F 55 -16.35 22.82 -1.35
CA ARG F 55 -16.03 24.06 -0.68
C ARG F 55 -17.16 24.47 0.25
N LYS F 56 -16.86 25.39 1.15
CA LYS F 56 -17.87 26.02 2.01
C LYS F 56 -17.94 27.54 1.73
N THR F 57 -17.30 27.95 0.65
CA THR F 57 -17.29 29.35 0.21
C THR F 57 -17.71 29.43 -1.26
N VAL F 58 -18.73 30.22 -1.54
CA VAL F 58 -19.18 30.46 -2.90
C VAL F 58 -18.22 31.47 -3.53
N THR F 59 -17.56 31.06 -4.62
CA THR F 59 -16.66 31.97 -5.35
C THR F 59 -17.44 32.77 -6.40
N ALA F 60 -16.75 33.72 -7.03
CA ALA F 60 -17.31 34.46 -8.15
C ALA F 60 -17.45 33.56 -9.36
N MET F 61 -16.50 32.64 -9.54
CA MET F 61 -16.52 31.68 -10.66
C MET F 61 -17.67 30.67 -10.53
N ASP F 62 -18.13 30.43 -9.31
CA ASP F 62 -19.34 29.65 -9.08
C ASP F 62 -20.53 30.37 -9.69
N VAL F 63 -20.63 31.66 -9.42
CA VAL F 63 -21.69 32.52 -9.99
C VAL F 63 -21.55 32.64 -11.52
N VAL F 64 -20.34 32.91 -11.99
CA VAL F 64 -20.08 33.12 -13.42
C VAL F 64 -20.40 31.87 -14.25
N TYR F 65 -20.06 30.69 -13.74
CA TYR F 65 -20.42 29.44 -14.42
C TYR F 65 -21.92 29.18 -14.38
N ALA F 66 -22.56 29.58 -13.28
CA ALA F 66 -24.02 29.49 -13.18
C ALA F 66 -24.72 30.42 -14.15
N LEU F 67 -24.27 31.67 -14.23
CA LEU F 67 -24.88 32.65 -15.13
C LEU F 67 -24.78 32.27 -16.61
N LYS F 68 -23.64 31.66 -16.99
CA LYS F 68 -23.43 31.19 -18.36
C LYS F 68 -24.37 30.03 -18.69
N ARG F 69 -24.67 29.19 -17.68
CA ARG F 69 -25.69 28.14 -17.81
C ARG F 69 -27.10 28.66 -18.11
N GLN F 70 -27.46 29.80 -17.50
CA GLN F 70 -28.80 30.41 -17.68
C GLN F 70 -28.90 31.11 -19.03
N GLY F 71 -27.77 31.24 -19.73
CA GLY F 71 -27.70 31.99 -20.98
C GLY F 71 -27.56 33.47 -20.71
N ARG F 72 -26.95 33.81 -19.57
CA ARG F 72 -26.88 35.19 -19.12
C ARG F 72 -25.45 35.54 -18.72
N THR F 73 -24.54 35.33 -19.67
CA THR F 73 -23.10 35.42 -19.45
C THR F 73 -22.69 36.80 -18.91
N LEU F 74 -21.66 36.80 -18.05
CA LEU F 74 -21.22 38.02 -17.35
C LEU F 74 -19.71 38.27 -17.50
N TYR F 75 -19.35 39.46 -17.95
CA TYR F 75 -17.95 39.85 -18.20
C TYR F 75 -17.40 40.77 -17.09
N GLY F 76 -16.24 40.40 -16.54
CA GLY F 76 -15.55 41.24 -15.56
C GLY F 76 -15.37 40.62 -14.18
N PHE F 77 -15.62 39.33 -14.04
CA PHE F 77 -15.48 38.66 -12.76
C PHE F 77 -14.71 37.35 -12.90
N GLY F 78 -13.94 37.24 -13.99
CA GLY F 78 -13.29 35.98 -14.34
C GLY F 78 -14.09 35.27 -15.41
N GLY F 79 -13.60 34.09 -15.80
CA GLY F 79 -14.18 33.35 -16.91
C GLY F 79 -13.69 33.89 -18.25
N THR G 1 -22.38 -9.31 -19.17
CA THR G 1 -22.60 -7.89 -19.60
C THR G 1 -22.77 -6.98 -18.40
N ARG G 2 -22.32 -5.74 -18.55
CA ARG G 2 -22.38 -4.76 -17.48
C ARG G 2 -23.80 -4.27 -17.21
N SER G 3 -24.66 -4.30 -18.24
CA SER G 3 -26.05 -3.91 -18.10
C SER G 3 -26.74 -4.69 -16.98
N SER G 4 -26.78 -6.00 -17.11
CA SER G 4 -27.46 -6.85 -16.13
C SER G 4 -26.84 -6.73 -14.75
N ARG G 5 -25.57 -6.36 -14.68
CA ARG G 5 -24.89 -6.18 -13.40
C ARG G 5 -25.46 -4.98 -12.64
N ALA G 6 -25.85 -3.93 -13.36
CA ALA G 6 -26.47 -2.76 -12.77
C ALA G 6 -28.00 -2.89 -12.65
N GLY G 7 -28.60 -3.70 -13.53
CA GLY G 7 -30.03 -3.94 -13.55
C GLY G 7 -30.77 -3.14 -14.61
N LEU G 8 -30.11 -2.86 -15.73
CA LEU G 8 -30.59 -1.90 -16.70
C LEU G 8 -30.85 -2.54 -18.06
N GLN G 9 -31.71 -1.87 -18.84
CA GLN G 9 -32.02 -2.26 -20.22
C GLN G 9 -31.12 -1.48 -21.18
N PHE G 10 -30.75 -0.26 -20.79
CA PHE G 10 -29.88 0.59 -21.60
C PHE G 10 -28.42 0.12 -21.57
N PRO G 11 -27.74 0.18 -22.72
CA PRO G 11 -26.41 -0.41 -22.88
C PRO G 11 -25.31 0.34 -22.13
N VAL G 12 -24.74 -0.29 -21.12
CA VAL G 12 -23.69 0.34 -20.33
C VAL G 12 -22.39 0.41 -21.13
N GLY G 13 -22.10 -0.65 -21.88
CA GLY G 13 -20.90 -0.71 -22.71
C GLY G 13 -20.90 0.36 -23.78
N ARG G 14 -22.05 0.52 -24.43
CA ARG G 14 -22.23 1.52 -25.48
C ARG G 14 -21.98 2.94 -24.97
N VAL G 15 -22.57 3.24 -23.82
CA VAL G 15 -22.44 4.56 -23.21
C VAL G 15 -20.98 4.84 -22.82
N HIS G 16 -20.26 3.82 -22.32
CA HIS G 16 -18.85 4.00 -21.97
C HIS G 16 -17.98 4.27 -23.20
N ARG G 17 -18.31 3.65 -24.32
CA ARG G 17 -17.63 3.95 -25.58
C ARG G 17 -17.87 5.41 -25.94
N LEU G 18 -19.15 5.78 -26.06
CA LEU G 18 -19.55 7.12 -26.48
C LEU G 18 -18.98 8.23 -25.61
N LEU G 19 -18.68 7.92 -24.35
CA LEU G 19 -18.10 8.90 -23.43
C LEU G 19 -16.61 9.18 -23.69
N ARG G 20 -15.84 8.12 -23.97
CA ARG G 20 -14.43 8.30 -24.33
C ARG G 20 -14.35 8.88 -25.73
N LYS G 21 -15.06 8.23 -26.65
CA LYS G 21 -15.15 8.65 -28.04
C LYS G 21 -15.44 10.14 -28.23
N GLY G 22 -16.31 10.70 -27.40
CA GLY G 22 -16.82 12.06 -27.61
C GLY G 22 -15.98 13.22 -27.08
N ASN G 23 -14.71 12.98 -26.79
CA ASN G 23 -13.83 14.02 -26.28
C ASN G 23 -14.52 14.83 -25.20
N TYR G 24 -14.97 14.13 -24.18
CA TYR G 24 -15.52 14.77 -23.00
C TYR G 24 -14.44 14.89 -21.93
N SER G 25 -13.53 13.92 -21.87
CA SER G 25 -12.41 13.97 -20.91
C SER G 25 -11.25 13.05 -21.29
N GLU G 26 -10.12 13.24 -20.62
CA GLU G 26 -8.98 12.33 -20.71
C GLU G 26 -9.39 10.90 -20.39
N ARG G 27 -10.03 10.74 -19.24
CA ARG G 27 -10.44 9.42 -18.77
C ARG G 27 -11.83 9.45 -18.16
N VAL G 28 -12.45 8.27 -18.11
CA VAL G 28 -13.84 8.11 -17.74
C VAL G 28 -13.94 7.03 -16.68
N GLY G 29 -14.50 7.37 -15.52
CA GLY G 29 -14.68 6.41 -14.43
C GLY G 29 -15.57 5.23 -14.77
N ALA G 30 -15.50 4.18 -13.95
CA ALA G 30 -16.27 2.96 -14.17
C ALA G 30 -17.75 3.17 -13.87
N GLY G 31 -18.03 4.04 -12.90
CA GLY G 31 -19.39 4.34 -12.48
C GLY G 31 -20.13 5.18 -13.50
N ALA G 32 -19.44 6.22 -14.00
CA ALA G 32 -20.03 7.21 -14.91
C ALA G 32 -20.99 6.62 -15.95
N PRO G 33 -20.51 5.68 -16.78
CA PRO G 33 -21.44 5.12 -17.75
C PRO G 33 -22.68 4.48 -17.11
N VAL G 34 -22.50 3.74 -16.03
CA VAL G 34 -23.61 3.05 -15.38
C VAL G 34 -24.64 4.07 -14.89
N TYR G 35 -24.16 5.11 -14.23
CA TYR G 35 -25.02 6.18 -13.72
C TYR G 35 -25.75 6.83 -14.88
N LEU G 36 -25.03 7.14 -15.96
CA LEU G 36 -25.60 7.84 -17.11
C LEU G 36 -26.59 6.99 -17.89
N ALA G 37 -26.26 5.73 -18.13
CA ALA G 37 -27.21 4.80 -18.74
C ALA G 37 -28.50 4.75 -17.93
N ALA G 38 -28.36 4.72 -16.61
CA ALA G 38 -29.50 4.62 -15.69
C ALA G 38 -30.40 5.86 -15.77
N VAL G 39 -29.78 7.03 -15.81
CA VAL G 39 -30.51 8.29 -15.94
C VAL G 39 -31.18 8.38 -17.31
N LEU G 40 -30.50 7.90 -18.34
CA LEU G 40 -31.09 7.83 -19.67
C LEU G 40 -32.28 6.89 -19.69
N GLU G 41 -32.13 5.71 -19.09
CA GLU G 41 -33.22 4.73 -19.02
C GLU G 41 -34.45 5.32 -18.34
N TYR G 42 -34.22 6.08 -17.27
CA TYR G 42 -35.31 6.65 -16.48
C TYR G 42 -36.13 7.67 -17.25
N LEU G 43 -35.46 8.59 -17.91
CA LEU G 43 -36.13 9.66 -18.65
C LEU G 43 -36.88 9.11 -19.87
N THR G 44 -36.34 8.05 -20.49
CA THR G 44 -37.03 7.32 -21.55
C THR G 44 -38.33 6.75 -21.01
N ALA G 45 -38.23 6.06 -19.89
CA ALA G 45 -39.38 5.47 -19.22
C ALA G 45 -40.43 6.55 -18.88
N GLU G 46 -39.99 7.63 -18.27
CA GLU G 46 -40.89 8.74 -17.90
C GLU G 46 -41.66 9.27 -19.12
N ILE G 47 -41.00 9.39 -20.27
CA ILE G 47 -41.66 9.89 -21.48
C ILE G 47 -42.66 8.87 -22.00
N LEU G 48 -42.22 7.62 -22.11
CA LEU G 48 -43.05 6.53 -22.63
C LEU G 48 -44.24 6.23 -21.72
N GLU G 49 -44.05 6.47 -20.42
CA GLU G 49 -45.13 6.35 -19.43
C GLU G 49 -46.29 7.26 -19.78
N LEU G 50 -45.98 8.54 -20.01
CA LEU G 50 -46.98 9.58 -20.26
C LEU G 50 -47.43 9.63 -21.72
N ALA G 51 -46.54 9.23 -22.63
CA ALA G 51 -46.91 9.04 -24.04
C ALA G 51 -47.89 7.89 -24.17
N GLY G 52 -47.60 6.79 -23.47
CA GLY G 52 -48.47 5.61 -23.44
C GLY G 52 -49.86 5.94 -22.93
N ASN G 53 -49.94 6.80 -21.91
CA ASN G 53 -51.22 7.28 -21.40
C ASN G 53 -51.91 8.16 -22.43
N ALA G 54 -51.14 8.99 -23.13
CA ALA G 54 -51.68 9.80 -24.22
C ALA G 54 -52.27 8.92 -25.32
N ALA G 55 -51.53 7.89 -25.74
CA ALA G 55 -52.00 6.98 -26.76
C ALA G 55 -53.33 6.29 -26.38
N ARG G 56 -53.51 5.95 -25.11
CA ARG G 56 -54.74 5.31 -24.64
C ARG G 56 -55.91 6.30 -24.64
N ASP G 57 -55.65 7.56 -24.35
CA ASP G 57 -56.67 8.59 -24.43
C ASP G 57 -57.17 8.77 -25.86
N ASN G 58 -56.26 8.84 -26.83
CA ASN G 58 -56.62 8.98 -28.25
C ASN G 58 -57.10 7.67 -28.87
N LYS G 59 -57.23 6.62 -28.06
CA LYS G 59 -57.72 5.31 -28.47
C LYS G 59 -56.78 4.66 -29.50
N LYS G 60 -55.50 4.66 -29.17
CA LYS G 60 -54.46 4.11 -30.02
C LYS G 60 -53.58 3.17 -29.20
N THR G 61 -53.25 2.02 -29.77
CA THR G 61 -52.30 1.11 -29.14
C THR G 61 -50.87 1.57 -29.39
N ARG G 62 -50.61 2.16 -30.57
CA ARG G 62 -49.26 2.59 -30.94
C ARG G 62 -49.00 4.08 -30.73
N ILE G 63 -47.88 4.40 -30.09
CA ILE G 63 -47.48 5.78 -29.87
C ILE G 63 -47.01 6.42 -31.17
N ILE G 64 -47.35 7.69 -31.35
CA ILE G 64 -46.94 8.48 -32.52
C ILE G 64 -46.40 9.80 -31.99
N PRO G 65 -45.63 10.54 -32.83
CA PRO G 65 -45.04 11.79 -32.36
C PRO G 65 -45.99 12.67 -31.55
N ARG G 66 -47.25 12.79 -31.97
CA ARG G 66 -48.23 13.61 -31.24
C ARG G 66 -48.34 13.21 -29.78
N HIS G 67 -48.49 11.92 -29.52
CA HIS G 67 -48.65 11.41 -28.16
C HIS G 67 -47.45 11.80 -27.30
N LEU G 68 -46.26 11.84 -27.91
CA LEU G 68 -45.06 12.32 -27.22
C LEU G 68 -45.16 13.81 -26.94
N GLN G 69 -45.54 14.59 -27.95
CA GLN G 69 -45.75 16.04 -27.82
C GLN G 69 -46.75 16.35 -26.71
N LEU G 70 -47.96 15.79 -26.84
CA LEU G 70 -49.01 15.97 -25.85
C LEU G 70 -48.52 15.61 -24.43
N ALA G 71 -47.82 14.49 -24.32
CA ALA G 71 -47.26 14.05 -23.04
C ALA G 71 -46.31 15.10 -22.47
N ILE G 72 -45.36 15.52 -23.29
CA ILE G 72 -44.30 16.44 -22.88
C ILE G 72 -44.85 17.81 -22.47
N ARG G 73 -45.73 18.36 -23.28
CA ARG G 73 -46.18 19.74 -23.07
C ARG G 73 -47.19 19.87 -21.93
N ASN G 74 -47.99 18.82 -21.70
CA ASN G 74 -48.91 18.81 -20.56
C ASN G 74 -48.20 18.59 -19.23
N ASP G 75 -47.11 17.83 -19.25
CA ASP G 75 -46.24 17.74 -18.10
C ASP G 75 -45.50 19.07 -17.93
N GLU G 76 -45.25 19.46 -16.68
CA GLU G 76 -44.59 20.74 -16.39
C GLU G 76 -43.08 20.63 -16.49
N GLU G 77 -42.53 19.56 -15.95
CA GLU G 77 -41.07 19.38 -15.84
C GLU G 77 -40.41 18.89 -17.14
N LEU G 78 -41.11 18.06 -17.91
CA LEU G 78 -40.64 17.67 -19.23
C LEU G 78 -40.65 18.86 -20.21
N ASN G 79 -41.73 19.64 -20.19
CA ASN G 79 -41.84 20.83 -21.02
C ASN G 79 -40.66 21.79 -20.80
N LYS G 80 -40.20 21.90 -19.56
CA LYS G 80 -39.08 22.76 -19.20
C LYS G 80 -37.73 22.19 -19.62
N LEU G 81 -37.60 20.87 -19.56
CA LEU G 81 -36.41 20.18 -20.04
C LEU G 81 -36.28 20.33 -21.56
N LEU G 82 -37.41 20.16 -22.26
CA LEU G 82 -37.45 20.24 -23.71
C LEU G 82 -38.01 21.57 -24.21
N GLY G 83 -37.61 22.66 -23.56
CA GLY G 83 -38.17 23.97 -23.84
C GLY G 83 -37.75 24.58 -25.18
N ARG G 84 -36.65 24.10 -25.75
CA ARG G 84 -36.19 24.61 -27.04
C ARG G 84 -36.20 23.52 -28.09
N VAL G 85 -37.08 22.55 -27.90
CA VAL G 85 -37.09 21.37 -28.73
C VAL G 85 -38.38 21.32 -29.54
N THR G 86 -38.22 21.05 -30.83
CA THR G 86 -39.35 20.91 -31.74
C THR G 86 -39.57 19.42 -32.03
N ILE G 87 -40.70 18.88 -31.59
CA ILE G 87 -41.02 17.48 -31.88
C ILE G 87 -41.75 17.40 -33.20
N ALA G 88 -41.05 16.94 -34.23
CA ALA G 88 -41.62 16.83 -35.56
C ALA G 88 -42.91 16.01 -35.54
N GLN G 89 -43.91 16.45 -36.29
CA GLN G 89 -45.25 15.83 -36.33
C GLN G 89 -45.99 15.84 -34.99
N GLY G 90 -45.63 16.82 -34.15
CA GLY G 90 -46.14 16.92 -32.79
C GLY G 90 -47.41 17.73 -32.68
N GLY G 91 -47.43 18.88 -33.33
CA GLY G 91 -48.58 19.79 -33.25
C GLY G 91 -48.47 20.59 -31.99
N VAL G 92 -49.60 21.14 -31.55
CA VAL G 92 -49.66 21.94 -30.32
C VAL G 92 -50.79 21.47 -29.39
N LEU G 93 -50.77 21.93 -28.15
CA LEU G 93 -51.88 21.66 -27.24
C LEU G 93 -53.06 22.50 -27.68
N PRO G 94 -54.26 21.91 -27.73
CA PRO G 94 -55.46 22.70 -28.00
C PRO G 94 -55.65 23.75 -26.90
N ASN G 95 -55.70 25.02 -27.29
CA ASN G 95 -55.80 26.10 -26.33
C ASN G 95 -56.25 27.37 -27.03
N ILE G 96 -57.51 27.75 -26.81
CA ILE G 96 -58.06 28.98 -27.35
C ILE G 96 -58.15 30.02 -26.23
N GLN G 97 -57.69 31.24 -26.51
CA GLN G 97 -57.75 32.31 -25.54
C GLN G 97 -59.20 32.64 -25.22
N ALA G 98 -59.50 32.78 -23.93
CA ALA G 98 -60.88 33.04 -23.47
C ALA G 98 -61.57 34.18 -24.21
N VAL G 99 -60.85 35.28 -24.41
CA VAL G 99 -61.42 36.48 -25.03
C VAL G 99 -61.91 36.26 -26.46
N LEU G 100 -61.51 35.16 -27.10
CA LEU G 100 -61.90 34.86 -28.47
C LEU G 100 -63.22 34.08 -28.57
N LEU G 101 -63.70 33.55 -27.45
CA LEU G 101 -64.92 32.76 -27.42
C LEU G 101 -66.13 33.70 -27.42
N PRO G 102 -67.23 33.28 -28.08
CA PRO G 102 -68.42 34.13 -28.15
C PRO G 102 -69.18 34.15 -26.83
N LYS G 103 -69.62 35.34 -26.40
CA LYS G 103 -70.29 35.49 -25.11
C LYS G 103 -71.81 35.35 -25.24
N ARG H 1 -28.79 -7.20 -51.87
CA ARG H 1 -27.81 -6.08 -51.82
C ARG H 1 -26.95 -6.13 -50.54
N LYS H 2 -26.28 -5.03 -50.19
CA LYS H 2 -25.25 -5.07 -49.16
C LYS H 2 -25.22 -3.94 -48.12
N ARG H 3 -26.06 -4.08 -47.09
CA ARG H 3 -25.76 -3.52 -45.78
C ARG H 3 -25.71 -1.98 -45.67
N SER H 4 -25.36 -1.50 -44.48
CA SER H 4 -24.96 -0.12 -44.16
C SER H 4 -25.35 0.19 -42.71
N ARG H 5 -24.41 -0.01 -41.80
CA ARG H 5 -24.68 -0.07 -40.37
C ARG H 5 -24.77 1.30 -39.69
N LYS H 6 -25.90 1.57 -39.04
CA LYS H 6 -26.08 2.80 -38.26
C LYS H 6 -26.76 2.48 -36.93
N GLU H 7 -26.09 2.81 -35.83
CA GLU H 7 -26.56 2.46 -34.49
C GLU H 7 -27.58 3.43 -33.92
N SER H 8 -28.50 2.90 -33.11
CA SER H 8 -29.58 3.66 -32.49
C SER H 8 -29.91 3.07 -31.12
N TYR H 9 -30.84 3.70 -30.41
CA TYR H 9 -31.28 3.17 -29.10
C TYR H 9 -32.62 2.46 -29.22
N SER H 10 -33.02 2.06 -30.43
CA SER H 10 -34.37 1.57 -30.69
C SER H 10 -34.74 0.28 -29.92
N ILE H 11 -33.81 -0.66 -29.80
CA ILE H 11 -34.13 -1.94 -29.14
C ILE H 11 -34.35 -1.80 -27.63
N TYR H 12 -33.74 -0.78 -27.03
CA TYR H 12 -33.82 -0.56 -25.59
C TYR H 12 -35.07 0.25 -25.26
N VAL H 13 -35.45 1.13 -26.16
CA VAL H 13 -36.69 1.90 -26.01
C VAL H 13 -37.89 0.96 -26.05
N TYR H 14 -37.82 -0.09 -26.87
CA TYR H 14 -38.83 -1.16 -26.85
C TYR H 14 -38.85 -1.88 -25.51
N LYS H 15 -37.66 -2.28 -25.05
CA LYS H 15 -37.54 -2.99 -23.77
C LYS H 15 -38.12 -2.19 -22.60
N VAL H 16 -37.87 -0.88 -22.59
CA VAL H 16 -38.42 0.01 -21.56
C VAL H 16 -39.93 0.22 -21.75
N LEU H 17 -40.37 0.27 -23.01
CA LEU H 17 -41.79 0.43 -23.32
C LEU H 17 -42.61 -0.76 -22.82
N LYS H 18 -42.08 -1.96 -22.96
CA LYS H 18 -42.79 -3.16 -22.49
C LYS H 18 -42.78 -3.32 -20.98
N GLN H 19 -41.90 -2.58 -20.30
CA GLN H 19 -41.95 -2.51 -18.84
C GLN H 19 -43.12 -1.64 -18.39
N VAL H 20 -43.10 -0.37 -18.78
CA VAL H 20 -44.11 0.60 -18.34
C VAL H 20 -45.50 0.31 -18.92
N HIS H 21 -45.56 -0.10 -20.17
CA HIS H 21 -46.82 -0.39 -20.85
C HIS H 21 -46.67 -1.62 -21.72
N PRO H 22 -46.99 -2.81 -21.18
CA PRO H 22 -46.77 -4.07 -21.91
C PRO H 22 -47.50 -4.17 -23.24
N ASP H 23 -48.72 -3.62 -23.30
CA ASP H 23 -49.61 -3.79 -24.44
C ASP H 23 -49.81 -2.50 -25.24
N THR H 24 -48.72 -1.90 -25.69
CA THR H 24 -48.77 -0.73 -26.57
C THR H 24 -47.41 -0.49 -27.25
N GLY H 25 -47.43 -0.34 -28.57
CA GLY H 25 -46.23 -0.21 -29.39
C GLY H 25 -45.80 1.22 -29.66
N ILE H 26 -45.18 1.44 -30.83
CA ILE H 26 -44.61 2.75 -31.21
C ILE H 26 -44.23 2.82 -32.70
N SER H 27 -44.60 3.91 -33.37
CA SER H 27 -44.29 4.08 -34.79
C SER H 27 -42.84 4.52 -34.96
N SER H 28 -42.30 4.31 -36.16
CA SER H 28 -40.90 4.61 -36.43
C SER H 28 -40.58 6.10 -36.25
N LYS H 29 -41.50 6.96 -36.67
CA LYS H 29 -41.32 8.40 -36.47
C LYS H 29 -41.15 8.69 -34.98
N ALA H 30 -42.08 8.19 -34.18
CA ALA H 30 -42.01 8.35 -32.73
C ALA H 30 -40.69 7.83 -32.18
N MET H 31 -40.25 6.68 -32.69
CA MET H 31 -38.97 6.10 -32.27
C MET H 31 -37.80 7.02 -32.62
N GLY H 32 -37.83 7.58 -33.82
CA GLY H 32 -36.78 8.49 -34.28
C GLY H 32 -36.71 9.78 -33.49
N ILE H 33 -37.82 10.15 -32.86
CA ILE H 33 -37.83 11.27 -31.92
C ILE H 33 -37.18 10.84 -30.61
N MET H 34 -37.62 9.71 -30.06
CA MET H 34 -36.99 9.15 -28.87
C MET H 34 -35.49 9.02 -29.08
N ASN H 35 -35.11 8.54 -30.24
CA ASN H 35 -33.72 8.41 -30.62
C ASN H 35 -33.02 9.77 -30.55
N SER H 36 -33.67 10.81 -31.07
CA SER H 36 -33.16 12.18 -30.95
C SER H 36 -33.14 12.67 -29.50
N PHE H 37 -34.11 12.23 -28.72
CA PHE H 37 -34.21 12.60 -27.30
C PHE H 37 -33.09 12.02 -26.46
N VAL H 38 -32.86 10.73 -26.58
CA VAL H 38 -31.78 10.08 -25.83
C VAL H 38 -30.43 10.73 -26.17
N ASN H 39 -30.17 10.91 -27.47
CA ASN H 39 -28.94 11.56 -27.94
C ASN H 39 -28.82 13.01 -27.51
N ASP H 40 -29.93 13.74 -27.48
CA ASP H 40 -29.93 15.15 -27.08
C ASP H 40 -29.47 15.29 -25.63
N ILE H 41 -30.03 14.48 -24.74
CA ILE H 41 -29.70 14.58 -23.33
C ILE H 41 -28.32 13.99 -23.02
N PHE H 42 -27.96 12.92 -23.71
CA PHE H 42 -26.62 12.36 -23.57
C PHE H 42 -25.58 13.48 -23.65
N GLU H 43 -25.61 14.23 -24.75
CA GLU H 43 -24.65 15.30 -24.97
C GLU H 43 -24.81 16.39 -23.93
N ARG H 44 -26.05 16.67 -23.55
CA ARG H 44 -26.33 17.72 -22.58
C ARG H 44 -25.75 17.41 -21.21
N ILE H 45 -25.93 16.17 -20.74
CA ILE H 45 -25.38 15.75 -19.46
C ILE H 45 -23.86 15.68 -19.57
N ALA H 46 -23.38 14.83 -20.47
CA ALA H 46 -21.94 14.61 -20.64
C ALA H 46 -21.17 15.92 -20.79
N GLY H 47 -21.72 16.85 -21.56
CA GLY H 47 -21.09 18.15 -21.78
C GLY H 47 -20.98 18.94 -20.48
N GLU H 48 -22.07 18.96 -19.73
CA GLU H 48 -22.11 19.66 -18.45
C GLU H 48 -21.08 19.06 -17.49
N ALA H 49 -20.97 17.73 -17.51
CA ALA H 49 -20.01 16.99 -16.71
C ALA H 49 -18.58 17.28 -17.15
N SER H 50 -18.38 17.32 -18.47
CA SER H 50 -17.07 17.64 -19.03
C SER H 50 -16.56 18.97 -18.51
N ARG H 51 -17.42 19.98 -18.54
CA ARG H 51 -17.08 21.31 -18.01
C ARG H 51 -16.86 21.33 -16.50
N LEU H 52 -17.57 20.47 -15.77
CA LEU H 52 -17.35 20.30 -14.31
C LEU H 52 -15.90 19.93 -14.04
N ALA H 53 -15.45 18.86 -14.69
CA ALA H 53 -14.07 18.41 -14.58
C ALA H 53 -13.12 19.56 -14.88
N HIS H 54 -13.28 20.19 -16.04
CA HIS H 54 -12.40 21.30 -16.44
C HIS H 54 -12.31 22.39 -15.39
N TYR H 55 -13.46 22.85 -14.90
CA TYR H 55 -13.48 23.91 -13.89
C TYR H 55 -12.68 23.51 -12.65
N ASN H 56 -12.86 22.25 -12.22
CA ASN H 56 -12.23 21.73 -11.01
C ASN H 56 -10.84 21.12 -11.24
N LYS H 57 -10.29 21.31 -12.43
CA LYS H 57 -8.93 20.87 -12.76
C LYS H 57 -8.71 19.36 -12.54
N ARG H 58 -9.67 18.57 -13.03
CA ARG H 58 -9.62 17.11 -12.95
C ARG H 58 -9.62 16.49 -14.35
N SER H 59 -8.94 15.35 -14.46
CA SER H 59 -8.81 14.62 -15.73
C SER H 59 -9.94 13.62 -15.96
N THR H 60 -10.51 13.10 -14.87
CA THR H 60 -11.47 12.00 -14.96
C THR H 60 -12.92 12.47 -14.70
N ILE H 61 -13.82 12.08 -15.60
CA ILE H 61 -15.25 12.15 -15.34
C ILE H 61 -15.62 10.86 -14.60
N THR H 62 -16.22 11.03 -13.43
CA THR H 62 -16.65 9.89 -12.62
C THR H 62 -18.16 9.99 -12.49
N SER H 63 -18.76 9.05 -11.77
CA SER H 63 -20.20 9.08 -11.54
C SER H 63 -20.61 10.33 -10.79
N ARG H 64 -19.68 10.88 -10.00
CA ARG H 64 -19.91 12.12 -9.26
C ARG H 64 -20.18 13.32 -10.16
N GLU H 65 -19.49 13.38 -11.28
CA GLU H 65 -19.67 14.48 -12.23
C GLU H 65 -20.98 14.34 -12.97
N ILE H 66 -21.36 13.09 -13.25
CA ILE H 66 -22.63 12.80 -13.88
C ILE H 66 -23.78 13.22 -12.95
N GLN H 67 -23.63 12.94 -11.66
CA GLN H 67 -24.61 13.34 -10.67
C GLN H 67 -24.82 14.87 -10.60
N THR H 68 -23.71 15.61 -10.56
CA THR H 68 -23.77 17.08 -10.52
C THR H 68 -24.39 17.65 -11.80
N ALA H 69 -23.97 17.12 -12.94
CA ALA H 69 -24.57 17.47 -14.21
C ALA H 69 -26.08 17.36 -14.11
N VAL H 70 -26.57 16.18 -13.68
CA VAL H 70 -27.99 15.90 -13.59
C VAL H 70 -28.76 16.87 -12.70
N ARG H 71 -28.11 17.39 -11.66
CA ARG H 71 -28.78 18.34 -10.79
C ARG H 71 -28.84 19.73 -11.42
N LEU H 72 -27.76 20.15 -12.07
CA LEU H 72 -27.74 21.41 -12.81
C LEU H 72 -28.68 21.41 -14.01
N LEU H 73 -28.80 20.25 -14.67
CA LEU H 73 -29.53 20.15 -15.94
C LEU H 73 -31.02 19.82 -15.79
N LEU H 74 -31.36 18.77 -15.06
CA LEU H 74 -32.77 18.39 -14.88
C LEU H 74 -33.48 19.28 -13.87
N PRO H 75 -34.80 19.48 -14.05
CA PRO H 75 -35.60 20.24 -13.08
C PRO H 75 -35.92 19.44 -11.81
N GLY H 76 -36.38 20.14 -10.78
CA GLY H 76 -36.48 19.64 -9.42
C GLY H 76 -36.79 18.17 -9.17
N GLU H 77 -38.04 17.78 -9.42
CA GLU H 77 -38.50 16.43 -9.09
C GLU H 77 -37.97 15.41 -10.08
N LEU H 78 -37.73 15.84 -11.31
CA LEU H 78 -37.17 14.98 -12.36
C LEU H 78 -35.70 14.66 -12.04
N ALA H 79 -35.04 15.59 -11.34
CA ALA H 79 -33.67 15.41 -10.89
C ALA H 79 -33.59 14.39 -9.76
N LYS H 80 -34.38 14.60 -8.70
CA LYS H 80 -34.35 13.71 -7.53
C LYS H 80 -34.45 12.24 -7.91
N HIS H 81 -35.40 11.91 -8.79
CA HIS H 81 -35.61 10.54 -9.23
C HIS H 81 -34.42 10.04 -10.07
N ALA H 82 -33.90 10.91 -10.93
CA ALA H 82 -32.75 10.57 -11.79
C ALA H 82 -31.49 10.29 -10.98
N VAL H 83 -31.27 11.05 -9.92
CA VAL H 83 -30.18 10.80 -8.96
C VAL H 83 -30.35 9.44 -8.29
N SER H 84 -31.57 9.12 -7.92
CA SER H 84 -31.87 7.88 -7.19
C SER H 84 -31.74 6.63 -8.05
N GLU H 85 -32.27 6.67 -9.27
CA GLU H 85 -32.12 5.55 -10.20
C GLU H 85 -30.66 5.37 -10.58
N GLY H 86 -29.94 6.49 -10.66
CA GLY H 86 -28.50 6.48 -10.88
C GLY H 86 -27.80 5.81 -9.72
N THR H 87 -27.75 6.49 -8.59
CA THR H 87 -27.10 5.97 -7.38
C THR H 87 -27.42 4.49 -7.11
N LYS H 88 -28.67 4.10 -7.32
CA LYS H 88 -29.11 2.70 -7.17
C LYS H 88 -28.42 1.79 -8.18
N ALA H 89 -28.42 2.21 -9.44
CA ALA H 89 -27.82 1.43 -10.52
C ALA H 89 -26.30 1.23 -10.36
N VAL H 90 -25.62 2.25 -9.84
CA VAL H 90 -24.18 2.16 -9.57
C VAL H 90 -23.91 1.21 -8.40
N THR H 91 -24.77 1.27 -7.37
CA THR H 91 -24.62 0.44 -6.16
C THR H 91 -24.78 -1.05 -6.45
N LYS H 92 -25.76 -1.41 -7.26
CA LYS H 92 -25.95 -2.80 -7.65
C LYS H 92 -24.81 -3.29 -8.54
N TYR H 93 -24.25 -2.39 -9.33
CA TYR H 93 -23.14 -2.73 -10.24
C TYR H 93 -21.86 -3.03 -9.49
N THR H 94 -21.51 -2.18 -8.54
CA THR H 94 -20.26 -2.34 -7.79
C THR H 94 -20.33 -3.46 -6.75
N SER H 95 -21.52 -3.91 -6.42
CA SER H 95 -21.70 -5.04 -5.49
C SER H 95 -21.95 -6.37 -6.22
N ALA H 96 -21.84 -6.38 -7.55
CA ALA H 96 -21.92 -7.61 -8.35
C ALA H 96 -20.67 -7.75 -9.21
N LYS H 97 -19.56 -7.19 -8.71
CA LYS H 97 -18.29 -7.09 -9.45
C LYS H 97 -17.85 -8.44 -10.03
N PRO K 1 -18.95 -2.01 28.74
CA PRO K 1 -18.04 -2.96 28.14
C PRO K 1 -17.62 -4.00 29.17
N HIS K 2 -16.53 -4.73 28.89
CA HIS K 2 -15.85 -5.51 29.90
C HIS K 2 -14.34 -5.33 29.74
N ARG K 3 -13.61 -5.48 30.84
CA ARG K 3 -12.16 -5.38 30.82
C ARG K 3 -11.51 -6.22 31.92
N TYR K 4 -10.64 -7.13 31.51
CA TYR K 4 -9.78 -7.87 32.42
C TYR K 4 -8.63 -6.99 32.85
N ARG K 5 -8.17 -7.17 34.08
CA ARG K 5 -7.08 -6.38 34.61
C ARG K 5 -5.78 -6.82 33.94
N PRO K 6 -4.89 -5.86 33.67
CA PRO K 6 -3.66 -6.27 32.99
C PRO K 6 -2.94 -7.39 33.74
N GLY K 7 -2.48 -8.37 32.99
CA GLY K 7 -1.80 -9.52 33.56
C GLY K 7 -2.69 -10.72 33.71
N THR K 8 -3.99 -10.57 33.44
CA THR K 8 -4.93 -11.66 33.61
C THR K 8 -4.96 -12.57 32.38
N VAL K 9 -5.05 -11.97 31.20
CA VAL K 9 -5.00 -12.74 29.95
C VAL K 9 -3.60 -13.27 29.75
N ALA K 10 -2.60 -12.42 30.02
CA ALA K 10 -1.20 -12.81 29.98
C ALA K 10 -1.03 -14.15 30.70
N LEU K 11 -1.54 -14.22 31.92
CA LEU K 11 -1.48 -15.46 32.69
C LEU K 11 -2.29 -16.59 32.05
N ARG K 12 -3.43 -16.28 31.44
CA ARG K 12 -4.17 -17.29 30.69
C ARG K 12 -3.36 -17.88 29.54
N GLU K 13 -2.65 -17.02 28.82
CA GLU K 13 -1.83 -17.44 27.68
C GLU K 13 -0.66 -18.34 28.09
N ILE K 14 0.00 -18.00 29.19
CA ILE K 14 1.08 -18.83 29.72
C ILE K 14 0.57 -20.27 29.96
N ARG K 15 -0.59 -20.37 30.59
CA ARG K 15 -1.23 -21.67 30.84
C ARG K 15 -1.49 -22.38 29.51
N ARG K 16 -2.09 -21.64 28.58
CA ARG K 16 -2.54 -22.18 27.30
C ARG K 16 -1.42 -22.76 26.44
N TYR K 17 -0.28 -22.07 26.37
CA TYR K 17 0.80 -22.49 25.48
C TYR K 17 1.74 -23.51 26.11
N GLN K 18 1.88 -23.48 27.43
CA GLN K 18 2.63 -24.51 28.14
C GLN K 18 1.90 -25.86 28.11
N LYS K 19 0.59 -25.79 27.87
CA LYS K 19 -0.26 -26.97 27.68
C LYS K 19 -0.14 -27.59 26.28
N SER K 20 0.22 -26.76 25.28
CA SER K 20 0.34 -27.20 23.88
C SER K 20 1.78 -27.38 23.43
N THR K 21 1.93 -28.01 22.27
CA THR K 21 3.23 -28.30 21.70
C THR K 21 3.42 -27.81 20.26
N GLU K 22 2.37 -27.24 19.67
CA GLU K 22 2.43 -26.83 18.27
C GLU K 22 3.38 -25.65 18.14
N LEU K 23 3.99 -25.51 16.97
CA LEU K 23 4.94 -24.44 16.74
C LEU K 23 4.24 -23.07 16.69
N LEU K 24 4.93 -22.05 17.17
CA LEU K 24 4.32 -20.75 17.40
C LEU K 24 4.63 -19.71 16.32
N ILE K 25 5.84 -19.71 15.78
CA ILE K 25 6.17 -18.84 14.66
C ILE K 25 5.46 -19.37 13.40
N ARG K 26 4.93 -18.46 12.58
CA ARG K 26 4.24 -18.85 11.35
C ARG K 26 5.26 -19.43 10.38
N LYS K 27 4.94 -20.61 9.86
CA LYS K 27 5.92 -21.45 9.17
C LYS K 27 6.54 -20.82 7.93
N LEU K 28 5.73 -20.13 7.14
CA LEU K 28 6.18 -19.59 5.85
C LEU K 28 7.20 -18.45 6.01
N PRO K 29 6.89 -17.45 6.85
CA PRO K 29 7.92 -16.45 7.16
C PRO K 29 9.21 -17.10 7.63
N PHE K 30 9.12 -18.00 8.60
CA PHE K 30 10.29 -18.70 9.13
C PHE K 30 11.08 -19.31 7.99
N GLN K 31 10.38 -20.00 7.09
CA GLN K 31 11.03 -20.61 5.95
C GLN K 31 11.75 -19.54 5.10
N ARG K 32 11.04 -18.48 4.73
CA ARG K 32 11.65 -17.43 3.89
C ARG K 32 12.84 -16.73 4.55
N LEU K 33 12.91 -16.78 5.87
CA LEU K 33 14.09 -16.32 6.61
C LEU K 33 15.23 -17.34 6.47
N VAL K 34 14.93 -18.60 6.76
CA VAL K 34 15.92 -19.68 6.61
C VAL K 34 16.59 -19.59 5.23
N ARG K 35 15.80 -19.41 4.18
CA ARG K 35 16.32 -19.33 2.82
C ARG K 35 17.18 -18.10 2.58
N GLU K 36 16.87 -17.00 3.26
CA GLU K 36 17.65 -15.76 3.13
C GLU K 36 19.03 -15.89 3.77
N ILE K 37 19.07 -16.47 4.96
CA ILE K 37 20.31 -16.65 5.72
C ILE K 37 21.26 -17.59 4.99
N ALA K 38 20.71 -18.64 4.39
CA ALA K 38 21.50 -19.64 3.68
C ALA K 38 22.13 -19.11 2.39
N GLN K 39 21.48 -18.13 1.75
CA GLN K 39 22.03 -17.53 0.51
C GLN K 39 23.40 -16.89 0.74
N ASP K 40 23.58 -16.35 1.93
CA ASP K 40 24.81 -15.64 2.29
C ASP K 40 25.98 -16.59 2.58
N PHE K 41 25.72 -17.91 2.59
CA PHE K 41 26.75 -18.93 2.71
C PHE K 41 27.04 -19.59 1.35
N LYS K 42 25.99 -20.10 0.72
CA LYS K 42 26.06 -20.67 -0.63
C LYS K 42 24.80 -20.34 -1.43
N THR K 43 24.97 -19.90 -2.67
CA THR K 43 23.85 -19.55 -3.53
C THR K 43 23.17 -20.76 -4.14
N ASP K 44 21.96 -20.57 -4.66
CA ASP K 44 21.29 -21.55 -5.51
C ASP K 44 20.97 -22.86 -4.75
N LEU K 45 20.51 -22.72 -3.52
CA LEU K 45 20.33 -23.88 -2.64
C LEU K 45 18.91 -24.45 -2.66
N ARG K 46 18.77 -25.66 -2.15
CA ARG K 46 17.46 -26.27 -1.89
C ARG K 46 17.41 -26.75 -0.44
N PHE K 47 16.19 -27.02 0.04
CA PHE K 47 15.97 -27.46 1.42
C PHE K 47 14.90 -28.54 1.48
N GLN K 48 15.19 -29.67 2.12
CA GLN K 48 14.15 -30.65 2.44
C GLN K 48 13.16 -29.97 3.36
N SER K 49 11.87 -30.18 3.15
CA SER K 49 10.87 -29.58 4.02
C SER K 49 11.17 -29.90 5.49
N SER K 50 11.57 -31.14 5.75
CA SER K 50 11.93 -31.59 7.09
C SER K 50 13.19 -30.91 7.63
N ALA K 51 14.10 -30.50 6.74
CA ALA K 51 15.25 -29.70 7.13
C ALA K 51 14.84 -28.33 7.69
N VAL K 52 13.80 -27.74 7.09
CA VAL K 52 13.23 -26.50 7.59
C VAL K 52 12.47 -26.73 8.90
N MET K 53 11.72 -27.83 8.97
CA MET K 53 11.00 -28.17 10.19
C MET K 53 11.95 -28.53 11.32
N ALA K 54 13.03 -29.24 10.99
CA ALA K 54 14.09 -29.51 11.94
C ALA K 54 14.60 -28.21 12.52
N LEU K 55 14.93 -27.27 11.65
CA LEU K 55 15.41 -25.96 12.09
C LEU K 55 14.41 -25.26 13.01
N GLN K 56 13.15 -25.21 12.60
CA GLN K 56 12.14 -24.47 13.36
C GLN K 56 11.85 -25.07 14.73
N GLU K 57 11.86 -26.39 14.80
CA GLU K 57 11.74 -27.06 16.08
C GLU K 57 12.88 -26.62 16.99
N ALA K 58 14.10 -26.63 16.48
CA ALA K 58 15.29 -26.29 17.26
C ALA K 58 15.30 -24.82 17.71
N CYS K 59 14.87 -23.93 16.82
CA CYS K 59 14.90 -22.49 17.07
C CYS K 59 13.99 -22.07 18.20
N GLU K 60 12.76 -22.56 18.17
CA GLU K 60 11.76 -22.18 19.16
C GLU K 60 12.09 -22.81 20.51
N ALA K 61 12.64 -24.02 20.48
CA ALA K 61 13.10 -24.68 21.69
C ALA K 61 14.16 -23.82 22.38
N TYR K 62 15.12 -23.35 21.58
CA TYR K 62 16.17 -22.46 22.06
C TYR K 62 15.60 -21.20 22.69
N LEU K 63 14.72 -20.52 21.95
CA LEU K 63 14.14 -19.25 22.37
C LEU K 63 13.22 -19.37 23.58
N VAL K 64 12.36 -20.38 23.57
CA VAL K 64 11.53 -20.68 24.74
C VAL K 64 12.45 -20.86 25.95
N GLY K 65 13.50 -21.65 25.76
CA GLY K 65 14.48 -21.90 26.81
C GLY K 65 15.16 -20.63 27.25
N LEU K 66 15.47 -19.76 26.30
CA LEU K 66 16.11 -18.48 26.60
C LEU K 66 15.20 -17.58 27.44
N PHE K 67 13.92 -17.47 27.05
CA PHE K 67 12.94 -16.66 27.79
C PHE K 67 12.66 -17.13 29.22
N GLU K 68 12.89 -18.42 29.50
CA GLU K 68 12.83 -18.90 30.87
C GLU K 68 14.01 -18.33 31.66
N ASP K 69 15.21 -18.49 31.11
CA ASP K 69 16.43 -17.95 31.72
C ASP K 69 16.37 -16.43 31.85
N THR K 70 15.81 -15.77 30.83
CA THR K 70 15.61 -14.33 30.83
C THR K 70 14.63 -13.87 31.91
N ASN K 71 13.55 -14.63 32.09
CA ASN K 71 12.53 -14.28 33.08
C ASN K 71 13.13 -14.30 34.49
N LEU K 72 13.94 -15.32 34.77
CA LEU K 72 14.61 -15.43 36.07
C LEU K 72 15.50 -14.22 36.35
N CYS K 73 16.18 -13.74 35.32
CA CYS K 73 17.02 -12.54 35.44
C CYS K 73 16.18 -11.29 35.74
N ALA K 74 15.01 -11.19 35.13
CA ALA K 74 14.10 -10.09 35.45
C ALA K 74 13.67 -10.22 36.90
N ILE K 75 13.24 -11.41 37.29
CA ILE K 75 12.79 -11.64 38.67
C ILE K 75 13.91 -11.34 39.68
N HIS K 76 15.13 -11.78 39.39
CA HIS K 76 16.28 -11.53 40.25
C HIS K 76 16.41 -10.05 40.60
N ALA K 77 16.10 -9.19 39.63
CA ALA K 77 16.12 -7.73 39.81
C ALA K 77 14.77 -7.18 40.26
N LYS K 78 14.02 -7.97 41.02
CA LYS K 78 12.71 -7.56 41.55
C LYS K 78 11.83 -6.98 40.46
N ARG K 79 11.89 -7.56 39.26
CA ARG K 79 11.07 -7.12 38.15
C ARG K 79 10.15 -8.23 37.64
N VAL K 80 9.12 -7.80 36.93
CA VAL K 80 8.15 -8.67 36.27
C VAL K 80 8.28 -8.55 34.75
N THR K 81 8.84 -7.44 34.29
CA THR K 81 9.07 -7.21 32.87
C THR K 81 10.46 -7.69 32.45
N ILE K 82 10.53 -8.45 31.37
CA ILE K 82 11.81 -8.84 30.76
C ILE K 82 12.32 -7.68 29.92
N MET K 83 13.63 -7.51 29.90
CA MET K 83 14.23 -6.40 29.17
C MET K 83 15.51 -6.86 28.52
N PRO K 84 15.94 -6.17 27.44
CA PRO K 84 17.14 -6.59 26.72
C PRO K 84 18.30 -6.99 27.64
N LYS K 85 18.49 -6.26 28.74
CA LYS K 85 19.54 -6.57 29.72
C LYS K 85 19.41 -7.97 30.32
N ASP K 86 18.18 -8.42 30.54
CA ASP K 86 17.93 -9.78 31.06
C ASP K 86 18.35 -10.86 30.08
N ILE K 87 18.06 -10.63 28.80
CA ILE K 87 18.49 -11.56 27.75
C ILE K 87 20.01 -11.59 27.74
N GLN K 88 20.63 -10.40 27.76
CA GLN K 88 22.09 -10.30 27.69
C GLN K 88 22.78 -11.01 28.84
N LEU K 89 22.31 -10.80 30.06
CA LEU K 89 22.85 -11.50 31.23
C LEU K 89 22.72 -13.01 31.06
N ALA K 90 21.56 -13.46 30.61
CA ALA K 90 21.32 -14.89 30.43
C ALA K 90 22.28 -15.52 29.40
N ARG K 91 22.57 -14.78 28.33
CA ARG K 91 23.49 -15.26 27.29
C ARG K 91 24.95 -15.19 27.73
N ARG K 92 25.31 -14.13 28.43
CA ARG K 92 26.67 -13.98 28.99
C ARG K 92 27.01 -15.11 29.94
N ILE K 93 26.02 -15.58 30.70
CA ILE K 93 26.24 -16.65 31.67
C ILE K 93 26.24 -18.01 31.00
N ARG K 94 25.38 -18.21 30.00
CA ARG K 94 25.39 -19.45 29.22
C ARG K 94 26.72 -19.68 28.49
N GLY K 95 27.43 -18.60 28.17
CA GLY K 95 28.67 -18.69 27.40
C GLY K 95 28.42 -18.50 25.91
N GLU K 96 27.32 -17.83 25.56
CA GLU K 96 26.95 -17.53 24.17
C GLU K 96 27.43 -16.14 23.78
N ARG K 97 27.46 -15.24 24.75
CA ARG K 97 28.03 -13.91 24.59
C ARG K 97 29.41 -13.94 25.24
N ALA K 98 30.26 -12.98 24.89
CA ALA K 98 31.61 -12.89 25.46
C ALA K 98 31.73 -11.67 26.40
N ASP L 1 14.42 -7.60 5.73
CA ASP L 1 12.92 -7.48 5.79
C ASP L 1 12.23 -8.79 6.19
N ASN L 2 12.83 -9.93 5.87
CA ASN L 2 12.27 -11.23 6.28
C ASN L 2 12.39 -11.46 7.79
N ILE L 3 13.41 -10.88 8.41
CA ILE L 3 13.61 -11.02 9.85
C ILE L 3 12.43 -10.41 10.60
N GLN L 4 11.77 -9.41 9.98
CA GLN L 4 10.54 -8.84 10.54
C GLN L 4 9.35 -9.78 10.35
N GLY L 5 9.50 -10.77 9.47
CA GLY L 5 8.57 -11.90 9.38
C GLY L 5 8.32 -12.57 10.72
N ILE L 6 9.36 -12.61 11.57
CA ILE L 6 9.19 -13.06 12.95
C ILE L 6 8.55 -11.89 13.70
N THR L 7 7.22 -11.92 13.79
CA THR L 7 6.44 -10.76 14.23
C THR L 7 6.33 -10.62 15.76
N LYS L 8 5.81 -9.48 16.19
CA LYS L 8 5.61 -9.15 17.60
C LYS L 8 4.71 -10.14 18.35
N PRO L 9 3.57 -10.56 17.74
CA PRO L 9 2.74 -11.59 18.40
C PRO L 9 3.32 -13.01 18.34
N ALA L 10 4.18 -13.28 17.37
CA ALA L 10 4.90 -14.55 17.33
C ALA L 10 5.87 -14.61 18.50
N ILE L 11 6.66 -13.54 18.66
CA ILE L 11 7.63 -13.43 19.75
C ILE L 11 6.94 -13.50 21.12
N ARG L 12 5.77 -12.86 21.22
CA ARG L 12 4.97 -12.89 22.45
C ARG L 12 4.64 -14.31 22.91
N ARG L 13 4.14 -15.12 21.98
CA ARG L 13 3.77 -16.52 22.27
C ARG L 13 4.95 -17.29 22.85
N LEU L 14 6.09 -17.20 22.19
CA LEU L 14 7.30 -17.89 22.65
C LEU L 14 7.59 -17.56 24.12
N ALA L 15 7.59 -16.27 24.44
CA ALA L 15 7.80 -15.80 25.82
C ALA L 15 6.70 -16.29 26.78
N ARG L 16 5.48 -16.44 26.27
CA ARG L 16 4.39 -16.98 27.07
C ARG L 16 4.68 -18.41 27.47
N ARG L 17 5.13 -19.23 26.53
CA ARG L 17 5.48 -20.63 26.81
C ARG L 17 6.67 -20.72 27.78
N GLY L 18 7.60 -19.77 27.68
CA GLY L 18 8.69 -19.67 28.64
C GLY L 18 8.30 -19.13 30.01
N GLY L 19 7.02 -18.85 30.21
CA GLY L 19 6.50 -18.44 31.52
C GLY L 19 6.60 -16.96 31.83
N VAL L 20 6.70 -16.13 30.78
CA VAL L 20 6.82 -14.68 30.92
C VAL L 20 5.42 -14.05 30.95
N LYS L 21 5.27 -13.02 31.79
CA LYS L 21 4.00 -12.30 31.94
C LYS L 21 4.02 -10.89 31.29
N ARG L 22 5.17 -10.22 31.35
CA ARG L 22 5.29 -8.82 30.95
C ARG L 22 6.57 -8.60 30.14
N ILE L 23 6.47 -7.85 29.04
CA ILE L 23 7.55 -7.77 28.05
C ILE L 23 7.86 -6.32 27.65
N SER L 24 9.13 -5.92 27.77
CA SER L 24 9.56 -4.57 27.37
C SER L 24 9.48 -4.37 25.86
N GLY L 25 9.29 -3.12 25.45
CA GLY L 25 9.07 -2.77 24.05
C GLY L 25 10.28 -2.96 23.17
N LEU L 26 11.46 -2.99 23.79
CA LEU L 26 12.71 -3.23 23.08
C LEU L 26 13.06 -4.72 22.91
N ILE L 27 12.33 -5.60 23.59
CA ILE L 27 12.59 -7.04 23.56
C ILE L 27 12.49 -7.68 22.16
N TYR L 28 11.57 -7.19 21.35
CA TYR L 28 11.28 -7.81 20.06
C TYR L 28 12.48 -7.74 19.09
N GLU L 29 13.07 -6.55 18.95
CA GLU L 29 14.25 -6.40 18.10
C GLU L 29 15.48 -7.12 18.66
N GLU L 30 15.59 -7.18 19.99
CA GLU L 30 16.64 -7.95 20.65
C GLU L 30 16.52 -9.42 20.27
N THR L 31 15.28 -9.92 20.30
CA THR L 31 14.97 -11.32 20.02
C THR L 31 15.23 -11.68 18.55
N ARG L 32 15.03 -10.73 17.65
CA ARG L 32 15.31 -10.94 16.24
C ARG L 32 16.79 -11.11 15.97
N GLY L 33 17.61 -10.28 16.61
CA GLY L 33 19.06 -10.38 16.52
C GLY L 33 19.57 -11.71 17.06
N VAL L 34 19.12 -12.05 18.27
CA VAL L 34 19.43 -13.33 18.90
C VAL L 34 19.14 -14.50 17.96
N LEU L 35 17.91 -14.54 17.47
CA LEU L 35 17.45 -15.60 16.58
C LEU L 35 18.27 -15.67 15.29
N LYS L 36 18.65 -14.52 14.75
CA LYS L 36 19.42 -14.48 13.51
C LYS L 36 20.82 -15.06 13.74
N VAL L 37 21.42 -14.77 14.90
CA VAL L 37 22.73 -15.30 15.22
C VAL L 37 22.65 -16.81 15.37
N PHE L 38 21.60 -17.27 16.06
CA PHE L 38 21.38 -18.69 16.28
C PHE L 38 21.23 -19.43 14.97
N LEU L 39 20.36 -18.91 14.12
CA LEU L 39 20.14 -19.49 12.79
C LEU L 39 21.40 -19.45 11.93
N GLU L 40 22.16 -18.36 12.02
CA GLU L 40 23.40 -18.24 11.26
C GLU L 40 24.35 -19.40 11.57
N ASN L 41 24.70 -19.55 12.84
CA ASN L 41 25.68 -20.57 13.24
C ASN L 41 25.27 -21.99 12.88
N VAL L 42 23.98 -22.29 12.97
CA VAL L 42 23.46 -23.61 12.63
C VAL L 42 23.49 -23.82 11.12
N ILE L 43 22.88 -22.91 10.38
CA ILE L 43 22.79 -23.02 8.93
C ILE L 43 24.17 -23.09 8.29
N ARG L 44 25.12 -22.29 8.79
CA ARG L 44 26.50 -22.28 8.26
C ARG L 44 27.12 -23.67 8.29
N ASP L 45 27.00 -24.33 9.45
CA ASP L 45 27.49 -25.70 9.59
C ASP L 45 26.68 -26.64 8.72
N ALA L 46 25.35 -26.49 8.73
CA ALA L 46 24.47 -27.37 7.95
C ALA L 46 24.83 -27.39 6.47
N VAL L 47 25.11 -26.21 5.92
CA VAL L 47 25.52 -26.09 4.53
C VAL L 47 26.94 -26.62 4.33
N THR L 48 27.81 -26.42 5.32
CA THR L 48 29.18 -26.97 5.29
C THR L 48 29.12 -28.49 5.07
N TYR L 49 28.23 -29.16 5.82
CA TYR L 49 27.96 -30.59 5.67
C TYR L 49 27.38 -30.96 4.30
N THR L 50 26.45 -30.15 3.81
CA THR L 50 25.89 -30.30 2.46
C THR L 50 26.98 -30.19 1.40
N GLU L 51 27.85 -29.19 1.56
CA GLU L 51 28.99 -28.97 0.66
C GLU L 51 29.87 -30.23 0.53
N HIS L 52 30.03 -30.94 1.65
CA HIS L 52 30.90 -32.12 1.69
C HIS L 52 30.34 -33.28 0.87
N ALA L 53 29.07 -33.60 1.09
CA ALA L 53 28.40 -34.68 0.35
C ALA L 53 28.17 -34.31 -1.13
N LYS L 54 28.49 -33.06 -1.48
CA LYS L 54 28.49 -32.57 -2.85
C LYS L 54 27.07 -32.35 -3.39
N ARG L 55 26.17 -31.98 -2.49
CA ARG L 55 24.76 -31.80 -2.85
C ARG L 55 24.43 -30.33 -3.05
N LYS L 56 23.23 -30.08 -3.57
CA LYS L 56 22.65 -28.72 -3.66
C LYS L 56 21.37 -28.60 -2.84
N THR L 57 21.04 -29.66 -2.09
CA THR L 57 19.83 -29.70 -1.28
C THR L 57 20.22 -30.02 0.15
N VAL L 58 19.85 -29.16 1.08
CA VAL L 58 20.13 -29.38 2.49
C VAL L 58 19.15 -30.41 3.03
N THR L 59 19.68 -31.47 3.62
CA THR L 59 18.86 -32.53 4.19
C THR L 59 18.52 -32.23 5.64
N ALA L 60 17.55 -32.98 6.16
CA ALA L 60 17.19 -32.90 7.58
C ALA L 60 18.32 -33.39 8.47
N MET L 61 19.16 -34.26 7.92
CA MET L 61 20.32 -34.76 8.64
C MET L 61 21.43 -33.72 8.72
N ASP L 62 21.62 -32.96 7.63
CA ASP L 62 22.58 -31.86 7.62
C ASP L 62 22.32 -30.87 8.76
N VAL L 63 21.05 -30.65 9.05
CA VAL L 63 20.65 -29.80 10.16
C VAL L 63 20.93 -30.53 11.45
N VAL L 64 20.46 -31.77 11.52
CA VAL L 64 20.60 -32.57 12.74
C VAL L 64 22.08 -32.79 13.11
N TYR L 65 22.95 -32.94 12.11
CA TYR L 65 24.39 -33.10 12.38
C TYR L 65 25.04 -31.82 12.90
N ALA L 66 24.61 -30.68 12.36
CA ALA L 66 25.07 -29.36 12.80
C ALA L 66 24.41 -28.93 14.11
N LEU L 67 23.19 -29.39 14.38
CA LEU L 67 22.56 -29.18 15.69
C LEU L 67 23.25 -29.98 16.80
N LYS L 68 23.80 -31.14 16.45
CA LYS L 68 24.56 -31.96 17.40
C LYS L 68 25.96 -31.40 17.64
N ARG L 69 26.55 -30.78 16.63
CA ARG L 69 27.81 -30.04 16.78
C ARG L 69 27.71 -28.90 17.78
N GLN L 70 26.55 -28.26 17.80
CA GLN L 70 26.32 -27.06 18.63
C GLN L 70 25.97 -27.40 20.08
N GLY L 71 25.93 -28.69 20.42
CA GLY L 71 25.56 -29.11 21.77
C GLY L 71 24.07 -28.96 22.02
N ARG L 72 23.29 -29.04 20.95
CA ARG L 72 21.85 -28.85 21.02
C ARG L 72 21.17 -29.97 20.23
N THR L 73 21.27 -31.20 20.73
CA THR L 73 20.86 -32.40 19.99
C THR L 73 19.35 -32.54 19.86
N LEU L 74 18.88 -32.75 18.62
CA LEU L 74 17.45 -32.76 18.31
C LEU L 74 16.95 -34.16 18.03
N TYR L 75 15.86 -34.55 18.68
CA TYR L 75 15.28 -35.89 18.54
C TYR L 75 14.04 -35.85 17.64
N GLY L 76 13.94 -36.86 16.77
CA GLY L 76 12.75 -37.07 15.94
C GLY L 76 12.88 -36.64 14.50
N PHE L 77 14.09 -36.40 14.03
CA PHE L 77 14.33 -36.11 12.62
C PHE L 77 15.47 -36.95 12.02
N GLY L 78 15.79 -38.07 12.67
CA GLY L 78 16.74 -39.03 12.12
C GLY L 78 18.06 -39.19 12.86
N GLY L 79 18.11 -38.76 14.13
CA GLY L 79 19.33 -38.88 14.95
C GLY L 79 19.94 -40.28 15.00
N ALA M 1 65.13 -34.88 0.06
CA ALA M 1 64.00 -34.81 1.03
C ALA M 1 63.43 -36.21 1.34
N LYS M 2 64.08 -36.94 2.24
CA LYS M 2 63.70 -38.31 2.59
C LYS M 2 62.45 -38.38 3.48
N THR M 3 62.34 -37.49 4.46
CA THR M 3 61.15 -37.42 5.31
C THR M 3 59.99 -36.79 4.54
N ARG M 4 58.77 -37.14 4.94
CA ARG M 4 57.57 -36.56 4.36
C ARG M 4 57.41 -35.08 4.75
N SER M 5 57.85 -34.74 5.96
CA SER M 5 57.79 -33.37 6.45
C SER M 5 58.59 -32.41 5.56
N SER M 6 59.76 -32.85 5.11
CA SER M 6 60.56 -32.09 4.15
C SER M 6 59.80 -31.90 2.87
N ARG M 7 59.22 -32.99 2.40
CA ARG M 7 58.42 -33.02 1.19
C ARG M 7 57.26 -32.03 1.23
N ALA M 8 56.66 -31.87 2.41
CA ALA M 8 55.54 -30.94 2.61
C ALA M 8 55.96 -29.59 3.19
N GLY M 9 57.26 -29.34 3.29
CA GLY M 9 57.81 -28.08 3.80
C GLY M 9 57.42 -27.75 5.24
N LEU M 10 57.18 -28.77 6.05
CA LEU M 10 56.69 -28.59 7.41
C LEU M 10 57.77 -28.81 8.45
N GLN M 11 57.51 -28.31 9.66
CA GLN M 11 58.33 -28.62 10.82
C GLN M 11 57.73 -29.77 11.61
N PHE M 12 56.41 -29.87 11.60
CA PHE M 12 55.71 -30.98 12.28
C PHE M 12 55.93 -32.32 11.56
N PRO M 13 55.80 -33.43 12.30
CA PRO M 13 56.04 -34.76 11.76
C PRO M 13 54.83 -35.34 11.03
N VAL M 14 54.86 -35.36 9.71
CA VAL M 14 53.75 -35.91 8.94
C VAL M 14 53.57 -37.41 9.20
N GLY M 15 54.68 -38.12 9.39
CA GLY M 15 54.64 -39.58 9.59
C GLY M 15 53.98 -39.99 10.89
N ARG M 16 54.43 -39.38 11.97
CA ARG M 16 53.86 -39.67 13.29
C ARG M 16 52.38 -39.38 13.29
N VAL M 17 52.00 -38.30 12.61
CA VAL M 17 50.59 -37.93 12.48
C VAL M 17 49.84 -39.06 11.73
N HIS M 18 50.46 -39.58 10.68
CA HIS M 18 49.85 -40.67 9.92
C HIS M 18 49.72 -41.94 10.74
N ARG M 19 50.77 -42.28 11.50
CA ARG M 19 50.67 -43.40 12.44
C ARG M 19 49.49 -43.19 13.37
N LEU M 20 49.43 -42.01 13.99
CA LEU M 20 48.41 -41.70 15.00
C LEU M 20 47.00 -41.81 14.45
N LEU M 21 46.81 -41.38 13.20
CA LEU M 21 45.51 -41.47 12.54
C LEU M 21 45.08 -42.92 12.22
N ARG M 22 46.04 -43.78 11.93
CA ARG M 22 45.72 -45.19 11.70
C ARG M 22 45.38 -45.91 13.01
N LYS M 23 46.17 -45.65 14.06
CA LYS M 23 46.03 -46.38 15.32
C LYS M 23 44.86 -45.91 16.19
N GLY M 24 44.19 -44.82 15.79
CA GLY M 24 43.20 -44.17 16.65
C GLY M 24 41.74 -44.42 16.31
N ASN M 25 41.47 -45.48 15.54
CA ASN M 25 40.10 -45.86 15.20
C ASN M 25 39.25 -44.69 14.71
N TYR M 26 39.76 -43.99 13.70
CA TYR M 26 39.01 -42.90 13.10
C TYR M 26 38.24 -43.40 11.88
N SER M 27 38.94 -44.13 11.01
CA SER M 27 38.31 -44.80 9.89
C SER M 27 39.07 -46.07 9.55
N GLU M 28 38.55 -46.84 8.60
CA GLU M 28 39.25 -48.00 8.06
C GLU M 28 40.60 -47.60 7.46
N ARG M 29 40.55 -46.60 6.58
CA ARG M 29 41.69 -46.24 5.74
C ARG M 29 42.02 -44.74 5.87
N VAL M 30 43.28 -44.39 5.68
CA VAL M 30 43.76 -43.02 5.88
C VAL M 30 44.56 -42.54 4.67
N GLY M 31 44.05 -41.51 4.00
CA GLY M 31 44.67 -40.98 2.79
C GLY M 31 46.07 -40.46 3.00
N ALA M 32 46.80 -40.30 1.90
CA ALA M 32 48.18 -39.82 1.94
C ALA M 32 48.26 -38.32 2.21
N GLY M 33 47.19 -37.59 1.89
CA GLY M 33 47.14 -36.15 2.13
C GLY M 33 46.76 -35.79 3.56
N ALA M 34 45.91 -36.61 4.17
CA ALA M 34 45.33 -36.30 5.48
C ALA M 34 46.34 -35.83 6.54
N PRO M 35 47.34 -36.67 6.85
CA PRO M 35 48.30 -36.31 7.91
C PRO M 35 49.19 -35.12 7.54
N VAL M 36 49.42 -34.90 6.25
CA VAL M 36 50.14 -33.72 5.77
C VAL M 36 49.35 -32.46 6.12
N TYR M 37 48.09 -32.44 5.67
CA TYR M 37 47.17 -31.33 5.94
C TYR M 37 47.09 -31.11 7.44
N LEU M 38 46.71 -32.15 8.18
CA LEU M 38 46.55 -32.05 9.64
C LEU M 38 47.81 -31.49 10.31
N ALA M 39 48.97 -32.10 10.02
CA ALA M 39 50.24 -31.66 10.58
C ALA M 39 50.48 -30.16 10.32
N ALA M 40 50.11 -29.70 9.12
CA ALA M 40 50.25 -28.28 8.74
C ALA M 40 49.29 -27.37 9.52
N VAL M 41 48.05 -27.84 9.71
CA VAL M 41 47.08 -27.11 10.51
C VAL M 41 47.59 -26.99 11.93
N LEU M 42 48.01 -28.12 12.50
CA LEU M 42 48.53 -28.14 13.86
C LEU M 42 49.76 -27.25 14.01
N GLU M 43 50.59 -27.17 12.97
CA GLU M 43 51.72 -26.25 12.96
C GLU M 43 51.27 -24.79 12.87
N TYR M 44 50.36 -24.49 11.94
CA TYR M 44 49.85 -23.11 11.78
C TYR M 44 49.29 -22.59 13.10
N LEU M 45 48.44 -23.39 13.74
CA LEU M 45 47.86 -23.00 15.02
C LEU M 45 48.91 -22.84 16.09
N THR M 46 49.92 -23.71 16.10
CA THR M 46 51.04 -23.62 17.05
C THR M 46 51.80 -22.30 16.89
N ALA M 47 52.21 -22.00 15.66
CA ALA M 47 52.90 -20.75 15.36
C ALA M 47 52.07 -19.51 15.68
N GLU M 48 50.75 -19.62 15.53
CA GLU M 48 49.84 -18.51 15.77
C GLU M 48 49.79 -18.11 17.25
N ILE M 49 49.60 -19.10 18.10
CA ILE M 49 49.53 -18.87 19.54
C ILE M 49 50.91 -18.55 20.10
N LEU M 50 51.96 -19.14 19.52
CA LEU M 50 53.35 -18.85 19.96
C LEU M 50 53.81 -17.43 19.58
N GLU M 51 53.36 -16.91 18.44
CA GLU M 51 53.61 -15.51 18.07
C GLU M 51 53.10 -14.62 19.18
N LEU M 52 51.82 -14.79 19.50
CA LEU M 52 51.14 -13.92 20.45
C LEU M 52 51.69 -14.07 21.87
N ALA M 53 52.07 -15.29 22.26
CA ALA M 53 52.62 -15.54 23.59
C ALA M 53 54.04 -14.98 23.74
N GLY M 54 54.86 -15.16 22.71
CA GLY M 54 56.19 -14.57 22.68
C GLY M 54 56.15 -13.07 22.87
N ASN M 55 55.16 -12.42 22.24
CA ASN M 55 54.95 -10.99 22.41
C ASN M 55 54.66 -10.66 23.88
N ALA M 56 53.69 -11.36 24.46
CA ALA M 56 53.32 -11.17 25.86
C ALA M 56 54.51 -11.37 26.77
N ALA M 57 55.38 -12.32 26.44
CA ALA M 57 56.61 -12.52 27.20
C ALA M 57 57.52 -11.30 27.11
N ARG M 58 57.61 -10.73 25.91
CA ARG M 58 58.43 -9.55 25.69
C ARG M 58 57.86 -8.34 26.42
N ASP M 59 56.53 -8.18 26.39
CA ASP M 59 55.86 -7.07 27.07
C ASP M 59 56.06 -7.13 28.60
N ASN M 60 56.29 -8.33 29.13
CA ASN M 60 56.62 -8.50 30.54
C ASN M 60 58.13 -8.59 30.76
N LYS M 61 58.91 -8.20 29.75
CA LYS M 61 60.38 -8.19 29.83
C LYS M 61 60.96 -9.58 30.13
N LYS M 62 60.39 -10.61 29.50
CA LYS M 62 60.83 -11.98 29.72
C LYS M 62 61.25 -12.67 28.43
N THR M 63 62.30 -13.49 28.56
CA THR M 63 62.85 -14.29 27.47
C THR M 63 62.17 -15.67 27.38
N ARG M 64 61.43 -16.07 28.41
CA ARG M 64 60.78 -17.38 28.41
C ARG M 64 59.27 -17.28 28.46
N ILE M 65 58.61 -17.96 27.52
CA ILE M 65 57.16 -18.09 27.53
C ILE M 65 56.78 -18.98 28.69
N ILE M 66 55.92 -18.47 29.57
CA ILE M 66 55.37 -19.24 30.67
C ILE M 66 53.87 -19.32 30.49
N PRO M 67 53.18 -20.19 31.25
CA PRO M 67 51.75 -20.40 31.03
C PRO M 67 50.89 -19.15 31.07
N ARG M 68 51.31 -18.12 31.81
CA ARG M 68 50.58 -16.86 31.80
C ARG M 68 50.59 -16.21 30.42
N HIS M 69 51.74 -16.20 29.75
CA HIS M 69 51.83 -15.55 28.45
C HIS M 69 50.96 -16.25 27.40
N LEU M 70 50.76 -17.56 27.55
CA LEU M 70 49.83 -18.29 26.69
C LEU M 70 48.38 -17.91 26.98
N GLN M 71 48.05 -17.79 28.26
CA GLN M 71 46.74 -17.33 28.70
C GLN M 71 46.49 -15.94 28.13
N LEU M 72 47.37 -15.00 28.47
CA LEU M 72 47.26 -13.65 27.96
C LEU M 72 47.04 -13.68 26.46
N ALA M 73 48.00 -14.24 25.74
CA ALA M 73 47.94 -14.33 24.29
C ALA M 73 46.59 -14.85 23.77
N ILE M 74 46.14 -15.96 24.33
CA ILE M 74 44.90 -16.59 23.90
C ILE M 74 43.69 -15.73 24.22
N ARG M 75 43.51 -15.40 25.50
CA ARG M 75 42.29 -14.75 25.98
C ARG M 75 42.11 -13.35 25.41
N ASN M 76 43.21 -12.70 25.04
CA ASN M 76 43.15 -11.39 24.40
C ASN M 76 42.83 -11.45 22.91
N ASP M 77 43.30 -12.49 22.22
CA ASP M 77 42.86 -12.76 20.86
C ASP M 77 41.40 -13.21 20.93
N GLU M 78 40.58 -12.83 19.96
CA GLU M 78 39.15 -13.14 20.03
C GLU M 78 38.85 -14.54 19.52
N GLU M 79 39.56 -14.96 18.48
CA GLU M 79 39.33 -16.28 17.89
C GLU M 79 39.94 -17.43 18.68
N LEU M 80 41.19 -17.27 19.12
CA LEU M 80 41.84 -18.27 19.98
C LEU M 80 41.06 -18.49 21.26
N ASN M 81 40.58 -17.40 21.85
CA ASN M 81 39.76 -17.45 23.06
C ASN M 81 38.51 -18.31 22.88
N LYS M 82 37.87 -18.17 21.72
CA LYS M 82 36.70 -18.98 21.39
C LYS M 82 37.10 -20.44 21.10
N LEU M 83 38.17 -20.65 20.33
CA LEU M 83 38.67 -21.99 20.03
C LEU M 83 38.99 -22.78 21.29
N LEU M 84 39.44 -22.10 22.34
CA LEU M 84 39.74 -22.73 23.62
C LEU M 84 38.75 -22.30 24.70
N GLY M 85 37.47 -22.26 24.34
CA GLY M 85 36.43 -21.74 25.22
C GLY M 85 36.25 -22.55 26.50
N ARG M 86 36.16 -23.87 26.37
CA ARG M 86 35.94 -24.74 27.52
C ARG M 86 37.26 -25.21 28.14
N VAL M 87 38.37 -24.61 27.73
CA VAL M 87 39.69 -25.07 28.14
C VAL M 87 40.20 -24.22 29.29
N THR M 88 40.80 -24.89 30.28
CA THR M 88 41.51 -24.26 31.37
C THR M 88 43.01 -24.37 31.10
N ILE M 89 43.72 -23.26 31.26
CA ILE M 89 45.17 -23.24 31.13
C ILE M 89 45.76 -23.18 32.54
N ALA M 90 46.43 -24.25 32.96
CA ALA M 90 47.00 -24.33 34.30
C ALA M 90 48.05 -23.26 34.48
N GLN M 91 48.00 -22.58 35.62
CA GLN M 91 48.92 -21.48 35.96
C GLN M 91 48.87 -20.29 35.01
N GLY M 92 47.73 -20.11 34.35
CA GLY M 92 47.55 -19.04 33.39
C GLY M 92 47.02 -17.79 34.05
N GLY M 93 46.04 -17.96 34.93
CA GLY M 93 45.44 -16.84 35.65
C GLY M 93 44.28 -16.27 34.87
N VAL M 94 44.01 -14.99 35.08
CA VAL M 94 42.88 -14.29 34.45
C VAL M 94 43.28 -12.91 33.99
N LEU M 95 42.59 -12.38 32.98
CA LEU M 95 42.86 -11.05 32.46
C LEU M 95 42.39 -10.00 33.45
N PRO M 96 43.18 -8.94 33.64
CA PRO M 96 42.72 -7.85 34.49
C PRO M 96 41.43 -7.24 33.96
N ASN M 97 40.39 -7.23 34.80
CA ASN M 97 39.10 -6.63 34.44
C ASN M 97 38.22 -6.40 35.66
N ILE M 98 38.08 -5.12 36.04
CA ILE M 98 37.16 -4.71 37.10
C ILE M 98 35.91 -4.10 36.47
N GLN M 99 34.75 -4.51 36.95
CA GLN M 99 33.48 -3.97 36.46
C GLN M 99 33.33 -2.49 36.77
N ALA M 100 32.69 -1.76 35.87
CA ALA M 100 32.58 -0.31 35.97
C ALA M 100 32.06 0.13 37.33
N VAL M 101 30.83 -0.25 37.64
CA VAL M 101 30.14 0.20 38.84
C VAL M 101 30.93 0.07 40.15
N LEU M 102 31.91 -0.82 40.20
CA LEU M 102 32.71 -1.05 41.40
C LEU M 102 33.79 0.03 41.64
N LEU M 103 34.23 0.69 40.57
CA LEU M 103 35.27 1.72 40.67
C LEU M 103 34.75 2.91 41.45
N PRO M 104 35.60 3.52 42.30
CA PRO M 104 35.12 4.64 43.12
C PRO M 104 34.73 5.86 42.26
N LYS M 105 33.84 6.70 42.78
CA LYS M 105 33.37 7.87 42.03
C LYS M 105 33.78 9.18 42.69
N ARG N 1 66.10 -50.40 34.06
CA ARG N 1 66.15 -48.92 34.27
C ARG N 1 66.31 -48.19 32.93
N LYS N 2 66.64 -46.88 32.99
CA LYS N 2 66.57 -45.98 31.83
C LYS N 2 65.11 -45.83 31.39
N ARG N 3 64.48 -44.74 31.84
CA ARG N 3 63.03 -44.53 31.72
C ARG N 3 62.49 -44.73 30.31
N SER N 4 61.37 -45.46 30.20
CA SER N 4 60.79 -45.81 28.90
C SER N 4 60.23 -44.58 28.16
N ARG N 5 60.19 -44.69 26.83
CA ARG N 5 59.92 -43.53 25.97
C ARG N 5 58.51 -42.96 26.09
N LYS N 6 58.45 -41.68 26.43
CA LYS N 6 57.21 -40.91 26.43
C LYS N 6 57.28 -39.92 25.25
N GLU N 7 56.37 -40.06 24.29
CA GLU N 7 56.41 -39.21 23.09
C GLU N 7 55.79 -37.84 23.33
N SER N 8 56.25 -36.87 22.55
CA SER N 8 56.00 -35.46 22.80
C SER N 8 56.11 -34.66 21.50
N TYR N 9 55.34 -33.58 21.40
CA TYR N 9 55.47 -32.64 20.28
C TYR N 9 56.52 -31.55 20.55
N SER N 10 57.19 -31.62 21.70
CA SER N 10 58.08 -30.55 22.16
C SER N 10 59.13 -30.09 21.15
N ILE N 11 59.71 -31.03 20.40
CA ILE N 11 60.77 -30.69 19.46
C ILE N 11 60.29 -29.85 18.26
N TYR N 12 58.99 -29.97 17.92
CA TYR N 12 58.39 -29.19 16.83
C TYR N 12 57.91 -27.84 17.35
N VAL N 13 57.45 -27.83 18.59
CA VAL N 13 57.10 -26.59 19.28
C VAL N 13 58.33 -25.68 19.41
N TYR N 14 59.48 -26.27 19.73
CA TYR N 14 60.77 -25.52 19.75
C TYR N 14 61.13 -24.91 18.39
N LYS N 15 61.02 -25.71 17.34
CA LYS N 15 61.39 -25.27 16.00
C LYS N 15 60.49 -24.15 15.51
N VAL N 16 59.19 -24.36 15.64
CA VAL N 16 58.20 -23.34 15.30
C VAL N 16 58.51 -22.05 16.05
N LEU N 17 58.77 -22.18 17.36
CA LEU N 17 59.07 -21.02 18.19
C LEU N 17 60.22 -20.18 17.62
N LYS N 18 61.32 -20.83 17.26
CA LYS N 18 62.51 -20.11 16.80
C LYS N 18 62.36 -19.48 15.42
N GLN N 19 61.37 -19.93 14.64
CA GLN N 19 61.02 -19.27 13.38
C GLN N 19 60.26 -17.97 13.62
N VAL N 20 59.40 -17.97 14.63
CA VAL N 20 58.53 -16.84 14.92
C VAL N 20 59.23 -15.85 15.84
N HIS N 21 59.92 -16.38 16.84
CA HIS N 21 60.76 -15.62 17.77
C HIS N 21 62.08 -16.38 18.01
N PRO N 22 63.16 -16.01 17.29
CA PRO N 22 64.40 -16.79 17.42
C PRO N 22 65.06 -16.73 18.80
N ASP N 23 64.83 -15.67 19.56
CA ASP N 23 65.48 -15.50 20.86
C ASP N 23 64.57 -15.79 22.05
N THR N 24 63.31 -16.13 21.80
CA THR N 24 62.36 -16.42 22.88
C THR N 24 62.44 -17.92 23.24
N GLY N 25 62.38 -18.21 24.54
CA GLY N 25 62.41 -19.58 25.08
C GLY N 25 61.05 -20.03 25.58
N ILE N 26 61.01 -21.05 26.44
CA ILE N 26 59.74 -21.60 26.93
C ILE N 26 59.93 -22.57 28.12
N SER N 27 59.04 -22.50 29.11
CA SER N 27 59.14 -23.30 30.35
C SER N 27 58.44 -24.66 30.26
N SER N 28 58.82 -25.57 31.16
CA SER N 28 58.26 -26.93 31.20
C SER N 28 56.75 -26.95 31.15
N LYS N 29 56.12 -26.11 31.96
CA LYS N 29 54.67 -26.07 32.06
C LYS N 29 54.07 -25.52 30.79
N ALA N 30 54.69 -24.47 30.25
CA ALA N 30 54.24 -23.87 29.00
C ALA N 30 54.32 -24.86 27.86
N MET N 31 55.39 -25.64 27.83
CA MET N 31 55.53 -26.70 26.82
C MET N 31 54.47 -27.77 27.02
N GLY N 32 54.21 -28.12 28.27
CA GLY N 32 53.18 -29.10 28.61
C GLY N 32 51.77 -28.62 28.34
N ILE N 33 51.58 -27.31 28.30
CA ILE N 33 50.30 -26.73 27.87
C ILE N 33 50.24 -26.72 26.34
N MET N 34 51.33 -26.29 25.71
CA MET N 34 51.42 -26.33 24.25
C MET N 34 51.20 -27.74 23.72
N ASN N 35 51.74 -28.72 24.42
CA ASN N 35 51.61 -30.11 23.98
C ASN N 35 50.17 -30.59 24.08
N SER N 36 49.52 -30.30 25.21
CA SER N 36 48.10 -30.61 25.39
C SER N 36 47.25 -29.98 24.29
N PHE N 37 47.52 -28.71 24.02
CA PHE N 37 46.83 -27.95 22.99
C PHE N 37 46.86 -28.65 21.64
N VAL N 38 48.03 -29.17 21.26
CA VAL N 38 48.20 -29.87 19.99
C VAL N 38 47.43 -31.20 19.99
N ASN N 39 47.53 -31.94 21.08
CA ASN N 39 46.81 -33.21 21.24
C ASN N 39 45.31 -32.99 21.26
N ASP N 40 44.87 -31.91 21.90
CA ASP N 40 43.46 -31.57 21.95
C ASP N 40 42.88 -31.38 20.54
N ILE N 41 43.44 -30.43 19.79
CA ILE N 41 42.95 -30.09 18.43
C ILE N 41 43.17 -31.22 17.42
N PHE N 42 44.21 -32.02 17.65
CA PHE N 42 44.35 -33.26 16.91
C PHE N 42 43.05 -34.07 17.05
N GLU N 43 42.66 -34.32 18.28
CA GLU N 43 41.51 -35.16 18.58
C GLU N 43 40.20 -34.56 18.15
N ARG N 44 40.13 -33.23 18.12
CA ARG N 44 38.93 -32.55 17.67
C ARG N 44 38.72 -32.74 16.18
N ILE N 45 39.75 -32.43 15.41
CA ILE N 45 39.70 -32.50 13.95
C ILE N 45 39.48 -33.94 13.51
N ALA N 46 40.40 -34.82 13.87
CA ALA N 46 40.34 -36.24 13.48
C ALA N 46 38.98 -36.87 13.77
N GLY N 47 38.40 -36.52 14.91
CA GLY N 47 37.06 -36.95 15.28
C GLY N 47 36.02 -36.43 14.31
N GLU N 48 35.98 -35.12 14.10
CA GLU N 48 35.02 -34.53 13.18
C GLU N 48 35.15 -35.14 11.79
N ALA N 49 36.40 -35.40 11.37
CA ALA N 49 36.65 -35.99 10.06
C ALA N 49 36.11 -37.41 9.98
N SER N 50 36.20 -38.14 11.10
CA SER N 50 35.67 -39.50 11.18
C SER N 50 34.16 -39.53 10.98
N ARG N 51 33.46 -38.68 11.74
CA ARG N 51 32.00 -38.56 11.61
C ARG N 51 31.56 -38.15 10.22
N LEU N 52 32.25 -37.17 9.63
CA LEU N 52 32.04 -36.83 8.23
C LEU N 52 32.07 -38.06 7.33
N ALA N 53 33.08 -38.90 7.51
CA ALA N 53 33.23 -40.14 6.76
C ALA N 53 32.06 -41.11 7.01
N HIS N 54 31.78 -41.42 8.28
CA HIS N 54 30.63 -42.27 8.65
C HIS N 54 29.30 -41.73 8.10
N TYR N 55 29.16 -40.41 8.05
CA TYR N 55 27.93 -39.78 7.56
C TYR N 55 27.72 -39.97 6.06
N ASN N 56 28.80 -40.04 5.30
CA ASN N 56 28.72 -40.22 3.84
C ASN N 56 28.99 -41.66 3.37
N LYS N 57 29.11 -42.59 4.31
CA LYS N 57 29.52 -43.98 4.02
C LYS N 57 30.85 -44.01 3.29
N ARG N 58 31.88 -43.48 3.94
CA ARG N 58 33.24 -43.49 3.41
C ARG N 58 34.17 -44.19 4.38
N SER N 59 34.95 -45.12 3.85
CA SER N 59 35.97 -45.84 4.63
C SER N 59 37.25 -45.03 4.83
N THR N 60 37.37 -43.89 4.16
CA THR N 60 38.63 -43.17 4.10
C THR N 60 38.53 -41.70 4.52
N ILE N 61 39.40 -41.32 5.45
CA ILE N 61 39.57 -39.92 5.84
C ILE N 61 40.70 -39.35 5.00
N THR N 62 40.35 -38.53 4.01
CA THR N 62 41.34 -37.87 3.16
C THR N 62 41.56 -36.43 3.59
N SER N 63 42.43 -35.72 2.89
CA SER N 63 42.62 -34.30 3.15
C SER N 63 41.34 -33.50 2.90
N ARG N 64 40.41 -34.06 2.16
CA ARG N 64 39.09 -33.46 1.99
C ARG N 64 38.35 -33.38 3.31
N GLU N 65 38.38 -34.48 4.07
CA GLU N 65 37.66 -34.56 5.35
C GLU N 65 38.35 -33.73 6.43
N ILE N 66 39.67 -33.62 6.34
CA ILE N 66 40.39 -32.76 7.27
C ILE N 66 39.96 -31.32 7.04
N GLN N 67 39.95 -30.89 5.78
CA GLN N 67 39.58 -29.51 5.44
C GLN N 67 38.18 -29.11 5.92
N THR N 68 37.21 -29.98 5.68
CA THR N 68 35.84 -29.73 6.08
C THR N 68 35.72 -29.63 7.59
N ALA N 69 36.36 -30.56 8.29
CA ALA N 69 36.43 -30.50 9.75
C ALA N 69 36.96 -29.14 10.21
N VAL N 70 38.03 -28.69 9.55
CA VAL N 70 38.68 -27.41 9.87
C VAL N 70 37.72 -26.22 9.71
N ARG N 71 36.84 -26.26 8.72
CA ARG N 71 35.81 -25.23 8.57
C ARG N 71 34.79 -25.30 9.68
N LEU N 72 34.38 -26.51 10.04
CA LEU N 72 33.43 -26.75 11.14
C LEU N 72 34.00 -26.38 12.52
N LEU N 73 35.29 -26.64 12.71
CA LEU N 73 35.94 -26.54 14.02
C LEU N 73 36.52 -25.17 14.37
N LEU N 74 37.28 -24.58 13.44
CA LEU N 74 37.96 -23.31 13.70
C LEU N 74 37.05 -22.14 13.35
N PRO N 75 37.28 -20.99 14.01
CA PRO N 75 36.50 -19.78 13.78
C PRO N 75 37.00 -18.97 12.59
N GLY N 76 36.07 -18.49 11.76
CA GLY N 76 36.37 -17.60 10.63
C GLY N 76 37.81 -17.48 10.18
N GLU N 77 38.49 -16.42 10.62
CA GLU N 77 39.81 -16.07 10.12
C GLU N 77 40.90 -17.12 10.40
N LEU N 78 40.71 -17.92 11.44
CA LEU N 78 41.66 -18.96 11.82
C LEU N 78 41.50 -20.19 10.91
N ALA N 79 40.27 -20.48 10.52
CA ALA N 79 39.99 -21.55 9.57
C ALA N 79 40.54 -21.19 8.20
N LYS N 80 40.18 -19.99 7.73
CA LYS N 80 40.55 -19.52 6.40
C LYS N 80 42.04 -19.68 6.10
N HIS N 81 42.87 -19.34 7.08
CA HIS N 81 44.32 -19.46 6.97
C HIS N 81 44.77 -20.92 7.10
N ALA N 82 44.24 -21.61 8.11
CA ALA N 82 44.51 -23.04 8.29
C ALA N 82 44.13 -23.86 7.06
N VAL N 83 43.06 -23.45 6.37
CA VAL N 83 42.64 -24.08 5.13
C VAL N 83 43.69 -23.90 4.04
N SER N 84 44.20 -22.67 3.89
CA SER N 84 45.18 -22.37 2.84
C SER N 84 46.60 -22.85 3.17
N GLU N 85 46.95 -22.92 4.45
CA GLU N 85 48.24 -23.50 4.88
C GLU N 85 48.26 -25.02 4.70
N GLY N 86 47.07 -25.62 4.80
CA GLY N 86 46.91 -27.06 4.63
C GLY N 86 46.91 -27.47 3.18
N THR N 87 46.11 -26.80 2.37
CA THR N 87 46.04 -27.10 0.94
C THR N 87 47.38 -26.79 0.25
N LYS N 88 48.10 -25.80 0.76
CA LYS N 88 49.44 -25.46 0.30
C LYS N 88 50.47 -26.56 0.59
N ALA N 89 50.32 -27.22 1.73
CA ALA N 89 51.17 -28.34 2.11
C ALA N 89 50.88 -29.58 1.25
N VAL N 90 49.59 -29.92 1.13
CA VAL N 90 49.16 -31.06 0.31
C VAL N 90 49.54 -30.85 -1.15
N THR N 91 49.33 -29.63 -1.64
CA THR N 91 49.73 -29.27 -3.00
C THR N 91 51.23 -29.46 -3.20
N LYS N 92 52.03 -28.97 -2.24
CA LYS N 92 53.48 -29.08 -2.32
C LYS N 92 54.00 -30.52 -2.18
N TYR N 93 53.35 -31.30 -1.30
CA TYR N 93 53.68 -32.70 -1.12
C TYR N 93 53.38 -33.51 -2.37
N THR N 94 52.18 -33.33 -2.90
CA THR N 94 51.72 -34.05 -4.08
C THR N 94 52.72 -33.94 -5.24
N SER N 95 53.18 -32.73 -5.52
CA SER N 95 54.07 -32.49 -6.66
C SER N 95 55.44 -33.14 -6.52
N ALA N 96 56.10 -32.91 -5.38
CA ALA N 96 57.44 -33.45 -5.15
C ALA N 96 57.39 -34.87 -4.59
N PRO O 1 45.67 5.35 64.11
CA PRO O 1 46.38 6.37 63.34
C PRO O 1 45.80 6.61 61.94
N HIS O 2 45.83 5.61 61.06
CA HIS O 2 45.37 5.74 59.67
C HIS O 2 44.38 4.64 59.34
N ARG O 3 43.46 4.93 58.43
CA ARG O 3 42.38 4.00 58.08
C ARG O 3 41.88 4.21 56.65
N TYR O 4 42.07 3.18 55.81
CA TYR O 4 41.55 3.19 54.43
C TYR O 4 40.03 3.01 54.43
N ARG O 5 39.36 3.73 53.53
CA ARG O 5 37.90 3.69 53.48
C ARG O 5 37.42 2.37 52.89
N PRO O 6 36.16 1.98 53.17
CA PRO O 6 35.70 0.69 52.68
C PRO O 6 35.62 0.67 51.15
N GLY O 7 36.11 -0.40 50.54
CA GLY O 7 36.17 -0.51 49.10
C GLY O 7 37.57 -0.38 48.57
N THR O 8 38.40 0.42 49.23
CA THR O 8 39.74 0.71 48.77
C THR O 8 40.63 -0.54 48.77
N VAL O 9 40.82 -1.15 49.93
CA VAL O 9 41.70 -2.31 50.02
C VAL O 9 41.15 -3.44 49.15
N ALA O 10 39.83 -3.60 49.14
CA ALA O 10 39.18 -4.61 48.30
C ALA O 10 39.63 -4.46 46.85
N LEU O 11 39.49 -3.26 46.31
CA LEU O 11 39.94 -2.96 44.95
C LEU O 11 41.42 -3.25 44.78
N ARG O 12 42.23 -2.90 45.77
CA ARG O 12 43.66 -3.17 45.75
C ARG O 12 43.91 -4.67 45.68
N GLU O 13 43.15 -5.45 46.44
CA GLU O 13 43.22 -6.92 46.40
C GLU O 13 42.83 -7.48 45.03
N ILE O 14 41.83 -6.84 44.40
CA ILE O 14 41.37 -7.28 43.07
C ILE O 14 42.45 -7.12 42.02
N ARG O 15 43.14 -5.98 42.03
CA ARG O 15 44.22 -5.73 41.08
C ARG O 15 45.43 -6.60 41.35
N ARG O 16 45.65 -6.95 42.63
CA ARG O 16 46.76 -7.82 43.02
C ARG O 16 46.60 -9.23 42.45
N TYR O 17 45.48 -9.86 42.78
CA TYR O 17 45.28 -11.27 42.46
C TYR O 17 45.00 -11.57 40.98
N GLN O 18 44.57 -10.57 40.21
CA GLN O 18 44.35 -10.75 38.78
C GLN O 18 45.65 -10.72 37.97
N LYS O 19 46.67 -10.02 38.48
CA LYS O 19 48.02 -10.10 37.90
C LYS O 19 48.64 -11.46 38.11
N SER O 20 48.54 -11.99 39.32
CA SER O 20 49.20 -13.24 39.65
C SER O 20 48.42 -14.47 39.18
N THR O 21 49.13 -15.60 39.13
CA THR O 21 48.60 -16.88 38.70
C THR O 21 48.67 -17.94 39.80
N GLU O 22 49.16 -17.56 40.98
CA GLU O 22 49.45 -18.53 42.04
C GLU O 22 48.15 -19.08 42.62
N LEU O 23 48.20 -20.33 43.09
CA LEU O 23 47.02 -20.94 43.71
C LEU O 23 46.70 -20.23 45.04
N LEU O 24 45.42 -19.94 45.25
CA LEU O 24 45.00 -19.11 46.36
C LEU O 24 44.51 -19.89 47.59
N ILE O 25 44.09 -21.14 47.40
CA ILE O 25 43.75 -22.03 48.53
C ILE O 25 45.03 -22.73 49.01
N ARG O 26 45.18 -22.85 50.33
CA ARG O 26 46.37 -23.48 50.90
C ARG O 26 46.40 -24.98 50.60
N LYS O 27 47.59 -25.46 50.22
CA LYS O 27 47.79 -26.75 49.54
C LYS O 27 47.37 -27.97 50.35
N LEU O 28 47.84 -28.05 51.58
CA LEU O 28 47.50 -29.18 52.46
C LEU O 28 46.00 -29.31 52.70
N PRO O 29 45.36 -28.27 53.29
CA PRO O 29 43.92 -28.27 53.48
C PRO O 29 43.16 -28.84 52.28
N PHE O 30 43.46 -28.31 51.10
CA PHE O 30 42.81 -28.77 49.88
C PHE O 30 43.03 -30.27 49.69
N GLN O 31 44.28 -30.71 49.84
CA GLN O 31 44.64 -32.12 49.62
C GLN O 31 43.87 -33.06 50.56
N ARG O 32 43.85 -32.73 51.83
CA ARG O 32 43.09 -33.49 52.83
C ARG O 32 41.62 -33.61 52.43
N LEU O 33 41.04 -32.50 51.98
CA LEU O 33 39.68 -32.47 51.43
C LEU O 33 39.50 -33.45 50.26
N VAL O 34 40.50 -33.49 49.37
CA VAL O 34 40.46 -34.39 48.21
C VAL O 34 40.38 -35.85 48.67
N ARG O 35 41.27 -36.24 49.57
CA ARG O 35 41.32 -37.62 50.05
C ARG O 35 40.04 -38.00 50.79
N GLU O 36 39.54 -37.07 51.60
CA GLU O 36 38.31 -37.29 52.34
C GLU O 36 37.14 -37.59 51.39
N ILE O 37 36.99 -36.77 50.35
CA ILE O 37 35.91 -36.98 49.37
C ILE O 37 36.13 -38.29 48.62
N ALA O 38 37.38 -38.57 48.27
CA ALA O 38 37.74 -39.80 47.56
C ALA O 38 37.46 -41.04 48.41
N GLN O 39 37.66 -40.90 49.72
CA GLN O 39 37.42 -41.99 50.68
C GLN O 39 35.96 -42.47 50.71
N ASP O 40 35.03 -41.52 50.59
CA ASP O 40 33.59 -41.84 50.53
C ASP O 40 33.19 -42.63 49.26
N PHE O 41 34.09 -42.67 48.27
CA PHE O 41 33.88 -43.45 47.05
C PHE O 41 34.66 -44.77 47.05
N LYS O 42 35.90 -44.73 47.55
CA LYS O 42 36.73 -45.93 47.60
C LYS O 42 37.85 -45.78 48.64
N THR O 43 38.01 -46.80 49.48
CA THR O 43 38.97 -46.77 50.58
C THR O 43 40.38 -47.03 50.10
N ASP O 44 41.34 -46.47 50.84
CA ASP O 44 42.76 -46.64 50.57
C ASP O 44 43.15 -46.35 49.11
N LEU O 45 42.83 -45.15 48.65
CA LEU O 45 43.28 -44.66 47.35
C LEU O 45 44.50 -43.78 47.56
N ARG O 46 45.54 -43.98 46.76
CA ARG O 46 46.70 -43.10 46.77
C ARG O 46 46.58 -42.08 45.66
N PHE O 47 47.34 -41.00 45.74
CA PHE O 47 47.25 -39.89 44.77
C PHE O 47 48.62 -39.44 44.28
N GLN O 48 48.83 -39.50 42.96
CA GLN O 48 49.97 -38.84 42.36
C GLN O 48 49.89 -37.36 42.74
N SER O 49 50.97 -36.80 43.25
CA SER O 49 50.95 -35.44 43.77
C SER O 49 50.49 -34.40 42.74
N SER O 50 50.76 -34.66 41.46
CA SER O 50 50.27 -33.79 40.39
C SER O 50 48.76 -33.93 40.20
N ALA O 51 48.23 -35.14 40.41
CA ALA O 51 46.78 -35.38 40.32
C ALA O 51 46.00 -34.57 41.34
N VAL O 52 46.65 -34.24 42.45
CA VAL O 52 46.10 -33.28 43.40
C VAL O 52 46.14 -31.87 42.80
N MET O 53 47.29 -31.48 42.25
CA MET O 53 47.44 -30.15 41.65
C MET O 53 46.46 -29.93 40.50
N ALA O 54 46.22 -30.95 39.69
CA ALA O 54 45.26 -30.88 38.60
C ALA O 54 43.84 -30.62 39.12
N LEU O 55 43.52 -31.19 40.28
CA LEU O 55 42.25 -30.96 40.92
C LEU O 55 42.18 -29.56 41.53
N GLN O 56 43.28 -29.08 42.11
CA GLN O 56 43.29 -27.73 42.68
C GLN O 56 43.28 -26.65 41.60
N GLU O 57 43.92 -26.92 40.46
CA GLU O 57 43.89 -25.99 39.34
C GLU O 57 42.49 -25.86 38.74
N ALA O 58 41.81 -27.00 38.62
CA ALA O 58 40.47 -27.07 38.02
C ALA O 58 39.41 -26.49 38.94
N CYS O 59 39.59 -26.66 40.25
CA CYS O 59 38.65 -26.16 41.24
C CYS O 59 38.68 -24.64 41.37
N GLU O 60 39.88 -24.10 41.55
CA GLU O 60 40.04 -22.67 41.72
C GLU O 60 39.72 -21.92 40.42
N ALA O 61 39.92 -22.60 39.30
CA ALA O 61 39.56 -22.04 37.99
C ALA O 61 38.04 -21.93 37.89
N TYR O 62 37.37 -23.03 38.23
CA TYR O 62 35.91 -23.11 38.25
C TYR O 62 35.31 -22.00 39.11
N LEU O 63 35.81 -21.89 40.34
CA LEU O 63 35.30 -20.92 41.31
C LEU O 63 35.56 -19.46 40.94
N VAL O 64 36.71 -19.17 40.35
CA VAL O 64 36.99 -17.81 39.88
C VAL O 64 35.95 -17.43 38.83
N GLY O 65 35.73 -18.31 37.86
CA GLY O 65 34.78 -18.06 36.78
C GLY O 65 33.33 -18.10 37.22
N LEU O 66 33.05 -18.84 38.28
CA LEU O 66 31.72 -18.81 38.90
C LEU O 66 31.51 -17.46 39.57
N PHE O 67 32.48 -17.05 40.38
CA PHE O 67 32.45 -15.73 41.01
C PHE O 67 32.23 -14.59 39.99
N GLU O 68 32.82 -14.70 38.81
CA GLU O 68 32.59 -13.72 37.74
C GLU O 68 31.11 -13.67 37.35
N ASP O 69 30.52 -14.84 37.12
CA ASP O 69 29.10 -14.97 36.78
C ASP O 69 28.21 -14.57 37.96
N THR O 70 28.65 -14.91 39.16
CA THR O 70 27.97 -14.51 40.38
C THR O 70 27.91 -13.00 40.46
N ASN O 71 29.05 -12.35 40.25
CA ASN O 71 29.20 -10.89 40.41
C ASN O 71 28.37 -10.11 39.42
N LEU O 72 28.17 -10.66 38.22
CA LEU O 72 27.33 -10.04 37.19
C LEU O 72 25.86 -10.03 37.58
N CYS O 73 25.42 -11.05 38.31
CA CYS O 73 24.04 -11.11 38.81
C CYS O 73 23.78 -10.13 39.94
N ALA O 74 24.80 -9.86 40.75
CA ALA O 74 24.70 -8.88 41.81
C ALA O 74 24.55 -7.48 41.22
N ILE O 75 25.43 -7.15 40.28
CA ILE O 75 25.40 -5.85 39.60
C ILE O 75 24.08 -5.66 38.85
N HIS O 76 23.54 -6.77 38.33
CA HIS O 76 22.24 -6.77 37.67
C HIS O 76 21.10 -6.28 38.57
N ALA O 77 21.18 -6.60 39.85
CA ALA O 77 20.16 -6.21 40.82
C ALA O 77 20.52 -4.91 41.54
N LYS O 78 21.35 -4.07 40.92
CA LYS O 78 21.80 -2.81 41.52
C LYS O 78 22.49 -3.03 42.87
N ARG O 79 23.34 -4.04 42.93
CA ARG O 79 24.12 -4.33 44.13
C ARG O 79 25.61 -4.41 43.83
N VAL O 80 26.40 -4.26 44.90
CA VAL O 80 27.85 -4.37 44.84
C VAL O 80 28.33 -5.65 45.54
N THR O 81 27.42 -6.23 46.34
CA THR O 81 27.72 -7.35 47.21
C THR O 81 27.11 -8.63 46.67
N ILE O 82 27.95 -9.62 46.41
CA ILE O 82 27.47 -10.94 46.02
C ILE O 82 26.78 -11.58 47.21
N MET O 83 25.72 -12.33 46.94
CA MET O 83 24.92 -12.99 47.97
C MET O 83 24.54 -14.37 47.45
N PRO O 84 24.42 -15.38 48.34
CA PRO O 84 24.11 -16.74 47.93
C PRO O 84 23.21 -16.85 46.70
N LYS O 85 22.15 -16.04 46.64
CA LYS O 85 21.21 -16.09 45.52
C LYS O 85 21.81 -15.69 44.17
N ASP O 86 22.86 -14.88 44.19
CA ASP O 86 23.59 -14.55 42.97
C ASP O 86 24.32 -15.78 42.43
N ILE O 87 24.95 -16.53 43.33
CA ILE O 87 25.60 -17.79 42.96
C ILE O 87 24.57 -18.74 42.35
N GLN O 88 23.42 -18.87 43.00
CA GLN O 88 22.37 -19.79 42.57
C GLN O 88 21.74 -19.42 41.22
N LEU O 89 21.71 -18.12 40.87
CA LEU O 89 21.23 -17.70 39.56
C LEU O 89 22.23 -18.06 38.47
N ALA O 90 23.51 -17.80 38.73
CA ALA O 90 24.58 -18.19 37.82
C ALA O 90 24.62 -19.70 37.61
N ARG O 91 24.46 -20.45 38.69
CA ARG O 91 24.38 -21.89 38.58
C ARG O 91 23.10 -22.36 37.86
N ARG O 92 21.98 -21.70 38.14
CA ARG O 92 20.71 -22.06 37.47
C ARG O 92 20.83 -21.92 35.96
N ILE O 93 21.37 -20.78 35.52
CA ILE O 93 21.44 -20.48 34.09
C ILE O 93 22.56 -21.28 33.39
N ARG O 94 23.63 -21.61 34.11
CA ARG O 94 24.70 -22.41 33.54
C ARG O 94 24.30 -23.86 33.22
N GLY O 95 23.18 -24.31 33.78
CA GLY O 95 22.74 -25.69 33.63
C GLY O 95 23.45 -26.64 34.57
N GLU O 96 23.94 -26.11 35.70
CA GLU O 96 24.60 -26.91 36.73
C GLU O 96 23.59 -27.41 37.77
N ARG O 97 22.71 -26.50 38.22
CA ARG O 97 21.75 -26.79 39.29
C ARG O 97 22.44 -27.37 40.53
N ASP P 1 36.46 -33.34 58.96
CA ASP P 1 35.63 -32.16 58.56
C ASP P 1 36.53 -31.14 57.83
N ASN P 2 37.18 -31.61 56.77
CA ASN P 2 38.21 -30.83 56.07
C ASN P 2 37.69 -29.85 55.03
N ILE P 3 36.39 -29.88 54.76
CA ILE P 3 35.76 -28.85 53.93
C ILE P 3 36.02 -27.48 54.55
N GLN P 4 36.17 -27.45 55.88
CA GLN P 4 36.38 -26.21 56.62
C GLN P 4 37.77 -25.60 56.44
N GLY P 5 38.70 -26.38 55.89
CA GLY P 5 40.03 -25.86 55.53
C GLY P 5 40.05 -24.90 54.35
N ILE P 6 38.95 -24.89 53.60
CA ILE P 6 38.73 -23.90 52.55
C ILE P 6 38.29 -22.63 53.27
N THR P 7 39.26 -21.91 53.81
CA THR P 7 39.00 -20.85 54.79
C THR P 7 38.31 -19.61 54.21
N LYS P 8 37.79 -18.78 55.11
CA LYS P 8 37.11 -17.55 54.74
C LYS P 8 38.00 -16.57 53.95
N PRO P 9 39.28 -16.40 54.37
CA PRO P 9 40.18 -15.56 53.56
C PRO P 9 40.54 -16.17 52.21
N ALA P 10 40.68 -17.49 52.14
CA ALA P 10 40.97 -18.15 50.87
C ALA P 10 39.82 -17.96 49.87
N ILE P 11 38.58 -18.09 50.35
CA ILE P 11 37.40 -17.88 49.52
C ILE P 11 37.28 -16.43 49.06
N ARG P 12 37.71 -15.51 49.91
CA ARG P 12 37.77 -14.09 49.55
C ARG P 12 38.78 -13.85 48.42
N ARG P 13 39.94 -14.50 48.51
CA ARG P 13 41.02 -14.36 47.52
C ARG P 13 40.64 -14.82 46.13
N LEU P 14 39.93 -15.94 46.05
CA LEU P 14 39.38 -16.44 44.78
C LEU P 14 38.36 -15.44 44.23
N ALA P 15 37.52 -14.92 45.10
CA ALA P 15 36.52 -13.93 44.72
C ALA P 15 37.19 -12.68 44.21
N ARG P 16 38.32 -12.29 44.82
CA ARG P 16 39.06 -11.12 44.37
C ARG P 16 39.59 -11.29 42.94
N ARG P 17 39.99 -12.51 42.58
CA ARG P 17 40.41 -12.81 41.21
C ARG P 17 39.23 -12.73 40.24
N GLY P 18 38.04 -13.06 40.75
CA GLY P 18 36.80 -12.91 39.99
C GLY P 18 36.21 -11.51 40.03
N GLY P 19 37.06 -10.53 40.36
CA GLY P 19 36.66 -9.14 40.33
C GLY P 19 35.61 -8.76 41.35
N VAL P 20 35.48 -9.56 42.41
CA VAL P 20 34.48 -9.31 43.44
C VAL P 20 35.03 -8.26 44.41
N LYS P 21 34.17 -7.30 44.79
CA LYS P 21 34.53 -6.21 45.69
C LYS P 21 33.98 -6.35 47.11
N ARG P 22 32.74 -6.81 47.21
CA ARG P 22 32.07 -6.94 48.50
C ARG P 22 31.47 -8.34 48.60
N ILE P 23 31.53 -8.96 49.78
CA ILE P 23 31.11 -10.34 49.96
C ILE P 23 30.14 -10.52 51.15
N SER P 24 28.91 -10.91 50.83
CA SER P 24 27.91 -11.28 51.85
C SER P 24 28.44 -12.44 52.71
N GLY P 25 28.21 -12.35 54.01
CA GLY P 25 28.73 -13.33 54.97
C GLY P 25 28.19 -14.75 54.81
N LEU P 26 27.11 -14.90 54.05
CA LEU P 26 26.55 -16.22 53.76
C LEU P 26 27.27 -16.91 52.60
N ILE P 27 28.08 -16.16 51.86
CA ILE P 27 28.78 -16.67 50.68
C ILE P 27 29.74 -17.81 51.00
N TYR P 28 30.34 -17.79 52.18
CA TYR P 28 31.41 -18.70 52.52
C TYR P 28 30.91 -20.14 52.59
N GLU P 29 29.88 -20.37 53.38
CA GLU P 29 29.24 -21.69 53.42
C GLU P 29 28.68 -22.11 52.05
N GLU P 30 28.04 -21.17 51.36
CA GLU P 30 27.50 -21.45 50.03
C GLU P 30 28.61 -21.97 49.12
N THR P 31 29.76 -21.29 49.14
CA THR P 31 30.88 -21.60 48.26
C THR P 31 31.57 -22.93 48.59
N ARG P 32 31.56 -23.31 49.86
CA ARG P 32 32.06 -24.62 50.24
C ARG P 32 31.20 -25.71 49.61
N GLY P 33 29.89 -25.57 49.76
CA GLY P 33 28.92 -26.52 49.19
C GLY P 33 29.06 -26.71 47.69
N VAL P 34 29.38 -25.64 46.98
CA VAL P 34 29.57 -25.68 45.54
C VAL P 34 30.87 -26.41 45.20
N LEU P 35 31.91 -26.16 45.99
CA LEU P 35 33.20 -26.81 45.80
C LEU P 35 33.12 -28.30 46.07
N LYS P 36 32.36 -28.69 47.09
CA LYS P 36 32.21 -30.10 47.43
C LYS P 36 31.43 -30.85 46.37
N VAL P 37 30.41 -30.21 45.79
CA VAL P 37 29.67 -30.81 44.68
C VAL P 37 30.58 -30.95 43.45
N PHE P 38 31.37 -29.92 43.18
CA PHE P 38 32.31 -29.93 42.05
C PHE P 38 33.35 -31.05 42.16
N LEU P 39 33.96 -31.17 43.33
CA LEU P 39 34.97 -32.22 43.61
C LEU P 39 34.38 -33.62 43.56
N GLU P 40 33.24 -33.81 44.23
CA GLU P 40 32.49 -35.05 44.16
C GLU P 40 32.31 -35.51 42.72
N ASN P 41 31.67 -34.69 41.89
CA ASN P 41 31.44 -35.03 40.49
C ASN P 41 32.69 -35.47 39.73
N VAL P 42 33.81 -34.81 40.02
CA VAL P 42 35.10 -35.09 39.36
C VAL P 42 35.75 -36.34 39.94
N ILE P 43 36.05 -36.30 41.24
CA ILE P 43 36.70 -37.42 41.92
C ILE P 43 35.98 -38.76 41.67
N ARG P 44 34.65 -38.73 41.60
CA ARG P 44 33.86 -39.93 41.31
C ARG P 44 34.25 -40.56 39.98
N ASP P 45 34.35 -39.73 38.95
CA ASP P 45 34.71 -40.19 37.62
C ASP P 45 36.19 -40.54 37.56
N ALA P 46 37.03 -39.65 38.09
CA ALA P 46 38.46 -39.91 38.18
C ALA P 46 38.75 -41.31 38.71
N VAL P 47 38.13 -41.65 39.83
CA VAL P 47 38.30 -42.97 40.45
C VAL P 47 37.65 -44.07 39.63
N THR P 48 36.51 -43.80 39.01
CA THR P 48 35.93 -44.76 38.06
C THR P 48 37.01 -45.18 37.05
N TYR P 49 37.76 -44.21 36.53
CA TYR P 49 38.86 -44.47 35.59
C TYR P 49 40.01 -45.26 36.24
N THR P 50 40.31 -44.93 37.48
CA THR P 50 41.36 -45.60 38.23
C THR P 50 41.02 -47.07 38.46
N GLU P 51 39.82 -47.34 38.99
CA GLU P 51 39.36 -48.71 39.14
C GLU P 51 39.43 -49.49 37.83
N HIS P 52 39.11 -48.85 36.71
CA HIS P 52 39.15 -49.55 35.41
C HIS P 52 40.56 -49.90 34.95
N ALA P 53 41.54 -49.10 35.36
CA ALA P 53 42.94 -49.44 35.09
C ALA P 53 43.50 -50.43 36.14
N LYS P 54 42.62 -50.93 37.03
CA LYS P 54 43.00 -51.85 38.10
C LYS P 54 44.11 -51.29 38.98
N ARG P 55 44.09 -49.97 39.16
CA ARG P 55 45.14 -49.28 39.92
C ARG P 55 44.67 -48.88 41.31
N LYS P 56 45.62 -48.77 42.22
CA LYS P 56 45.36 -48.32 43.58
C LYS P 56 45.88 -46.89 43.81
N THR P 57 46.34 -46.25 42.74
CA THR P 57 46.82 -44.88 42.78
C THR P 57 46.08 -44.08 41.70
N VAL P 58 45.55 -42.92 42.09
CA VAL P 58 44.88 -42.01 41.15
C VAL P 58 45.96 -41.15 40.46
N THR P 59 45.97 -41.19 39.14
CA THR P 59 46.94 -40.45 38.34
C THR P 59 46.35 -39.15 37.83
N ALA P 60 47.22 -38.22 37.42
CA ALA P 60 46.78 -36.94 36.87
C ALA P 60 45.85 -37.17 35.66
N MET P 61 46.24 -38.09 34.79
CA MET P 61 45.46 -38.40 33.59
C MET P 61 44.05 -38.84 33.91
N ASP P 62 43.88 -39.57 35.02
CA ASP P 62 42.55 -39.94 35.50
C ASP P 62 41.72 -38.69 35.74
N VAL P 63 42.32 -37.72 36.43
CA VAL P 63 41.68 -36.44 36.69
C VAL P 63 41.46 -35.67 35.38
N VAL P 64 42.49 -35.62 34.55
CA VAL P 64 42.42 -34.92 33.26
C VAL P 64 41.31 -35.51 32.40
N TYR P 65 41.23 -36.85 32.34
CA TYR P 65 40.20 -37.53 31.56
C TYR P 65 38.81 -37.23 32.13
N ALA P 66 38.74 -37.11 33.46
CA ALA P 66 37.49 -36.82 34.14
C ALA P 66 37.00 -35.39 33.89
N LEU P 67 37.92 -34.43 33.95
CA LEU P 67 37.59 -33.03 33.69
C LEU P 67 37.11 -32.82 32.27
N LYS P 68 37.76 -33.47 31.29
CA LYS P 68 37.29 -33.44 29.90
C LYS P 68 35.90 -34.03 29.74
N ARG P 69 35.58 -35.02 30.57
CA ARG P 69 34.23 -35.57 30.63
C ARG P 69 33.19 -34.55 31.14
N GLN P 70 33.57 -33.73 32.11
CA GLN P 70 32.68 -32.68 32.62
C GLN P 70 32.59 -31.54 31.61
N GLY P 71 33.50 -31.53 30.63
CA GLY P 71 33.56 -30.47 29.63
C GLY P 71 34.36 -29.29 30.16
N ARG P 72 35.35 -29.61 30.99
CA ARG P 72 36.19 -28.61 31.62
C ARG P 72 37.66 -29.02 31.44
N THR P 73 38.05 -29.13 30.17
CA THR P 73 39.38 -29.58 29.79
C THR P 73 40.47 -28.81 30.52
N LEU P 74 41.55 -29.51 30.89
CA LEU P 74 42.69 -28.89 31.57
C LEU P 74 44.02 -29.19 30.86
N TYR P 75 44.73 -28.13 30.52
CA TYR P 75 46.02 -28.23 29.85
C TYR P 75 47.17 -28.16 30.85
N GLY P 76 48.24 -28.90 30.55
CA GLY P 76 49.48 -28.82 31.33
C GLY P 76 49.71 -29.94 32.32
N PHE P 77 48.99 -31.05 32.16
CA PHE P 77 49.12 -32.20 33.04
C PHE P 77 49.04 -33.51 32.24
N GLY P 78 49.69 -33.52 31.08
CA GLY P 78 49.59 -34.65 30.15
C GLY P 78 48.28 -34.60 29.35
N GLY P 79 48.09 -35.57 28.46
CA GLY P 79 46.89 -35.63 27.63
C GLY P 79 46.93 -34.70 26.42
N THR Q 1 19.16 -67.40 17.55
CA THR Q 1 19.55 -65.97 17.66
C THR Q 1 20.18 -65.67 19.00
N ARG Q 2 21.16 -64.77 18.99
CA ARG Q 2 21.89 -64.41 20.21
C ARG Q 2 21.02 -63.64 21.21
N SER Q 3 19.98 -62.98 20.71
CA SER Q 3 19.03 -62.24 21.55
C SER Q 3 18.33 -63.17 22.56
N SER Q 4 17.81 -64.28 22.06
CA SER Q 4 17.05 -65.23 22.88
C SER Q 4 17.95 -66.08 23.78
N ARG Q 5 19.25 -66.11 23.50
CA ARG Q 5 20.21 -66.74 24.39
C ARG Q 5 20.47 -65.82 25.60
N ALA Q 6 20.45 -64.51 25.36
CA ALA Q 6 20.58 -63.50 26.41
C ALA Q 6 19.24 -63.14 27.07
N GLY Q 7 18.15 -63.43 26.38
CA GLY Q 7 16.80 -63.22 26.90
C GLY Q 7 16.19 -61.91 26.48
N LEU Q 8 16.80 -61.25 25.51
CA LEU Q 8 16.48 -59.88 25.14
C LEU Q 8 15.58 -59.80 23.91
N GLN Q 9 14.98 -58.62 23.73
CA GLN Q 9 14.23 -58.30 22.51
C GLN Q 9 15.16 -57.58 21.54
N PHE Q 10 15.93 -56.62 22.06
CA PHE Q 10 16.89 -55.83 21.28
C PHE Q 10 17.95 -56.72 20.61
N PRO Q 11 18.14 -56.56 19.29
CA PRO Q 11 18.98 -57.46 18.49
C PRO Q 11 20.48 -57.36 18.84
N VAL Q 12 21.02 -58.44 19.41
CA VAL Q 12 22.44 -58.51 19.76
C VAL Q 12 23.31 -58.58 18.50
N GLY Q 13 22.75 -59.18 17.45
CA GLY Q 13 23.44 -59.28 16.17
C GLY Q 13 23.72 -57.92 15.59
N ARG Q 14 22.66 -57.15 15.41
CA ARG Q 14 22.73 -55.77 14.96
C ARG Q 14 23.84 -55.00 15.69
N VAL Q 15 23.74 -55.00 17.02
CA VAL Q 15 24.61 -54.18 17.89
C VAL Q 15 26.08 -54.54 17.73
N HIS Q 16 26.38 -55.82 17.57
CA HIS Q 16 27.77 -56.28 17.39
C HIS Q 16 28.35 -55.86 16.03
N ARG Q 17 27.49 -55.82 15.01
CA ARG Q 17 27.85 -55.33 13.68
C ARG Q 17 28.21 -53.86 13.76
N LEU Q 18 27.34 -53.09 14.44
CA LEU Q 18 27.50 -51.64 14.55
C LEU Q 18 28.74 -51.24 15.36
N LEU Q 19 29.19 -52.13 16.24
CA LEU Q 19 30.40 -51.89 17.06
C LEU Q 19 31.70 -52.05 16.28
N ARG Q 20 31.79 -53.06 15.43
CA ARG Q 20 32.95 -53.21 14.55
C ARG Q 20 32.88 -52.18 13.42
N LYS Q 21 31.69 -52.01 12.85
CA LYS Q 21 31.43 -51.04 11.77
C LYS Q 21 31.67 -49.58 12.17
N GLY Q 22 31.44 -49.26 13.44
CA GLY Q 22 31.46 -47.87 13.88
C GLY Q 22 32.81 -47.27 14.28
N ASN Q 23 33.90 -47.95 13.95
CA ASN Q 23 35.25 -47.46 14.27
C ASN Q 23 35.41 -47.08 15.75
N TYR Q 24 35.15 -48.03 16.65
CA TYR Q 24 35.34 -47.81 18.08
C TYR Q 24 36.62 -48.47 18.58
N SER Q 25 36.97 -49.63 18.03
CA SER Q 25 38.25 -50.26 18.30
C SER Q 25 38.60 -51.28 17.22
N GLU Q 26 39.77 -51.92 17.36
CA GLU Q 26 40.16 -53.07 16.52
C GLU Q 26 39.17 -54.23 16.63
N ARG Q 27 38.93 -54.65 17.87
CA ARG Q 27 38.10 -55.80 18.14
C ARG Q 27 37.08 -55.52 19.22
N VAL Q 28 35.98 -56.27 19.15
CA VAL Q 28 34.85 -56.08 20.02
C VAL Q 28 34.50 -57.42 20.65
N GLY Q 29 34.43 -57.46 21.98
CA GLY Q 29 34.11 -58.67 22.71
C GLY Q 29 32.76 -59.30 22.37
N ALA Q 30 32.63 -60.57 22.72
CA ALA Q 30 31.40 -61.32 22.46
C ALA Q 30 30.28 -60.91 23.42
N GLY Q 31 30.64 -60.57 24.66
CA GLY Q 31 29.68 -60.12 25.67
C GLY Q 31 29.25 -58.68 25.46
N ALA Q 32 30.19 -57.84 24.99
CA ALA Q 32 29.96 -56.41 24.82
C ALA Q 32 28.60 -56.05 24.19
N PRO Q 33 28.27 -56.67 23.04
CA PRO Q 33 27.00 -56.34 22.37
C PRO Q 33 25.75 -56.86 23.08
N VAL Q 34 25.90 -57.85 23.96
CA VAL Q 34 24.78 -58.29 24.79
C VAL Q 34 24.56 -57.29 25.91
N TYR Q 35 25.62 -57.05 26.68
CA TYR Q 35 25.61 -56.06 27.76
C TYR Q 35 24.98 -54.76 27.28
N LEU Q 36 25.46 -54.26 26.13
CA LEU Q 36 24.97 -53.01 25.55
C LEU Q 36 23.51 -53.08 25.13
N ALA Q 37 23.12 -54.16 24.46
CA ALA Q 37 21.72 -54.33 24.04
C ALA Q 37 20.79 -54.42 25.24
N ALA Q 38 21.30 -54.99 26.33
CA ALA Q 38 20.54 -55.10 27.57
C ALA Q 38 20.33 -53.72 28.21
N VAL Q 39 21.39 -52.94 28.28
CA VAL Q 39 21.34 -51.58 28.81
C VAL Q 39 20.46 -50.71 27.91
N LEU Q 40 20.67 -50.83 26.60
CA LEU Q 40 19.86 -50.09 25.63
C LEU Q 40 18.38 -50.47 25.71
N GLU Q 41 18.09 -51.73 25.97
CA GLU Q 41 16.70 -52.17 26.17
C GLU Q 41 16.16 -51.65 27.50
N TYR Q 42 16.99 -51.71 28.53
CA TYR Q 42 16.56 -51.26 29.85
C TYR Q 42 16.11 -49.81 29.77
N LEU Q 43 16.93 -48.96 29.16
CA LEU Q 43 16.62 -47.54 29.06
C LEU Q 43 15.38 -47.31 28.22
N THR Q 44 15.14 -48.17 27.23
CA THR Q 44 13.96 -48.07 26.38
C THR Q 44 12.70 -48.41 27.16
N ALA Q 45 12.75 -49.49 27.92
CA ALA Q 45 11.65 -49.87 28.78
C ALA Q 45 11.27 -48.73 29.73
N GLU Q 46 12.30 -48.10 30.32
CA GLU Q 46 12.11 -47.09 31.37
C GLU Q 46 11.43 -45.83 30.86
N ILE Q 47 11.74 -45.41 29.64
CA ILE Q 47 11.12 -44.22 29.02
C ILE Q 47 9.65 -44.52 28.75
N LEU Q 48 9.39 -45.67 28.16
CA LEU Q 48 8.04 -46.05 27.74
C LEU Q 48 7.13 -46.37 28.92
N GLU Q 49 7.71 -46.96 29.97
CA GLU Q 49 7.03 -47.10 31.25
C GLU Q 49 6.39 -45.76 31.62
N LEU Q 50 7.24 -44.75 31.78
CA LEU Q 50 6.82 -43.43 32.26
C LEU Q 50 6.07 -42.62 31.21
N ALA Q 51 6.31 -42.91 29.93
CA ALA Q 51 5.57 -42.27 28.86
C ALA Q 51 4.16 -42.84 28.80
N GLY Q 52 4.07 -44.16 28.85
CA GLY Q 52 2.77 -44.85 28.87
C GLY Q 52 1.89 -44.40 30.02
N ASN Q 53 2.48 -44.14 31.17
CA ASN Q 53 1.76 -43.62 32.33
C ASN Q 53 1.25 -42.21 32.09
N ALA Q 54 2.08 -41.38 31.46
CA ALA Q 54 1.71 -40.01 31.11
C ALA Q 54 0.62 -39.96 30.04
N ALA Q 55 0.67 -40.91 29.10
CA ALA Q 55 -0.36 -41.02 28.07
C ALA Q 55 -1.73 -41.28 28.70
N ARG Q 56 -1.78 -42.24 29.62
CA ARG Q 56 -3.02 -42.57 30.33
C ARG Q 56 -3.51 -41.43 31.21
N ASP Q 57 -2.59 -40.74 31.89
CA ASP Q 57 -2.94 -39.55 32.68
C ASP Q 57 -3.67 -38.52 31.82
N ASN Q 58 -3.13 -38.27 30.63
CA ASN Q 58 -3.74 -37.33 29.68
C ASN Q 58 -4.94 -37.92 28.92
N LYS Q 59 -5.23 -39.20 29.19
CA LYS Q 59 -6.43 -39.88 28.69
C LYS Q 59 -6.27 -40.25 27.21
N LYS Q 60 -5.21 -41.01 26.93
CA LYS Q 60 -4.89 -41.49 25.59
C LYS Q 60 -4.40 -42.94 25.66
N THR Q 61 -4.42 -43.62 24.53
CA THR Q 61 -3.87 -44.97 24.43
C THR Q 61 -2.74 -45.05 23.38
N ARG Q 62 -2.26 -43.89 22.91
CA ARG Q 62 -1.13 -43.84 22.00
C ARG Q 62 -0.12 -42.77 22.42
N ILE Q 63 1.12 -43.19 22.61
CA ILE Q 63 2.20 -42.29 23.00
C ILE Q 63 2.54 -41.35 21.86
N ILE Q 64 2.66 -40.06 22.20
CA ILE Q 64 3.04 -39.03 21.25
C ILE Q 64 4.22 -38.30 21.89
N PRO Q 65 4.97 -37.50 21.11
CA PRO Q 65 6.15 -36.85 21.67
C PRO Q 65 5.89 -36.24 23.04
N ARG Q 66 4.82 -35.47 23.17
CA ARG Q 66 4.48 -34.83 24.45
C ARG Q 66 4.64 -35.78 25.62
N HIS Q 67 4.13 -36.99 25.48
CA HIS Q 67 4.16 -37.96 26.57
C HIS Q 67 5.59 -38.37 26.92
N LEU Q 68 6.46 -38.41 25.93
CA LEU Q 68 7.87 -38.65 26.16
C LEU Q 68 8.52 -37.45 26.87
N GLN Q 69 8.17 -36.25 26.46
CA GLN Q 69 8.70 -35.04 27.11
C GLN Q 69 8.27 -34.98 28.58
N LEU Q 70 7.00 -35.28 28.86
CA LEU Q 70 6.51 -35.27 30.24
C LEU Q 70 7.22 -36.32 31.08
N ALA Q 71 7.37 -37.51 30.54
CA ALA Q 71 8.04 -38.61 31.23
C ALA Q 71 9.49 -38.28 31.57
N ILE Q 72 10.19 -37.71 30.60
CA ILE Q 72 11.60 -37.40 30.72
C ILE Q 72 11.86 -36.22 31.68
N ARG Q 73 11.14 -35.12 31.45
CA ARG Q 73 11.35 -33.88 32.20
C ARG Q 73 10.76 -33.93 33.58
N ASN Q 74 9.88 -34.89 33.85
CA ASN Q 74 9.38 -35.10 35.21
C ASN Q 74 10.28 -36.04 36.01
N ASP Q 75 10.82 -37.06 35.36
CA ASP Q 75 11.79 -37.93 36.02
C ASP Q 75 13.12 -37.19 36.19
N GLU Q 76 13.71 -37.30 37.37
CA GLU Q 76 14.90 -36.52 37.73
C GLU Q 76 16.16 -37.00 37.03
N GLU Q 77 16.26 -38.31 36.81
CA GLU Q 77 17.47 -38.89 36.22
C GLU Q 77 17.46 -38.86 34.70
N LEU Q 78 16.31 -39.16 34.09
CA LEU Q 78 16.19 -39.06 32.63
C LEU Q 78 16.46 -37.62 32.17
N ASN Q 79 15.89 -36.67 32.89
CA ASN Q 79 16.08 -35.24 32.62
C ASN Q 79 17.57 -34.88 32.54
N LYS Q 80 18.35 -35.39 33.49
CA LYS Q 80 19.79 -35.12 33.55
C LYS Q 80 20.56 -35.87 32.46
N LEU Q 81 20.14 -37.11 32.18
CA LEU Q 81 20.73 -37.87 31.08
C LEU Q 81 20.50 -37.13 29.76
N LEU Q 82 19.28 -36.65 29.54
CA LEU Q 82 18.89 -35.97 28.30
C LEU Q 82 18.83 -34.45 28.45
N GLY Q 83 19.69 -33.90 29.30
CA GLY Q 83 19.68 -32.46 29.60
C GLY Q 83 19.95 -31.55 28.43
N ARG Q 84 20.76 -32.00 27.48
CA ARG Q 84 21.12 -31.22 26.29
C ARG Q 84 20.40 -31.71 25.04
N VAL Q 85 19.16 -32.16 25.20
CA VAL Q 85 18.41 -32.75 24.10
C VAL Q 85 17.05 -32.09 23.93
N THR Q 86 16.68 -31.82 22.68
CA THR Q 86 15.35 -31.30 22.35
C THR Q 86 14.47 -32.42 21.80
N ILE Q 87 13.32 -32.64 22.44
CA ILE Q 87 12.32 -33.55 21.92
C ILE Q 87 11.39 -32.74 21.07
N ALA Q 88 11.38 -33.02 19.76
CA ALA Q 88 10.52 -32.28 18.84
C ALA Q 88 9.05 -32.50 19.21
N GLN Q 89 8.27 -31.42 19.20
CA GLN Q 89 6.82 -31.45 19.53
C GLN Q 89 6.50 -31.90 20.96
N GLY Q 90 7.45 -31.72 21.87
CA GLY Q 90 7.27 -32.11 23.27
C GLY Q 90 6.68 -30.99 24.10
N GLY Q 91 7.00 -29.74 23.73
CA GLY Q 91 6.55 -28.57 24.48
C GLY Q 91 7.33 -28.45 25.77
N VAL Q 92 6.71 -27.87 26.80
CA VAL Q 92 7.38 -27.67 28.08
C VAL Q 92 6.47 -28.09 29.22
N LEU Q 93 7.06 -28.30 30.40
CA LEU Q 93 6.28 -28.56 31.60
C LEU Q 93 5.57 -27.27 31.98
N PRO Q 94 4.31 -27.38 32.41
CA PRO Q 94 3.67 -26.17 32.93
C PRO Q 94 4.38 -25.68 34.18
N ASN Q 95 4.67 -24.39 34.23
CA ASN Q 95 5.46 -23.83 35.33
C ASN Q 95 5.42 -22.30 35.32
N ILE Q 96 4.54 -21.71 36.13
CA ILE Q 96 4.50 -20.26 36.31
C ILE Q 96 5.24 -19.90 37.59
N GLN Q 97 6.16 -18.95 37.50
CA GLN Q 97 6.89 -18.49 38.68
C GLN Q 97 5.92 -17.84 39.66
N ALA Q 98 6.16 -18.09 40.95
CA ALA Q 98 5.29 -17.62 42.02
C ALA Q 98 4.94 -16.13 41.93
N VAL Q 99 5.98 -15.29 41.86
CA VAL Q 99 5.82 -13.82 41.88
C VAL Q 99 4.97 -13.24 40.75
N LEU Q 100 4.75 -14.00 39.69
CA LEU Q 100 3.90 -13.54 38.59
C LEU Q 100 2.43 -13.71 38.91
N LEU Q 101 2.11 -14.69 39.77
CA LEU Q 101 0.73 -14.93 40.16
C LEU Q 101 0.20 -13.71 40.88
N PRO Q 102 -1.09 -13.37 40.70
CA PRO Q 102 -1.66 -12.20 41.37
C PRO Q 102 -1.90 -12.44 42.86
N LYS Q 103 -2.01 -11.35 43.64
CA LYS Q 103 -2.20 -11.47 45.09
C LYS Q 103 -3.31 -10.53 45.58
N ARG R 1 5.90 -49.77 -7.18
CA ARG R 1 7.29 -49.20 -7.24
C ARG R 1 8.29 -50.09 -6.46
N LYS R 2 9.53 -49.62 -6.26
CA LYS R 2 10.61 -50.49 -5.75
C LYS R 2 11.52 -49.95 -4.65
N ARG R 3 11.20 -50.30 -3.40
CA ARG R 3 12.19 -50.46 -2.32
C ARG R 3 13.06 -49.25 -1.92
N SER R 4 14.06 -49.54 -1.08
CA SER R 4 15.15 -48.64 -0.63
C SER R 4 15.25 -48.80 0.89
N ARG R 5 16.28 -49.53 1.34
CA ARG R 5 16.32 -50.10 2.70
C ARG R 5 17.00 -49.23 3.77
N LYS R 6 16.28 -48.94 4.85
CA LYS R 6 16.80 -48.16 5.98
C LYS R 6 16.40 -48.79 7.34
N GLU R 7 17.40 -49.00 8.19
CA GLU R 7 17.22 -49.72 9.46
C GLU R 7 16.82 -48.83 10.63
N SER R 8 16.06 -49.39 11.56
CA SER R 8 15.67 -48.71 12.79
C SER R 8 15.54 -49.74 13.91
N TYR R 9 14.97 -49.34 15.05
CA TYR R 9 14.73 -50.26 16.16
C TYR R 9 13.23 -50.44 16.44
N SER R 10 12.37 -49.94 15.54
CA SER R 10 10.93 -49.73 15.83
C SER R 10 10.18 -50.96 16.35
N ILE R 11 10.54 -52.14 15.85
CA ILE R 11 9.90 -53.38 16.30
C ILE R 11 10.32 -53.77 17.73
N TYR R 12 11.55 -53.45 18.12
CA TYR R 12 12.05 -53.80 19.45
C TYR R 12 11.52 -52.83 20.49
N VAL R 13 11.35 -51.58 20.07
CA VAL R 13 10.64 -50.59 20.88
C VAL R 13 9.17 -51.00 21.02
N TYR R 14 8.55 -51.41 19.92
CA TYR R 14 7.21 -52.01 19.98
C TYR R 14 7.19 -53.17 20.97
N LYS R 15 8.09 -54.11 20.79
CA LYS R 15 8.15 -55.32 21.64
C LYS R 15 8.30 -54.97 23.12
N VAL R 16 9.21 -54.05 23.44
CA VAL R 16 9.42 -53.64 24.82
C VAL R 16 8.25 -52.79 25.31
N LEU R 17 7.58 -52.09 24.39
CA LEU R 17 6.34 -51.36 24.74
C LEU R 17 5.28 -52.34 25.24
N LYS R 18 5.15 -53.49 24.58
CA LYS R 18 4.16 -54.50 24.95
C LYS R 18 4.45 -55.16 26.30
N GLN R 19 5.70 -55.12 26.74
CA GLN R 19 6.06 -55.67 28.05
C GLN R 19 5.60 -54.77 29.18
N VAL R 20 6.07 -53.53 29.19
CA VAL R 20 5.73 -52.58 30.26
C VAL R 20 4.27 -52.11 30.20
N HIS R 21 3.78 -51.88 28.98
CA HIS R 21 2.45 -51.31 28.76
C HIS R 21 1.74 -52.04 27.60
N PRO R 22 1.23 -53.27 27.87
CA PRO R 22 0.63 -54.11 26.83
C PRO R 22 -0.49 -53.44 26.01
N ASP R 23 -1.35 -52.67 26.66
CA ASP R 23 -2.56 -52.17 26.02
C ASP R 23 -2.45 -50.78 25.37
N THR R 24 -1.27 -50.17 25.43
CA THR R 24 -1.07 -48.82 24.85
C THR R 24 -0.05 -48.81 23.71
N GLY R 25 -0.30 -47.95 22.74
CA GLY R 25 0.46 -47.90 21.49
C GLY R 25 1.38 -46.69 21.38
N ILE R 26 1.69 -46.28 20.15
CA ILE R 26 2.72 -45.29 19.90
C ILE R 26 2.66 -44.71 18.47
N SER R 27 2.71 -43.38 18.36
CA SER R 27 2.69 -42.68 17.06
C SER R 27 4.05 -42.71 16.39
N SER R 28 4.10 -42.30 15.12
CA SER R 28 5.31 -42.41 14.29
C SER R 28 6.38 -41.38 14.63
N LYS R 29 5.96 -40.17 15.00
CA LYS R 29 6.90 -39.15 15.44
C LYS R 29 7.55 -39.57 16.75
N ALA R 30 6.73 -40.07 17.67
CA ALA R 30 7.20 -40.57 18.95
C ALA R 30 8.15 -41.74 18.76
N MET R 31 7.80 -42.64 17.85
CA MET R 31 8.67 -43.75 17.48
C MET R 31 9.99 -43.22 16.93
N GLY R 32 9.92 -42.17 16.11
CA GLY R 32 11.12 -41.47 15.61
C GLY R 32 12.02 -40.90 16.69
N ILE R 33 11.41 -40.33 17.73
CA ILE R 33 12.17 -39.85 18.89
C ILE R 33 12.85 -41.02 19.61
N MET R 34 12.07 -42.05 19.93
CA MET R 34 12.60 -43.25 20.61
C MET R 34 13.74 -43.89 19.84
N ASN R 35 13.67 -43.82 18.51
CA ASN R 35 14.71 -44.31 17.65
C ASN R 35 15.98 -43.46 17.82
N SER R 36 15.82 -42.13 17.79
CA SER R 36 16.94 -41.20 18.01
C SER R 36 17.57 -41.39 19.39
N PHE R 37 16.74 -41.72 20.36
CA PHE R 37 17.16 -41.91 21.76
C PHE R 37 18.08 -43.12 21.95
N VAL R 38 17.77 -44.22 21.25
CA VAL R 38 18.60 -45.41 21.30
C VAL R 38 19.92 -45.13 20.59
N ASN R 39 19.82 -44.63 19.37
CA ASN R 39 21.00 -44.25 18.61
C ASN R 39 21.91 -43.34 19.42
N ASP R 40 21.34 -42.32 20.04
CA ASP R 40 22.13 -41.34 20.80
C ASP R 40 22.92 -42.05 21.88
N ILE R 41 22.22 -42.81 22.72
CA ILE R 41 22.86 -43.47 23.86
C ILE R 41 23.81 -44.57 23.41
N PHE R 42 23.54 -45.19 22.26
CA PHE R 42 24.50 -46.11 21.66
C PHE R 42 25.83 -45.41 21.46
N GLU R 43 25.78 -44.30 20.72
CA GLU R 43 26.98 -43.56 20.34
C GLU R 43 27.75 -43.05 21.55
N ARG R 44 27.03 -42.79 22.65
CA ARG R 44 27.66 -42.27 23.87
C ARG R 44 28.40 -43.32 24.71
N ILE R 45 27.86 -44.53 24.77
CA ILE R 45 28.48 -45.63 25.51
C ILE R 45 29.59 -46.28 24.69
N ALA R 46 29.30 -46.53 23.42
CA ALA R 46 30.31 -46.99 22.47
C ALA R 46 31.45 -45.98 22.41
N GLY R 47 31.10 -44.71 22.45
CA GLY R 47 32.08 -43.63 22.37
C GLY R 47 32.96 -43.58 23.60
N GLU R 48 32.36 -43.67 24.77
CA GLU R 48 33.13 -43.65 26.01
C GLU R 48 33.98 -44.91 26.10
N ALA R 49 33.37 -46.05 25.80
CA ALA R 49 34.07 -47.33 25.83
C ALA R 49 35.25 -47.37 24.87
N SER R 50 35.14 -46.67 23.75
CA SER R 50 36.22 -46.60 22.77
C SER R 50 37.46 -45.94 23.36
N ARG R 51 37.26 -44.76 23.94
CA ARG R 51 38.35 -43.98 24.55
C ARG R 51 38.93 -44.68 25.77
N LEU R 52 38.09 -45.40 26.52
CA LEU R 52 38.55 -46.25 27.63
C LEU R 52 39.66 -47.18 27.18
N ALA R 53 39.45 -47.83 26.04
CA ALA R 53 40.45 -48.70 25.44
C ALA R 53 41.75 -47.92 25.20
N HIS R 54 41.65 -46.84 24.43
CA HIS R 54 42.84 -46.06 24.03
C HIS R 54 43.65 -45.53 25.22
N TYR R 55 42.97 -45.10 26.29
CA TYR R 55 43.66 -44.64 27.50
C TYR R 55 44.45 -45.79 28.12
N ASN R 56 43.86 -46.99 28.09
CA ASN R 56 44.46 -48.20 28.69
C ASN R 56 45.32 -49.03 27.74
N LYS R 57 45.59 -48.53 26.54
CA LYS R 57 46.39 -49.24 25.55
C LYS R 57 45.88 -50.67 25.38
N ARG R 58 44.59 -50.80 25.06
CA ARG R 58 44.00 -52.09 24.74
C ARG R 58 43.29 -52.00 23.40
N SER R 59 43.33 -53.07 22.62
CA SER R 59 42.75 -53.11 21.28
C SER R 59 41.28 -53.53 21.27
N THR R 60 40.77 -54.02 22.41
CA THR R 60 39.45 -54.64 22.45
C THR R 60 38.49 -53.94 23.40
N ILE R 61 37.22 -53.89 23.00
CA ILE R 61 36.15 -53.39 23.84
C ILE R 61 35.37 -54.58 24.39
N THR R 62 35.65 -54.96 25.63
CA THR R 62 34.92 -56.02 26.31
C THR R 62 33.74 -55.42 27.07
N SER R 63 32.86 -56.28 27.60
CA SER R 63 31.72 -55.81 28.39
C SER R 63 32.14 -55.14 29.72
N ARG R 64 33.43 -55.19 30.04
CA ARG R 64 33.99 -54.38 31.12
C ARG R 64 34.05 -52.91 30.70
N GLU R 65 34.50 -52.66 29.48
CA GLU R 65 34.55 -51.30 28.96
C GLU R 65 33.15 -50.70 28.87
N ILE R 66 32.19 -51.49 28.42
CA ILE R 66 30.79 -51.07 28.35
C ILE R 66 30.24 -50.78 29.75
N GLN R 67 30.56 -51.64 30.71
CA GLN R 67 30.13 -51.44 32.08
C GLN R 67 30.60 -50.09 32.61
N THR R 68 31.92 -49.91 32.64
CA THR R 68 32.51 -48.66 33.13
C THR R 68 31.97 -47.45 32.37
N ALA R 69 31.90 -47.56 31.04
CA ALA R 69 31.32 -46.53 30.19
C ALA R 69 29.89 -46.17 30.61
N VAL R 70 29.13 -47.16 31.08
CA VAL R 70 27.77 -46.94 31.58
C VAL R 70 27.78 -46.18 32.91
N ARG R 71 28.69 -46.56 33.80
CA ARG R 71 28.78 -45.91 35.11
C ARG R 71 29.22 -44.43 35.02
N LEU R 72 30.17 -44.12 34.12
CA LEU R 72 30.61 -42.74 33.91
C LEU R 72 29.49 -41.87 33.34
N LEU R 73 28.73 -42.44 32.43
CA LEU R 73 27.76 -41.69 31.63
C LEU R 73 26.40 -41.54 32.32
N LEU R 74 25.80 -42.66 32.70
CA LEU R 74 24.45 -42.63 33.30
C LEU R 74 24.45 -42.17 34.75
N PRO R 75 23.33 -41.59 35.21
CA PRO R 75 23.16 -41.12 36.59
C PRO R 75 22.87 -42.22 37.62
N GLY R 76 23.42 -42.04 38.82
CA GLY R 76 23.45 -43.05 39.89
C GLY R 76 22.48 -44.22 39.87
N GLU R 77 21.19 -43.94 40.05
CA GLU R 77 20.18 -44.99 40.20
C GLU R 77 19.78 -45.60 38.86
N LEU R 78 20.01 -44.87 37.77
CA LEU R 78 19.80 -45.40 36.45
C LEU R 78 20.98 -46.29 36.08
N ALA R 79 22.17 -45.93 36.55
CA ALA R 79 23.40 -46.67 36.29
C ALA R 79 23.42 -48.02 37.02
N LYS R 80 22.98 -48.02 38.28
CA LYS R 80 22.96 -49.25 39.07
C LYS R 80 22.06 -50.34 38.47
N HIS R 81 20.89 -49.93 37.97
CA HIS R 81 19.97 -50.85 37.30
C HIS R 81 20.48 -51.28 35.94
N ALA R 82 21.12 -50.35 35.23
CA ALA R 82 21.72 -50.64 33.94
C ALA R 82 22.79 -51.73 34.07
N VAL R 83 23.63 -51.63 35.10
CA VAL R 83 24.70 -52.61 35.34
C VAL R 83 24.12 -53.98 35.72
N SER R 84 22.98 -53.99 36.39
CA SER R 84 22.29 -55.26 36.71
C SER R 84 21.79 -55.94 35.44
N GLU R 85 20.95 -55.23 34.69
CA GLU R 85 20.39 -55.76 33.43
C GLU R 85 21.49 -56.20 32.45
N GLY R 86 22.61 -55.48 32.45
CA GLY R 86 23.74 -55.79 31.59
C GLY R 86 24.48 -57.04 32.04
N THR R 87 24.88 -57.06 33.30
CA THR R 87 25.58 -58.21 33.88
C THR R 87 24.73 -59.48 33.85
N LYS R 88 23.44 -59.31 34.14
CA LYS R 88 22.47 -60.41 34.13
C LYS R 88 22.41 -61.11 32.77
N ALA R 89 22.18 -60.34 31.72
CA ALA R 89 22.05 -60.88 30.36
C ALA R 89 23.37 -61.47 29.83
N VAL R 90 24.50 -60.96 30.31
CA VAL R 90 25.81 -61.55 29.98
C VAL R 90 25.96 -62.94 30.60
N THR R 91 25.50 -63.10 31.85
CA THR R 91 25.52 -64.41 32.51
C THR R 91 24.58 -65.42 31.85
N LYS R 92 23.37 -64.97 31.49
CA LYS R 92 22.37 -65.82 30.83
C LYS R 92 22.75 -66.17 29.38
N TYR R 93 23.55 -65.31 28.75
CA TYR R 93 24.02 -65.56 27.39
C TYR R 93 25.13 -66.58 27.36
N THR R 94 26.12 -66.42 28.23
CA THR R 94 27.27 -67.33 28.30
C THR R 94 26.91 -68.71 28.87
N SER R 95 25.86 -68.77 29.69
CA SER R 95 25.33 -70.06 30.19
C SER R 95 24.22 -70.61 29.29
N ALA R 96 24.16 -70.14 28.04
CA ALA R 96 23.32 -70.75 27.01
C ALA R 96 24.13 -70.88 25.72
N LYS R 97 25.41 -71.22 25.88
CA LYS R 97 26.38 -71.26 24.78
C LYS R 97 25.94 -72.24 23.69
MN MN U . -11.94 69.88 -15.65
MN MN V . -57.94 41.43 -62.18
MN MN W . -8.59 24.95 9.97
MN MN X . -9.27 22.43 2.33
MN MN Y . -33.62 -4.85 -37.34
MN MN Z . -68.36 11.19 -44.13
MN MN AA . -65.08 47.67 -30.55
MN MN BA . -8.76 -1.49 -13.25
MN MN CA . -16.00 48.46 5.49
MN MN DA . 13.45 41.12 -17.73
MN MN EA . -8.14 5.50 -41.91
MN MN FA . -21.32 73.78 -7.38
MN MN GA . -28.61 -15.10 -32.83
MN MN HA . -56.50 59.40 -22.20
MN MN IA . -64.26 2.29 -35.78
MN MN JA . -1.12 15.49 -8.64
MN MN KA . 2.20 41.33 -13.28
MN MN LA . 6.16 17.19 -37.72
MN MN MA . -43.17 11.20 -57.45
MN MN NA . 54.87 -55.68 45.83
MN MN OA . 66.85 -6.13 37.76
MN MN PA . 73.59 -38.10 17.14
MN MN QA . 31.60 -49.83 -4.20
MN MN RA . 6.57 -0.90 42.35
MN MN SA . -15.68 -26.13 19.63
MN MN TA . -15.36 -38.15 23.04
MN MN UA . 51.51 -57.82 24.30
MN MN VA . 29.32 -0.77 66.13
MN MN WA . 64.94 -35.50 25.62
MN MN XA . 19.93 34.82 56.49
MN MN YA . 50.33 -46.13 -3.55
MN MN ZA . 0.85 -26.77 -0.57
MN MN AB . 21.42 2.57 48.40
#